data_7X17
#
_entry.id   7X17
#
_cell.length_a   198.498
_cell.length_b   71.610
_cell.length_c   173.757
_cell.angle_alpha   90.000
_cell.angle_beta   110.140
_cell.angle_gamma   90.000
#
_symmetry.space_group_name_H-M   'C 1 2 1'
#
loop_
_entity.id
_entity.type
_entity.pdbx_description
1 polymer 'AMB antimetabolite synthase AmbB'
2 non-polymer 'S-[2-[3-[[(2S)-3,3-dimethyl-2-oxidanyl-4-phosphonooxy-butanoyl]amino]propanoylamino]ethyl] (2R)-2-azanylpropanethioate'
3 water water
#
_entity_poly.entity_id   1
_entity_poly.type   'polypeptide(L)'
_entity_poly.pdbx_seq_one_letter_code
;TGAEPQALPSDPLEQALHQAWQAQLGAPPRAGQGFYAAGGDSLRAVHLLATLRQRLSRRVPLQAFAGGPATPEALLELLR
QAAPEGDEPEPSAGAAGLSLAERRLWVAQQLAPEDTSYNLLAHLRIVGATADAIEQALRQLLERHVALRRRVETGVDGPQ
PHALAAHAVPLQRLLASDAVHAERLLEDGVRREGARVFDLAHEAPARLLLVVTRDSARADLLLSVHHYAFDDVSLAVFAA
ELKTLLDGGRLGVLASTPEQVAARERAALASGRLDRVAERWAERLLPLAKAPGAAPARPEESGGRAGQRLALPVSAAVHA
ACRALAERTSVSPFSAALQAFAEVLGAELGVDDLLVGVALAGRSRLEMQGLVGCFVNLLPLAVGLRPEQSVEWRLRQVGH
DLLELLEHQDVPLECVTQALRQRGASGLPIRIACGAHNGRAAPAVDAGVRVEADFIPVPGARLDLTLWLEDQPQGWLAVW
TGVSAIFDLHRIERLHQAWERRLLANAGEPISKRMSPEGCNAS
;
_entity_poly.pdbx_strand_id   A,B,C,D
#
# COMPACT_ATOMS: atom_id res chain seq x y z
N ALA A 20 15.73 11.93 53.76
CA ALA A 20 15.03 11.00 52.86
C ALA A 20 14.36 11.76 51.73
N TRP A 21 13.81 12.93 52.04
CA TRP A 21 13.20 13.77 51.01
C TRP A 21 14.23 14.25 50.00
N GLN A 22 15.36 14.76 50.49
CA GLN A 22 16.41 15.25 49.62
C GLN A 22 17.07 14.11 48.83
N ALA A 23 16.98 12.88 49.31
CA ALA A 23 17.61 11.75 48.63
C ALA A 23 16.79 11.27 47.43
N GLN A 24 15.48 11.51 47.44
CA GLN A 24 14.64 11.07 46.33
C GLN A 24 14.71 12.04 45.15
N ASP A 41 8.05 11.02 41.60
CA ASP A 41 6.87 10.25 41.25
C ASP A 41 6.34 9.45 42.45
N SER A 42 5.26 8.70 42.22
CA SER A 42 4.63 7.96 43.31
C SER A 42 5.49 6.78 43.77
N LEU A 43 6.33 6.24 42.87
CA LEU A 43 7.28 5.22 43.29
C LEU A 43 8.35 5.79 44.19
N ARG A 44 8.75 7.05 43.96
CA ARG A 44 9.62 7.74 44.91
C ARG A 44 8.89 8.02 46.21
N ALA A 45 7.57 8.15 46.17
CA ALA A 45 6.80 8.29 47.40
C ALA A 45 6.83 6.99 48.20
N VAL A 46 6.74 5.85 47.51
CA VAL A 46 6.86 4.56 48.20
C VAL A 46 8.25 4.41 48.81
N HIS A 47 9.28 4.87 48.08
CA HIS A 47 10.64 4.82 48.61
C HIS A 47 10.83 5.77 49.77
N LEU A 48 10.14 6.92 49.75
CA LEU A 48 10.22 7.85 50.88
C LEU A 48 9.58 7.24 52.13
N LEU A 49 8.39 6.66 51.97
CA LEU A 49 7.70 6.05 53.10
C LEU A 49 8.45 4.85 53.63
N ALA A 50 9.22 4.16 52.78
CA ALA A 50 9.98 3.01 53.23
C ALA A 50 11.21 3.44 54.04
N THR A 51 11.84 4.54 53.65
CA THR A 51 12.97 5.05 54.42
C THR A 51 12.52 5.60 55.76
N LEU A 52 11.37 6.28 55.77
CA LEU A 52 10.83 6.78 57.04
C LEU A 52 10.40 5.63 57.94
N ARG A 53 9.89 4.55 57.35
CA ARG A 53 9.49 3.38 58.13
C ARG A 53 10.71 2.67 58.73
N GLN A 54 11.82 2.63 57.99
CA GLN A 54 13.01 1.98 58.52
C GLN A 54 13.67 2.80 59.62
N ARG A 55 13.51 4.13 59.58
CA ARG A 55 14.16 5.00 60.56
C ARG A 55 13.27 5.28 61.77
N LEU A 56 11.99 5.53 61.56
CA LEU A 56 11.08 5.94 62.63
C LEU A 56 9.98 4.93 62.94
N SER A 57 9.90 3.83 62.18
CA SER A 57 8.87 2.82 62.34
C SER A 57 7.47 3.36 62.02
N ARG A 58 6.48 2.47 61.99
CA ARG A 58 5.08 2.77 61.71
C ARG A 58 4.88 3.16 60.24
N ARG A 59 3.74 2.74 59.67
CA ARG A 59 3.56 2.62 58.23
C ARG A 59 3.49 3.94 57.47
N VAL A 60 2.32 4.58 57.50
CA VAL A 60 1.88 5.61 56.56
C VAL A 60 1.53 4.92 55.25
N PRO A 61 0.29 5.08 54.74
CA PRO A 61 -0.19 4.17 53.69
C PRO A 61 -0.26 4.76 52.28
N LEU A 62 0.67 5.66 51.93
CA LEU A 62 0.79 6.18 50.57
C LEU A 62 -0.49 6.82 50.05
N GLN A 63 -1.59 6.06 50.06
CA GLN A 63 -2.89 6.60 49.66
C GLN A 63 -3.24 7.86 50.45
N ALA A 64 -2.66 8.02 51.64
CA ALA A 64 -2.89 9.20 52.45
C ALA A 64 -1.65 10.08 52.47
N PHE A 65 -1.07 10.34 51.29
CA PHE A 65 0.10 11.20 51.16
C PHE A 65 0.35 11.53 49.69
N ALA A 66 0.09 10.57 48.82
CA ALA A 66 0.30 10.75 47.38
C ALA A 66 -0.97 11.22 46.69
N GLY A 97 13.33 -22.12 46.26
CA GLY A 97 12.26 -22.04 45.28
C GLY A 97 12.21 -20.72 44.54
N LEU A 98 11.36 -20.66 43.51
CA LEU A 98 11.18 -19.45 42.73
C LEU A 98 9.96 -18.67 43.22
N SER A 99 10.04 -17.35 43.09
CA SER A 99 8.88 -16.51 43.37
C SER A 99 7.89 -16.61 42.22
N LEU A 100 6.69 -16.07 42.45
CA LEU A 100 5.69 -16.10 41.39
C LEU A 100 6.06 -15.16 40.24
N ALA A 101 6.85 -14.12 40.51
CA ALA A 101 7.34 -13.27 39.44
C ALA A 101 8.35 -14.01 38.57
N GLU A 102 9.21 -14.83 39.20
CA GLU A 102 10.16 -15.62 38.44
C GLU A 102 9.49 -16.83 37.78
N ARG A 103 8.51 -17.43 38.45
CA ARG A 103 7.90 -18.66 37.95
C ARG A 103 7.04 -18.41 36.71
N ARG A 104 6.27 -17.31 36.71
CA ARG A 104 5.35 -17.08 35.59
C ARG A 104 6.10 -16.82 34.29
N LEU A 105 7.32 -16.30 34.36
CA LEU A 105 8.13 -16.18 33.15
C LEU A 105 8.80 -17.49 32.78
N TRP A 106 9.16 -18.29 33.79
CA TRP A 106 9.81 -19.56 33.52
C TRP A 106 8.83 -20.57 32.92
N VAL A 107 7.60 -20.62 33.45
CA VAL A 107 6.61 -21.56 32.92
C VAL A 107 6.16 -21.16 31.53
N ALA A 108 6.10 -19.86 31.25
CA ALA A 108 5.76 -19.41 29.90
C ALA A 108 6.81 -19.85 28.90
N GLN A 109 8.07 -19.94 29.33
CA GLN A 109 9.13 -20.44 28.46
C GLN A 109 9.00 -21.94 28.24
N GLN A 110 8.55 -22.68 29.25
CA GLN A 110 8.39 -24.12 29.10
C GLN A 110 7.27 -24.45 28.11
N LEU A 111 6.20 -23.66 28.11
CA LEU A 111 5.08 -23.91 27.21
C LEU A 111 5.42 -23.57 25.77
N ALA A 112 6.50 -22.84 25.53
CA ALA A 112 6.98 -22.52 24.19
C ALA A 112 8.50 -22.50 24.23
N PRO A 113 9.14 -23.67 24.26
CA PRO A 113 10.60 -23.71 24.47
C PRO A 113 11.40 -23.00 23.39
N GLU A 114 10.90 -22.96 22.15
CA GLU A 114 11.61 -22.32 21.06
C GLU A 114 11.33 -20.83 20.95
N ASP A 115 10.39 -20.31 21.73
CA ASP A 115 10.11 -18.88 21.73
C ASP A 115 11.25 -18.13 22.42
N THR A 116 11.80 -17.13 21.73
CA THR A 116 12.90 -16.33 22.26
C THR A 116 12.46 -14.93 22.66
N SER A 117 11.16 -14.73 22.89
CA SER A 117 10.65 -13.42 23.31
C SER A 117 10.85 -13.14 24.79
N TYR A 118 11.53 -14.05 25.51
CA TYR A 118 11.91 -13.80 26.90
C TYR A 118 13.41 -13.57 27.05
N ASN A 119 14.12 -13.36 25.94
CA ASN A 119 15.53 -13.03 25.97
C ASN A 119 15.69 -11.53 26.13
N LEU A 120 16.37 -11.12 27.20
CA LEU A 120 16.64 -9.70 27.44
C LEU A 120 18.06 -9.39 26.98
N LEU A 121 18.19 -8.35 26.14
CA LEU A 121 19.48 -7.92 25.61
C LEU A 121 19.76 -6.52 26.11
N ALA A 122 20.82 -6.38 26.90
CA ALA A 122 21.24 -5.09 27.44
C ALA A 122 22.59 -4.71 26.85
N HIS A 123 22.70 -3.48 26.36
CA HIS A 123 23.95 -2.94 25.83
C HIS A 123 24.49 -1.91 26.81
N LEU A 124 25.69 -2.17 27.33
CA LEU A 124 26.34 -1.28 28.26
C LEU A 124 27.56 -0.66 27.58
N ARG A 125 27.56 0.66 27.45
CA ARG A 125 28.67 1.40 26.88
C ARG A 125 29.52 1.97 28.01
N ILE A 126 30.77 1.52 28.10
CA ILE A 126 31.67 1.87 29.19
C ILE A 126 32.83 2.68 28.62
N VAL A 127 33.13 3.81 29.26
CA VAL A 127 34.20 4.70 28.84
C VAL A 127 35.09 4.99 30.03
N GLY A 128 36.36 4.63 29.93
CA GLY A 128 37.35 4.95 30.94
C GLY A 128 37.88 3.79 31.76
N ALA A 129 37.67 2.55 31.33
CA ALA A 129 38.14 1.38 32.07
C ALA A 129 38.82 0.41 31.13
N THR A 130 39.84 -0.27 31.65
CA THR A 130 40.55 -1.27 30.88
C THR A 130 39.69 -2.53 30.74
N ALA A 131 40.10 -3.39 29.80
CA ALA A 131 39.40 -4.65 29.60
C ALA A 131 39.56 -5.57 30.81
N ASP A 132 40.74 -5.56 31.43
CA ASP A 132 40.97 -6.40 32.60
C ASP A 132 40.13 -5.95 33.79
N ALA A 133 40.00 -4.63 33.98
CA ALA A 133 39.20 -4.12 35.09
C ALA A 133 37.73 -4.42 34.89
N ILE A 134 37.25 -4.34 33.64
CA ILE A 134 35.85 -4.63 33.38
C ILE A 134 35.54 -6.10 33.61
N GLU A 135 36.38 -6.98 33.06
CA GLU A 135 36.17 -8.42 33.23
C GLU A 135 36.19 -8.81 34.70
N GLN A 136 37.12 -8.23 35.47
CA GLN A 136 37.21 -8.56 36.89
C GLN A 136 35.99 -8.04 37.65
N ALA A 137 35.50 -6.84 37.29
CA ALA A 137 34.31 -6.32 37.95
C ALA A 137 33.07 -7.15 37.61
N LEU A 138 33.00 -7.70 36.40
CA LEU A 138 31.86 -8.54 36.03
C LEU A 138 31.87 -9.85 36.81
N ARG A 139 33.05 -10.43 37.03
CA ARG A 139 33.13 -11.64 37.84
C ARG A 139 32.68 -11.38 39.27
N GLN A 140 32.94 -10.18 39.79
CA GLN A 140 32.44 -9.82 41.11
C GLN A 140 30.92 -9.70 41.11
N LEU A 141 30.36 -9.04 40.10
CA LEU A 141 28.91 -8.86 40.03
C LEU A 141 28.19 -10.18 39.83
N LEU A 142 28.79 -11.12 39.10
CA LEU A 142 28.18 -12.43 38.94
C LEU A 142 28.19 -13.22 40.24
N GLU A 143 29.30 -13.15 40.98
CA GLU A 143 29.36 -13.79 42.29
C GLU A 143 28.39 -13.15 43.27
N ARG A 144 28.15 -11.84 43.13
CA ARG A 144 27.30 -11.11 44.06
C ARG A 144 25.82 -11.35 43.79
N HIS A 145 25.43 -11.54 42.53
CA HIS A 145 24.03 -11.67 42.14
C HIS A 145 23.79 -13.10 41.68
N VAL A 146 23.24 -13.93 42.57
CA VAL A 146 23.09 -15.35 42.29
C VAL A 146 22.09 -15.60 41.17
N ALA A 147 21.16 -14.68 40.92
CA ALA A 147 20.15 -14.88 39.89
C ALA A 147 20.74 -15.06 38.50
N LEU A 148 21.96 -14.56 38.27
CA LEU A 148 22.59 -14.66 36.95
C LEU A 148 23.36 -15.96 36.76
N ARG A 149 23.43 -16.83 37.77
CA ARG A 149 24.20 -18.05 37.70
C ARG A 149 23.47 -19.20 38.39
N ARG A 150 22.21 -19.39 38.02
CA ARG A 150 21.38 -20.47 38.58
C ARG A 150 20.78 -21.30 37.46
N ARG A 151 20.71 -22.60 37.69
CA ARG A 151 19.94 -23.50 36.84
C ARG A 151 18.64 -23.87 37.54
N VAL A 152 17.62 -24.18 36.75
CA VAL A 152 16.28 -24.47 37.26
C VAL A 152 15.93 -25.91 36.90
N GLU A 153 15.78 -26.74 37.92
CA GLU A 153 15.19 -28.06 37.76
C GLU A 153 13.68 -27.95 37.90
N THR A 154 12.96 -28.74 37.10
CA THR A 154 11.54 -28.88 37.33
C THR A 154 11.30 -29.70 38.61
N GLY A 155 10.20 -29.41 39.30
CA GLY A 155 9.92 -30.01 40.57
C GLY A 155 8.52 -30.58 40.64
N VAL A 156 8.33 -31.44 41.64
CA VAL A 156 7.01 -32.05 41.84
C VAL A 156 6.02 -31.02 42.37
N ASP A 157 6.48 -30.05 43.16
CA ASP A 157 5.63 -29.00 43.71
C ASP A 157 6.26 -27.64 43.49
N GLY A 158 6.90 -27.44 42.34
CA GLY A 158 7.47 -26.17 41.99
C GLY A 158 8.88 -26.28 41.46
N PRO A 159 9.22 -25.44 40.48
CA PRO A 159 10.59 -25.44 39.95
C PRO A 159 11.60 -25.13 41.04
N GLN A 160 12.77 -25.76 40.93
CA GLN A 160 13.79 -25.70 41.98
C GLN A 160 15.08 -25.10 41.44
N PRO A 161 15.56 -23.99 41.98
CA PRO A 161 16.83 -23.41 41.52
C PRO A 161 18.04 -23.98 42.24
N HIS A 162 19.13 -24.08 41.49
CA HIS A 162 20.41 -24.54 42.01
C HIS A 162 21.50 -23.58 41.57
N ALA A 163 22.26 -23.06 42.53
CA ALA A 163 23.29 -22.08 42.22
C ALA A 163 24.46 -22.74 41.50
N LEU A 164 25.04 -22.00 40.55
CA LEU A 164 26.23 -22.43 39.83
C LEU A 164 27.40 -21.51 40.18
N ALA A 165 28.59 -21.96 39.78
CA ALA A 165 29.79 -21.15 39.99
C ALA A 165 29.78 -19.94 39.05
N ALA A 166 30.41 -18.86 39.50
CA ALA A 166 30.41 -17.62 38.72
C ALA A 166 31.16 -17.80 37.40
N HIS A 167 32.24 -18.59 37.41
CA HIS A 167 33.00 -18.80 36.17
C HIS A 167 32.21 -19.58 35.13
N ALA A 168 31.14 -20.27 35.54
CA ALA A 168 30.31 -21.01 34.60
C ALA A 168 29.48 -20.08 33.70
N VAL A 169 29.46 -18.79 33.98
CA VAL A 169 28.78 -17.83 33.11
C VAL A 169 29.69 -17.55 31.92
N PRO A 170 29.22 -17.77 30.69
CA PRO A 170 30.07 -17.51 29.52
C PRO A 170 30.43 -16.03 29.41
N LEU A 171 31.72 -15.75 29.22
CA LEU A 171 32.21 -14.40 29.04
C LEU A 171 33.21 -14.41 27.89
N GLN A 172 32.88 -13.73 26.80
CA GLN A 172 33.71 -13.69 25.60
C GLN A 172 34.27 -12.28 25.44
N ARG A 173 35.59 -12.15 25.48
CA ARG A 173 36.28 -10.90 25.23
C ARG A 173 36.75 -10.88 23.77
N LEU A 174 36.43 -9.80 23.07
CA LEU A 174 36.84 -9.63 21.68
C LEU A 174 37.51 -8.28 21.51
N LEU A 175 38.58 -8.26 20.72
CA LEU A 175 39.29 -7.05 20.38
C LEU A 175 38.86 -6.59 18.99
N ALA A 176 38.41 -5.34 18.89
CA ALA A 176 38.03 -4.74 17.62
C ALA A 176 39.09 -3.73 17.19
N SER A 177 39.30 -3.64 15.87
CA SER A 177 40.36 -2.76 15.36
C SER A 177 39.97 -1.29 15.48
N ASP A 178 38.70 -0.97 15.26
CA ASP A 178 38.23 0.41 15.35
C ASP A 178 36.77 0.40 15.78
N ALA A 179 36.14 1.57 15.76
CA ALA A 179 34.79 1.71 16.26
C ALA A 179 33.78 1.01 15.35
N VAL A 180 33.97 1.12 14.03
CA VAL A 180 33.03 0.48 13.10
C VAL A 180 33.07 -1.04 13.26
N HIS A 181 34.27 -1.60 13.43
CA HIS A 181 34.37 -3.03 13.70
C HIS A 181 33.72 -3.40 15.02
N ALA A 182 33.76 -2.49 16.01
CA ALA A 182 33.11 -2.77 17.29
C ALA A 182 31.60 -2.78 17.14
N GLU A 183 31.04 -1.89 16.31
CA GLU A 183 29.62 -1.92 16.02
C GLU A 183 29.23 -3.25 15.38
N ARG A 184 30.02 -3.71 14.40
CA ARG A 184 29.66 -4.91 13.65
C ARG A 184 29.73 -6.15 14.53
N LEU A 185 30.70 -6.21 15.45
CA LEU A 185 30.73 -7.30 16.41
C LEU A 185 29.51 -7.25 17.33
N LEU A 186 29.08 -6.04 17.71
CA LEU A 186 27.91 -5.90 18.57
C LEU A 186 26.65 -6.33 17.85
N GLU A 187 26.47 -5.87 16.61
CA GLU A 187 25.28 -6.24 15.83
C GLU A 187 25.24 -7.74 15.60
N ASP A 188 26.39 -8.36 15.35
CA ASP A 188 26.44 -9.81 15.21
C ASP A 188 26.08 -10.50 16.50
N GLY A 189 26.51 -9.94 17.64
CA GLY A 189 26.14 -10.50 18.92
C GLY A 189 24.66 -10.30 19.23
N VAL A 190 24.10 -9.17 18.81
CA VAL A 190 22.68 -8.91 19.03
C VAL A 190 21.84 -9.95 18.30
N ARG A 191 22.17 -10.20 17.02
CA ARG A 191 21.41 -11.18 16.26
C ARG A 191 21.62 -12.59 16.80
N ARG A 192 22.82 -12.90 17.26
CA ARG A 192 23.07 -14.25 17.77
C ARG A 192 22.36 -14.48 19.10
N GLU A 193 22.42 -13.52 20.02
CA GLU A 193 21.79 -13.69 21.32
C GLU A 193 20.27 -13.56 21.22
N GLY A 194 19.77 -12.83 20.22
CA GLY A 194 18.32 -12.70 20.06
C GLY A 194 17.67 -13.99 19.60
N ALA A 195 18.38 -14.82 18.86
CA ALA A 195 17.86 -16.09 18.38
C ALA A 195 18.24 -17.27 19.26
N ARG A 196 18.99 -17.04 20.33
CA ARG A 196 19.49 -18.12 21.16
C ARG A 196 18.40 -18.69 22.05
N VAL A 197 18.38 -20.02 22.16
CA VAL A 197 17.47 -20.71 23.06
C VAL A 197 18.26 -21.06 24.32
N PHE A 198 17.91 -20.43 25.44
CA PHE A 198 18.62 -20.68 26.69
C PHE A 198 18.31 -22.07 27.21
N ASP A 199 19.35 -22.77 27.67
CA ASP A 199 19.21 -24.05 28.36
C ASP A 199 19.12 -23.76 29.85
N LEU A 200 17.89 -23.48 30.31
CA LEU A 200 17.70 -23.01 31.68
C LEU A 200 17.88 -24.11 32.72
N ALA A 201 17.86 -25.38 32.31
CA ALA A 201 18.01 -26.47 33.27
C ALA A 201 19.45 -26.85 33.53
N HIS A 202 20.36 -26.54 32.61
CA HIS A 202 21.75 -26.99 32.70
C HIS A 202 22.78 -25.88 32.68
N GLU A 203 22.41 -24.65 32.29
CA GLU A 203 23.37 -23.58 32.17
C GLU A 203 22.85 -22.32 32.88
N ALA A 204 23.76 -21.39 33.12
CA ALA A 204 23.39 -20.11 33.70
C ALA A 204 22.51 -19.34 32.72
N PRO A 205 21.56 -18.55 33.24
CA PRO A 205 20.63 -17.85 32.35
C PRO A 205 21.16 -16.52 31.87
N ALA A 206 22.48 -16.35 31.84
CA ALA A 206 23.10 -15.10 31.43
C ALA A 206 24.37 -15.37 30.65
N ARG A 207 24.59 -14.56 29.60
CA ARG A 207 25.82 -14.59 28.82
C ARG A 207 26.33 -13.17 28.68
N LEU A 208 27.64 -13.03 28.44
CA LEU A 208 28.27 -11.73 28.40
C LEU A 208 29.24 -11.66 27.22
N LEU A 209 29.13 -10.59 26.43
CA LEU A 209 30.02 -10.33 25.31
C LEU A 209 30.70 -8.98 25.56
N LEU A 210 32.00 -9.00 25.77
CA LEU A 210 32.77 -7.78 26.04
C LEU A 210 33.60 -7.46 24.79
N VAL A 211 33.28 -6.34 24.15
CA VAL A 211 33.97 -5.89 22.94
C VAL A 211 34.73 -4.62 23.28
N VAL A 212 36.06 -4.70 23.23
CA VAL A 212 36.91 -3.54 23.48
C VAL A 212 37.43 -3.04 22.14
N THR A 213 37.62 -1.72 22.06
CA THR A 213 38.09 -1.07 20.84
C THR A 213 39.55 -0.66 21.01
N ARG A 214 40.37 -1.04 20.04
CA ARG A 214 41.80 -0.74 20.12
C ARG A 214 42.04 0.76 20.10
N ASP A 215 43.00 1.20 20.92
CA ASP A 215 43.41 2.61 20.99
C ASP A 215 42.21 3.51 21.26
N SER A 216 41.43 3.15 22.27
CA SER A 216 40.25 3.92 22.65
C SER A 216 39.85 3.52 24.05
N ALA A 217 39.28 4.48 24.78
CA ALA A 217 38.80 4.22 26.13
C ALA A 217 37.43 3.56 26.16
N ARG A 218 36.80 3.36 25.00
CA ARG A 218 35.45 2.83 24.94
C ARG A 218 35.46 1.30 24.90
N ALA A 219 34.64 0.69 25.74
CA ALA A 219 34.37 -0.73 25.70
C ALA A 219 32.87 -0.95 25.68
N ASP A 220 32.43 -2.00 24.98
CA ASP A 220 31.02 -2.29 24.83
C ASP A 220 30.72 -3.66 25.44
N LEU A 221 29.66 -3.72 26.23
CA LEU A 221 29.26 -4.94 26.91
C LEU A 221 27.83 -5.29 26.49
N LEU A 222 27.66 -6.49 25.96
CA LEU A 222 26.35 -7.01 25.59
C LEU A 222 25.96 -8.09 26.58
N LEU A 223 24.93 -7.81 27.38
CA LEU A 223 24.44 -8.75 28.38
C LEU A 223 23.13 -9.36 27.90
N SER A 224 23.14 -10.68 27.69
CA SER A 224 21.95 -11.43 27.31
C SER A 224 21.56 -12.34 28.47
N VAL A 225 20.38 -12.10 29.03
CA VAL A 225 19.92 -12.82 30.21
C VAL A 225 18.44 -13.13 30.05
N HIS A 226 18.03 -14.32 30.45
CA HIS A 226 16.62 -14.69 30.38
C HIS A 226 15.79 -13.82 31.31
N HIS A 227 14.54 -13.56 30.91
CA HIS A 227 13.69 -12.62 31.64
C HIS A 227 13.35 -13.12 33.04
N TYR A 228 13.35 -14.44 33.25
CA TYR A 228 13.01 -14.96 34.58
C TYR A 228 14.05 -14.60 35.63
N ALA A 229 15.23 -14.15 35.23
CA ALA A 229 16.30 -13.80 36.16
C ALA A 229 16.74 -12.34 36.03
N PHE A 230 15.90 -11.49 35.47
CA PHE A 230 16.28 -10.09 35.22
C PHE A 230 15.04 -9.26 35.01
N ASP A 231 15.17 -7.96 35.21
CA ASP A 231 14.12 -7.00 34.87
C ASP A 231 14.78 -5.62 34.71
N ASP A 232 13.93 -4.59 34.58
CA ASP A 232 14.44 -3.25 34.29
C ASP A 232 15.28 -2.70 35.43
N VAL A 233 14.76 -2.75 36.66
CA VAL A 233 15.51 -2.23 37.80
C VAL A 233 16.81 -2.99 37.97
N SER A 234 16.82 -4.29 37.66
CA SER A 234 18.05 -5.08 37.75
C SER A 234 19.15 -4.52 36.85
N LEU A 235 18.78 -3.98 35.69
CA LEU A 235 19.79 -3.38 34.81
C LEU A 235 20.38 -2.12 35.44
N ALA A 236 19.53 -1.27 36.04
CA ALA A 236 20.04 -0.07 36.67
C ALA A 236 20.96 -0.40 37.85
N VAL A 237 20.58 -1.41 38.64
CA VAL A 237 21.43 -1.83 39.75
C VAL A 237 22.74 -2.41 39.23
N PHE A 238 22.64 -3.28 38.21
CA PHE A 238 23.84 -3.89 37.64
C PHE A 238 24.77 -2.84 37.05
N ALA A 239 24.21 -1.81 36.40
CA ALA A 239 25.05 -0.78 35.78
C ALA A 239 25.69 0.13 36.83
N ALA A 240 24.91 0.53 37.85
CA ALA A 240 25.46 1.41 38.88
C ALA A 240 26.54 0.70 39.68
N GLU A 241 26.32 -0.58 40.03
CA GLU A 241 27.32 -1.33 40.78
C GLU A 241 28.56 -1.60 39.94
N LEU A 242 28.39 -1.76 38.62
CA LEU A 242 29.55 -1.87 37.74
C LEU A 242 30.37 -0.59 37.76
N LYS A 243 29.71 0.56 37.71
CA LYS A 243 30.41 1.83 37.80
C LYS A 243 31.12 1.99 39.13
N THR A 244 30.50 1.55 40.22
CA THR A 244 31.12 1.67 41.53
C THR A 244 32.42 0.86 41.60
N LEU A 245 32.41 -0.36 41.05
CA LEU A 245 33.62 -1.18 41.09
C LEU A 245 34.70 -0.62 40.17
N LEU A 246 34.32 -0.19 38.97
CA LEU A 246 35.30 0.37 38.04
C LEU A 246 35.89 1.68 38.53
N ASP A 247 35.19 2.39 39.41
CA ASP A 247 35.73 3.61 40.00
C ASP A 247 36.66 3.33 41.18
N GLY A 248 36.63 2.13 41.72
CA GLY A 248 37.44 1.76 42.86
C GLY A 248 36.68 1.64 44.17
N GLY A 249 35.37 1.82 44.16
CA GLY A 249 34.58 1.75 45.37
C GLY A 249 34.27 0.33 45.78
N ARG A 250 33.54 0.20 46.89
CA ARG A 250 33.16 -1.09 47.44
C ARG A 250 31.65 -1.20 47.51
N LEU A 251 31.15 -2.42 47.36
CA LEU A 251 29.73 -2.70 47.41
C LEU A 251 29.36 -3.29 48.76
N GLY A 252 28.31 -2.74 49.38
CA GLY A 252 27.86 -3.26 50.66
C GLY A 252 27.27 -4.65 50.52
N VAL A 253 27.26 -5.37 51.66
CA VAL A 253 26.69 -6.70 51.68
C VAL A 253 25.20 -6.61 51.38
N LEU A 254 24.72 -7.42 50.45
CA LEU A 254 23.31 -7.44 50.12
C LEU A 254 22.50 -7.91 51.32
N ALA A 255 21.31 -7.31 51.49
CA ALA A 255 20.46 -7.62 52.63
C ALA A 255 19.50 -8.77 52.36
N SER A 256 19.40 -9.25 51.12
CA SER A 256 18.45 -10.32 50.79
C SER A 256 18.92 -11.01 49.51
N THR A 257 18.21 -12.05 49.13
CA THR A 257 18.47 -12.83 47.94
C THR A 257 17.14 -13.13 47.26
N PRO A 258 17.16 -13.50 45.97
CA PRO A 258 15.91 -13.92 45.32
C PRO A 258 15.22 -15.07 46.02
N GLU A 259 15.98 -15.96 46.67
CA GLU A 259 15.36 -17.08 47.36
C GLU A 259 14.62 -16.63 48.61
N GLN A 260 15.16 -15.63 49.32
CA GLN A 260 14.48 -15.11 50.49
C GLN A 260 13.18 -14.40 50.10
N VAL A 261 13.18 -13.70 48.97
CA VAL A 261 11.95 -13.06 48.49
C VAL A 261 10.89 -14.12 48.21
N ALA A 262 11.28 -15.23 47.59
CA ALA A 262 10.32 -16.31 47.34
C ALA A 262 9.83 -16.91 48.64
N ALA A 263 10.72 -17.12 49.61
CA ALA A 263 10.31 -17.70 50.89
C ALA A 263 9.35 -16.78 51.62
N ARG A 264 9.65 -15.48 51.63
CA ARG A 264 8.74 -14.52 52.25
C ARG A 264 7.39 -14.51 51.55
N GLU A 265 7.39 -14.66 50.22
CA GLU A 265 6.12 -14.72 49.49
C GLU A 265 5.31 -15.94 49.88
N ARG A 266 5.98 -17.09 50.05
CA ARG A 266 5.27 -18.30 50.46
C ARG A 266 4.64 -18.12 51.84
N ALA A 267 5.32 -17.39 52.74
CA ALA A 267 4.74 -17.12 54.04
C ALA A 267 3.56 -16.16 53.93
N ALA A 268 3.71 -15.09 53.15
CA ALA A 268 2.61 -14.15 52.96
C ALA A 268 1.42 -14.82 52.30
N LEU A 269 1.68 -15.73 51.35
CA LEU A 269 0.59 -16.50 50.76
C LEU A 269 -0.07 -17.40 51.82
N ALA A 270 0.74 -18.03 52.67
CA ALA A 270 0.20 -18.96 53.66
C ALA A 270 -0.66 -18.26 54.69
N SER A 271 -0.34 -17.01 55.04
CA SER A 271 -1.10 -16.27 56.02
C SER A 271 -2.43 -15.74 55.48
N GLY A 272 -2.74 -16.00 54.21
CA GLY A 272 -3.94 -15.47 53.59
C GLY A 272 -3.98 -13.97 53.44
N ARG A 273 -2.89 -13.27 53.75
CA ARG A 273 -2.88 -11.80 53.69
C ARG A 273 -3.07 -11.32 52.25
N LEU A 274 -2.30 -11.87 51.31
CA LEU A 274 -2.37 -11.40 49.93
C LEU A 274 -3.66 -11.82 49.24
N ASP A 275 -4.23 -12.97 49.63
CA ASP A 275 -5.46 -13.42 48.99
C ASP A 275 -6.65 -12.56 49.41
N ARG A 276 -6.66 -12.06 50.65
CA ARG A 276 -7.75 -11.19 51.08
C ARG A 276 -7.77 -9.89 50.29
N VAL A 277 -6.58 -9.35 49.97
CA VAL A 277 -6.52 -8.16 49.13
C VAL A 277 -7.01 -8.47 47.72
N ALA A 278 -6.66 -9.66 47.21
CA ALA A 278 -7.11 -10.05 45.88
C ALA A 278 -8.62 -10.27 45.84
N GLU A 279 -9.19 -10.80 46.92
CA GLU A 279 -10.64 -10.99 46.98
C GLU A 279 -11.37 -9.65 46.98
N ARG A 280 -10.79 -8.63 47.64
CA ARG A 280 -11.38 -7.30 47.60
C ARG A 280 -11.38 -6.74 46.18
N TRP A 281 -10.29 -6.93 45.44
CA TRP A 281 -10.22 -6.44 44.08
C TRP A 281 -11.14 -7.20 43.14
N ALA A 282 -11.40 -8.48 43.44
CA ALA A 282 -12.23 -9.30 42.55
C ALA A 282 -13.65 -8.77 42.42
N GLU A 283 -14.10 -7.93 43.36
CA GLU A 283 -15.43 -7.36 43.28
C GLU A 283 -15.58 -6.49 42.04
N ARG A 284 -14.74 -5.46 41.93
CA ARG A 284 -14.82 -4.53 40.81
C ARG A 284 -14.45 -5.18 39.49
N LEU A 285 -13.50 -6.13 39.51
CA LEU A 285 -13.01 -6.72 38.29
C LEU A 285 -13.95 -7.78 37.71
N LEU A 286 -14.91 -8.27 38.50
CA LEU A 286 -15.75 -9.37 38.04
C LEU A 286 -16.56 -9.06 36.79
N PRO A 287 -17.20 -7.90 36.64
CA PRO A 287 -17.94 -7.65 35.39
C PRO A 287 -17.07 -7.72 34.14
N LEU A 288 -15.78 -7.39 34.25
CA LEU A 288 -14.88 -7.41 33.12
C LEU A 288 -14.19 -8.76 32.91
N ALA A 289 -14.61 -9.78 33.65
CA ALA A 289 -14.01 -11.11 33.50
C ALA A 289 -14.76 -11.93 32.46
N GLN A 308 5.00 -4.91 16.73
CA GLN A 308 5.21 -3.58 16.16
C GLN A 308 5.43 -2.53 17.24
N ARG A 309 6.58 -1.85 17.18
CA ARG A 309 6.96 -0.87 18.18
C ARG A 309 7.09 0.51 17.53
N LEU A 310 6.62 1.53 18.23
CA LEU A 310 6.73 2.90 17.74
C LEU A 310 6.95 3.83 18.93
N ALA A 311 7.96 4.68 18.83
CA ALA A 311 8.35 5.60 19.89
C ALA A 311 8.19 7.02 19.39
N LEU A 312 7.16 7.71 19.87
CA LEU A 312 6.91 9.08 19.44
C LEU A 312 7.13 10.06 20.58
N PRO A 313 7.70 11.23 20.30
CA PRO A 313 7.92 12.22 21.36
C PRO A 313 6.61 12.90 21.75
N VAL A 314 6.44 13.10 23.04
CA VAL A 314 5.27 13.81 23.56
C VAL A 314 5.54 15.30 23.49
N SER A 315 4.63 16.04 22.87
CA SER A 315 4.80 17.48 22.72
C SER A 315 4.85 18.16 24.09
N ALA A 316 5.53 19.29 24.15
CA ALA A 316 5.69 20.01 25.41
C ALA A 316 4.34 20.48 25.96
N ALA A 317 3.40 20.84 25.07
CA ALA A 317 2.10 21.29 25.52
C ALA A 317 1.30 20.16 26.16
N VAL A 318 1.42 18.95 25.62
CA VAL A 318 0.73 17.81 26.21
C VAL A 318 1.37 17.41 27.53
N HIS A 319 2.70 17.51 27.62
CA HIS A 319 3.39 17.20 28.86
C HIS A 319 3.00 18.17 29.97
N ALA A 320 2.92 19.46 29.65
CA ALA A 320 2.53 20.44 30.65
C ALA A 320 1.09 20.24 31.10
N ALA A 321 0.18 20.02 30.15
CA ALA A 321 -1.22 19.79 30.49
C ALA A 321 -1.37 18.54 31.35
N CYS A 322 -0.58 17.51 31.08
CA CYS A 322 -0.60 16.32 31.91
C CYS A 322 -0.17 16.64 33.34
N ARG A 323 0.85 17.47 33.49
CA ARG A 323 1.31 17.85 34.83
C ARG A 323 0.29 18.72 35.54
N ALA A 324 -0.31 19.68 34.83
CA ALA A 324 -1.27 20.59 35.45
C ALA A 324 -2.54 19.84 35.87
N LEU A 325 -3.03 18.95 35.00
CA LEU A 325 -4.20 18.15 35.34
C LEU A 325 -3.98 17.33 36.60
N ALA A 326 -2.76 16.82 36.78
CA ALA A 326 -2.47 16.01 37.96
C ALA A 326 -2.36 16.86 39.21
N GLU A 327 -1.78 18.06 39.09
CA GLU A 327 -1.65 18.94 40.25
C GLU A 327 -3.01 19.42 40.74
N ARG A 328 -3.92 19.72 39.82
CA ARG A 328 -5.26 20.15 40.21
C ARG A 328 -6.05 19.01 40.84
N THR A 329 -5.74 17.77 40.45
CA THR A 329 -6.47 16.59 40.91
C THR A 329 -5.75 15.86 42.03
N SER A 330 -4.51 16.26 42.35
CA SER A 330 -3.71 15.65 43.40
C SER A 330 -3.42 14.18 43.10
N VAL A 331 -3.21 13.86 41.82
CA VAL A 331 -2.80 12.53 41.39
C VAL A 331 -1.43 12.65 40.74
N SER A 332 -0.86 11.50 40.40
CA SER A 332 0.41 11.51 39.70
C SER A 332 0.21 11.84 38.23
N PRO A 333 1.22 12.43 37.57
CA PRO A 333 1.11 12.66 36.12
C PRO A 333 0.89 11.39 35.32
N PHE A 334 1.40 10.26 35.78
CA PHE A 334 1.15 8.99 35.12
C PHE A 334 -0.33 8.61 35.18
N SER A 335 -1.02 8.99 36.26
CA SER A 335 -2.45 8.71 36.37
C SER A 335 -3.24 9.47 35.32
N ALA A 336 -2.84 10.71 35.02
CA ALA A 336 -3.52 11.47 33.98
C ALA A 336 -3.26 10.87 32.61
N ALA A 337 -2.04 10.40 32.36
CA ALA A 337 -1.74 9.78 31.07
C ALA A 337 -2.41 8.43 30.94
N LEU A 338 -2.52 7.68 32.03
CA LEU A 338 -3.24 6.41 31.99
C LEU A 338 -4.72 6.62 31.69
N GLN A 339 -5.32 7.65 32.30
CA GLN A 339 -6.73 7.91 32.09
C GLN A 339 -7.03 8.19 30.61
N ALA A 340 -6.24 9.07 29.99
CA ALA A 340 -6.42 9.34 28.56
C ALA A 340 -6.13 8.10 27.73
N PHE A 341 -5.19 7.27 28.17
CA PHE A 341 -4.90 6.02 27.46
C PHE A 341 -6.12 5.10 27.47
N ALA A 342 -6.75 4.93 28.62
CA ALA A 342 -7.90 4.05 28.72
C ALA A 342 -9.12 4.63 28.02
N GLU A 343 -9.29 5.95 28.07
CA GLU A 343 -10.44 6.56 27.43
C GLU A 343 -10.33 6.52 25.91
N VAL A 344 -9.11 6.70 25.39
CA VAL A 344 -8.91 6.63 23.93
C VAL A 344 -9.16 5.21 23.44
N LEU A 345 -8.57 4.22 24.12
CA LEU A 345 -8.76 2.83 23.70
C LEU A 345 -10.20 2.38 23.92
N GLY A 346 -10.85 2.86 24.98
CA GLY A 346 -12.23 2.49 25.22
C GLY A 346 -13.16 2.98 24.13
N ALA A 347 -12.97 4.22 23.68
CA ALA A 347 -13.75 4.72 22.55
C ALA A 347 -13.39 3.98 21.26
N GLU A 348 -12.11 3.64 21.09
CA GLU A 348 -11.69 2.90 19.91
C GLU A 348 -12.33 1.51 19.86
N LEU A 349 -12.35 0.81 20.99
CA LEU A 349 -12.96 -0.51 21.07
C LEU A 349 -14.45 -0.46 21.34
N GLY A 350 -15.00 0.72 21.63
CA GLY A 350 -16.43 0.87 21.84
C GLY A 350 -16.97 0.14 23.05
N VAL A 351 -16.38 0.39 24.21
CA VAL A 351 -16.81 -0.23 25.46
C VAL A 351 -16.94 0.84 26.53
N ASP A 352 -17.79 0.57 27.53
CA ASP A 352 -17.97 1.48 28.64
C ASP A 352 -16.98 1.27 29.77
N ASP A 353 -16.40 0.07 29.87
CA ASP A 353 -15.41 -0.25 30.88
C ASP A 353 -14.24 -0.98 30.22
N LEU A 354 -13.02 -0.64 30.63
CA LEU A 354 -11.82 -1.17 30.00
C LEU A 354 -10.87 -1.70 31.07
N LEU A 355 -10.47 -2.96 30.92
CA LEU A 355 -9.45 -3.54 31.79
C LEU A 355 -8.07 -3.11 31.31
N VAL A 356 -7.28 -2.54 32.22
CA VAL A 356 -5.95 -2.04 31.90
C VAL A 356 -4.95 -2.63 32.89
N GLY A 357 -3.89 -3.23 32.36
CA GLY A 357 -2.82 -3.70 33.22
C GLY A 357 -1.84 -2.59 33.54
N VAL A 358 -1.27 -2.67 34.74
CA VAL A 358 -0.27 -1.71 35.20
C VAL A 358 0.96 -2.50 35.62
N ALA A 359 2.06 -2.31 34.89
CA ALA A 359 3.29 -3.02 35.17
C ALA A 359 4.00 -2.35 36.34
N LEU A 360 4.29 -3.12 37.39
CA LEU A 360 4.89 -2.60 38.61
C LEU A 360 6.24 -3.27 38.84
N ALA A 361 7.16 -2.51 39.45
CA ALA A 361 8.49 -3.04 39.73
C ALA A 361 8.44 -4.20 40.73
N GLY A 362 7.47 -4.18 41.64
CA GLY A 362 7.25 -5.31 42.53
C GLY A 362 8.25 -5.48 43.64
N ARG A 363 9.04 -4.45 43.95
CA ARG A 363 9.99 -4.49 45.06
C ARG A 363 9.35 -3.76 46.23
N SER A 364 8.60 -4.52 47.05
CA SER A 364 7.73 -3.93 48.07
C SER A 364 8.47 -3.58 49.36
N ARG A 365 9.68 -4.07 49.56
CA ARG A 365 10.44 -3.80 50.76
C ARG A 365 11.81 -3.24 50.39
N LEU A 366 12.41 -2.51 51.34
CA LEU A 366 13.60 -1.72 51.03
C LEU A 366 14.78 -2.60 50.61
N GLU A 367 14.89 -3.81 51.16
CA GLU A 367 16.00 -4.68 50.80
C GLU A 367 15.83 -5.36 49.44
N MET A 368 14.67 -5.22 48.78
CA MET A 368 14.53 -5.68 47.40
C MET A 368 15.01 -4.65 46.39
N GLN A 369 15.39 -3.44 46.82
CA GLN A 369 15.76 -2.40 45.87
C GLN A 369 17.10 -2.68 45.21
N GLY A 370 18.01 -3.37 45.89
CA GLY A 370 19.33 -3.62 45.34
C GLY A 370 19.53 -5.04 44.86
N LEU A 371 18.43 -5.77 44.65
CA LEU A 371 18.51 -7.15 44.19
C LEU A 371 18.53 -7.20 42.66
N VAL A 372 19.05 -8.31 42.15
CA VAL A 372 19.05 -8.61 40.72
C VAL A 372 18.18 -9.84 40.50
N GLY A 373 17.21 -9.73 39.59
CA GLY A 373 16.29 -10.81 39.32
C GLY A 373 15.02 -10.26 38.69
N CYS A 374 13.98 -11.08 38.70
CA CYS A 374 12.68 -10.71 38.17
C CYS A 374 11.71 -10.48 39.32
N PHE A 375 11.24 -9.24 39.46
CA PHE A 375 10.26 -8.89 40.48
C PHE A 375 9.03 -8.21 39.90
N VAL A 376 8.94 -8.10 38.57
CA VAL A 376 7.87 -7.35 37.94
C VAL A 376 6.53 -8.05 38.15
N ASN A 377 5.48 -7.25 38.37
CA ASN A 377 4.15 -7.76 38.65
C ASN A 377 3.14 -6.92 37.89
N LEU A 378 2.37 -7.55 37.02
CA LEU A 378 1.33 -6.87 36.26
C LEU A 378 0.00 -7.03 36.98
N LEU A 379 -0.62 -5.89 37.33
CA LEU A 379 -1.85 -5.92 38.09
C LEU A 379 -2.98 -5.21 37.36
N PRO A 380 -4.19 -5.74 37.40
CA PRO A 380 -5.29 -5.16 36.63
C PRO A 380 -5.82 -3.87 37.24
N LEU A 381 -6.41 -3.05 36.38
CA LEU A 381 -6.99 -1.78 36.79
C LEU A 381 -8.21 -1.53 35.91
N ALA A 382 -9.39 -1.53 36.53
CA ALA A 382 -10.64 -1.33 35.80
C ALA A 382 -10.93 0.16 35.70
N VAL A 383 -10.95 0.68 34.49
CA VAL A 383 -11.27 2.08 34.23
C VAL A 383 -12.68 2.16 33.67
N GLY A 384 -13.51 2.99 34.30
CA GLY A 384 -14.87 3.22 33.82
C GLY A 384 -14.90 4.44 32.91
N LEU A 385 -15.51 4.26 31.73
CA LEU A 385 -15.65 5.34 30.76
C LEU A 385 -17.06 5.92 30.88
N ARG A 386 -17.22 6.84 31.83
CA ARG A 386 -18.50 7.52 32.05
C ARG A 386 -18.40 8.95 31.56
N PRO A 387 -18.88 9.25 30.35
CA PRO A 387 -18.88 10.65 29.88
C PRO A 387 -19.68 11.58 30.76
N GLU A 388 -20.67 11.08 31.50
CA GLU A 388 -21.50 11.95 32.33
C GLU A 388 -20.72 12.53 33.50
N GLN A 389 -19.68 11.83 33.95
CA GLN A 389 -18.93 12.28 35.12
C GLN A 389 -17.81 13.22 34.71
N SER A 390 -17.40 14.07 35.66
CA SER A 390 -16.40 15.08 35.39
C SER A 390 -15.03 14.44 35.17
N VAL A 391 -14.16 15.20 34.48
CA VAL A 391 -12.79 14.74 34.25
C VAL A 391 -12.06 14.57 35.57
N GLU A 392 -12.29 15.49 36.51
CA GLU A 392 -11.57 15.45 37.78
C GLU A 392 -11.98 14.24 38.61
N TRP A 393 -13.27 13.88 38.60
CA TRP A 393 -13.72 12.72 39.36
C TRP A 393 -13.18 11.42 38.76
N ARG A 394 -13.24 11.30 37.44
CA ARG A 394 -12.68 10.10 36.79
C ARG A 394 -11.19 9.98 37.04
N LEU A 395 -10.48 11.11 37.11
CA LEU A 395 -9.04 11.07 37.34
C LEU A 395 -8.72 10.69 38.78
N ARG A 396 -9.51 11.17 39.73
CA ARG A 396 -9.30 10.82 41.14
C ARG A 396 -9.50 9.32 41.36
N GLN A 397 -10.44 8.71 40.63
CA GLN A 397 -10.65 7.28 40.75
C GLN A 397 -9.48 6.49 40.15
N VAL A 398 -8.92 6.98 39.04
CA VAL A 398 -7.80 6.30 38.42
C VAL A 398 -6.56 6.38 39.31
N GLY A 399 -6.22 7.57 39.77
CA GLY A 399 -5.06 7.73 40.63
C GLY A 399 -5.21 7.02 41.96
N HIS A 400 -6.44 6.94 42.47
CA HIS A 400 -6.67 6.22 43.72
C HIS A 400 -6.49 4.72 43.53
N ASP A 401 -7.07 4.17 42.46
CA ASP A 401 -6.87 2.74 42.18
C ASP A 401 -5.42 2.43 41.86
N LEU A 402 -4.69 3.41 41.32
CA LEU A 402 -3.28 3.21 41.01
C LEU A 402 -2.45 3.08 42.28
N LEU A 403 -2.70 3.96 43.25
CA LEU A 403 -1.94 3.89 44.50
C LEU A 403 -2.32 2.66 45.32
N GLU A 404 -3.55 2.16 45.14
CA GLU A 404 -3.92 0.89 45.77
C GLU A 404 -3.11 -0.27 45.20
N LEU A 405 -2.90 -0.28 43.87
CA LEU A 405 -2.05 -1.29 43.26
C LEU A 405 -0.60 -1.12 43.66
N LEU A 406 -0.15 0.13 43.82
CA LEU A 406 1.23 0.38 44.24
C LEU A 406 1.46 -0.08 45.68
N GLU A 407 0.49 0.16 46.56
CA GLU A 407 0.62 -0.27 47.94
C GLU A 407 0.70 -1.79 48.05
N HIS A 408 -0.12 -2.50 47.28
CA HIS A 408 -0.19 -3.95 47.33
C HIS A 408 0.43 -4.60 46.09
N GLN A 409 1.55 -4.04 45.61
CA GLN A 409 2.22 -4.60 44.46
C GLN A 409 2.86 -5.96 44.76
N ASP A 410 2.95 -6.35 46.03
CA ASP A 410 3.42 -7.67 46.39
C ASP A 410 2.35 -8.75 46.21
N VAL A 411 1.10 -8.35 45.95
CA VAL A 411 0.03 -9.30 45.65
C VAL A 411 0.20 -9.80 44.22
N PRO A 412 0.58 -11.06 44.02
CA PRO A 412 0.83 -11.54 42.66
C PRO A 412 -0.45 -11.60 41.84
N LEU A 413 -0.29 -11.47 40.52
CA LEU A 413 -1.44 -11.51 39.62
C LEU A 413 -2.20 -12.82 39.72
N GLU A 414 -1.49 -13.92 40.02
CA GLU A 414 -2.16 -15.22 40.14
C GLU A 414 -3.15 -15.24 41.30
N CYS A 415 -2.91 -14.44 42.34
CA CYS A 415 -3.87 -14.35 43.44
C CYS A 415 -5.17 -13.70 42.99
N VAL A 416 -5.07 -12.64 42.20
CA VAL A 416 -6.27 -11.99 41.66
C VAL A 416 -7.02 -12.96 40.76
N THR A 417 -6.29 -13.74 39.96
CA THR A 417 -6.94 -14.74 39.11
C THR A 417 -7.65 -15.80 39.95
N GLN A 418 -7.00 -16.26 41.02
CA GLN A 418 -7.61 -17.25 41.89
C GLN A 418 -8.90 -16.71 42.52
N ALA A 419 -8.88 -15.46 42.97
CA ALA A 419 -10.08 -14.87 43.55
C ALA A 419 -11.20 -14.74 42.54
N LEU A 420 -10.87 -14.45 41.29
CA LEU A 420 -11.90 -14.32 40.25
C LEU A 420 -12.50 -15.67 39.89
N ARG A 421 -11.67 -16.71 39.83
CA ARG A 421 -12.20 -18.05 39.55
C ARG A 421 -13.08 -18.56 40.69
N GLN A 422 -12.79 -18.16 41.93
CA GLN A 422 -13.62 -18.54 43.05
C GLN A 422 -14.97 -17.85 43.05
N ARG A 423 -15.20 -16.91 42.13
CA ARG A 423 -16.50 -16.26 41.96
C ARG A 423 -17.13 -16.60 40.62
N GLY A 424 -16.74 -17.70 40.00
CA GLY A 424 -17.38 -18.18 38.80
C GLY A 424 -16.81 -17.67 37.49
N ALA A 425 -15.62 -17.08 37.50
CA ALA A 425 -15.01 -16.54 36.29
C ALA A 425 -13.94 -17.49 35.77
N SER A 426 -13.83 -17.56 34.44
CA SER A 426 -12.78 -18.36 33.83
C SER A 426 -11.40 -17.76 34.07
N GLY A 427 -11.32 -16.44 34.04
CA GLY A 427 -10.07 -15.75 34.31
C GLY A 427 -10.25 -14.26 34.08
N LEU A 428 -9.14 -13.54 34.20
CA LEU A 428 -9.14 -12.12 33.89
C LEU A 428 -8.40 -11.88 32.59
N PRO A 429 -9.02 -11.23 31.62
CA PRO A 429 -8.42 -11.13 30.28
C PRO A 429 -7.73 -9.81 30.02
N ILE A 430 -6.45 -9.71 30.40
CA ILE A 430 -5.68 -8.48 30.23
C ILE A 430 -5.08 -8.46 28.83
N ARG A 431 -5.57 -7.56 27.98
CA ARG A 431 -5.02 -7.37 26.65
C ARG A 431 -4.21 -6.09 26.51
N ILE A 432 -4.44 -5.09 27.37
CA ILE A 432 -3.79 -3.80 27.28
C ILE A 432 -3.04 -3.55 28.59
N ALA A 433 -1.95 -2.78 28.50
CA ALA A 433 -1.14 -2.49 29.67
C ALA A 433 -0.52 -1.11 29.53
N CYS A 434 -0.02 -0.60 30.66
CA CYS A 434 0.64 0.70 30.72
C CYS A 434 1.77 0.63 31.73
N GLY A 435 2.71 1.57 31.61
CA GLY A 435 3.83 1.62 32.52
C GLY A 435 4.68 2.85 32.26
N ALA A 436 5.72 3.00 33.09
CA ALA A 436 6.62 4.13 32.96
C ALA A 436 7.98 3.76 33.53
N HIS A 437 9.03 4.37 32.97
CA HIS A 437 10.39 4.15 33.43
C HIS A 437 10.92 5.36 34.20
N ALA A 447 31.30 12.23 36.96
CA ALA A 447 32.72 12.06 37.28
C ALA A 447 33.10 10.58 37.31
N GLY A 448 34.29 10.27 36.80
CA GLY A 448 34.79 8.91 36.81
C GLY A 448 34.43 8.16 35.54
N VAL A 449 34.44 6.83 35.67
CA VAL A 449 34.09 5.96 34.56
C VAL A 449 32.62 6.16 34.20
N ARG A 450 32.35 6.25 32.90
CA ARG A 450 30.99 6.41 32.41
C ARG A 450 30.42 5.06 32.00
N VAL A 451 29.21 4.77 32.49
CA VAL A 451 28.54 3.50 32.22
C VAL A 451 27.11 3.82 31.79
N GLU A 452 26.81 3.64 30.51
CA GLU A 452 25.47 3.84 29.96
C GLU A 452 24.89 2.47 29.62
N ALA A 453 23.71 2.18 30.17
CA ALA A 453 23.05 0.90 29.98
C ALA A 453 21.66 1.11 29.41
N ASP A 454 21.31 0.27 28.43
CA ASP A 454 19.99 0.32 27.80
C ASP A 454 19.61 -1.07 27.33
N PHE A 455 18.31 -1.37 27.38
CA PHE A 455 17.81 -2.61 26.81
C PHE A 455 17.57 -2.45 25.31
N ILE A 456 17.81 -3.53 24.58
CA ILE A 456 17.41 -3.63 23.18
C ILE A 456 16.03 -4.28 23.14
N PRO A 457 15.02 -3.59 22.61
CA PRO A 457 13.63 -4.06 22.78
C PRO A 457 13.41 -5.46 22.24
N VAL A 458 12.53 -6.19 22.90
CA VAL A 458 12.20 -7.57 22.52
C VAL A 458 11.18 -7.53 21.39
N PRO A 459 11.44 -8.21 20.27
CA PRO A 459 10.43 -8.26 19.21
C PRO A 459 9.27 -9.16 19.58
N GLY A 460 8.12 -8.89 18.98
CA GLY A 460 6.92 -9.63 19.33
C GLY A 460 6.30 -9.14 20.62
N ALA A 461 4.97 -9.27 20.73
CA ALA A 461 4.24 -8.73 21.86
C ALA A 461 3.31 -9.79 22.42
N ARG A 462 3.38 -10.00 23.74
CA ARG A 462 2.42 -10.88 24.40
C ARG A 462 1.06 -10.20 24.51
N LEU A 463 1.04 -8.91 24.84
CA LEU A 463 -0.19 -8.15 24.99
C LEU A 463 -0.53 -7.43 23.70
N ASP A 464 -1.82 -7.13 23.53
CA ASP A 464 -2.30 -6.53 22.28
C ASP A 464 -1.73 -5.13 22.08
N LEU A 465 -1.69 -4.33 23.14
CA LEU A 465 -1.16 -2.97 23.04
C LEU A 465 -0.66 -2.53 24.40
N THR A 466 0.51 -1.92 24.43
CA THR A 466 1.08 -1.36 25.66
C THR A 466 1.54 0.07 25.38
N LEU A 467 1.50 0.89 26.42
CA LEU A 467 2.00 2.26 26.36
C LEU A 467 2.97 2.46 27.51
N TRP A 468 4.22 2.77 27.19
CA TRP A 468 5.26 3.00 28.18
C TRP A 468 5.79 4.42 28.04
N LEU A 469 5.78 5.16 29.15
CA LEU A 469 6.24 6.54 29.16
C LEU A 469 7.65 6.62 29.73
N GLU A 470 8.55 7.27 28.99
CA GLU A 470 9.94 7.44 29.41
C GLU A 470 10.21 8.91 29.62
N ASP A 471 10.73 9.26 30.79
CA ASP A 471 11.05 10.65 31.13
C ASP A 471 12.46 11.01 30.67
N LEU A 477 8.75 10.54 26.29
CA LEU A 477 8.70 9.63 25.15
C LEU A 477 7.61 8.58 25.34
N ALA A 478 6.70 8.48 24.36
CA ALA A 478 5.60 7.54 24.41
C ALA A 478 5.96 6.34 23.53
N VAL A 479 6.25 5.21 24.17
CA VAL A 479 6.64 3.98 23.47
C VAL A 479 5.41 3.09 23.38
N TRP A 480 4.86 2.94 22.17
CA TRP A 480 3.72 2.08 21.92
C TRP A 480 4.20 0.77 21.32
N THR A 481 3.70 -0.34 21.86
CA THR A 481 4.02 -1.67 21.35
C THR A 481 2.72 -2.43 21.17
N GLY A 482 2.46 -2.90 19.96
CA GLY A 482 1.24 -3.62 19.67
C GLY A 482 1.49 -4.81 18.77
N VAL A 483 0.56 -5.77 18.85
CA VAL A 483 0.56 -6.89 17.92
C VAL A 483 0.21 -6.37 16.53
N SER A 484 1.04 -6.72 15.54
CA SER A 484 0.89 -6.15 14.20
C SER A 484 -0.47 -6.47 13.61
N ALA A 485 -0.99 -7.68 13.86
CA ALA A 485 -2.25 -8.11 13.28
C ALA A 485 -3.46 -7.36 13.84
N ILE A 486 -3.30 -6.64 14.95
CA ILE A 486 -4.39 -5.88 15.56
C ILE A 486 -4.08 -4.38 15.56
N PHE A 487 -2.94 -4.00 16.12
CA PHE A 487 -2.52 -2.59 16.17
C PHE A 487 -1.26 -2.46 15.32
N ASP A 488 -1.44 -2.11 14.05
CA ASP A 488 -0.32 -1.90 13.15
C ASP A 488 0.30 -0.54 13.40
N LEU A 489 1.29 -0.19 12.58
CA LEU A 489 2.02 1.07 12.77
C LEU A 489 1.11 2.27 12.63
N HIS A 490 0.29 2.30 11.57
CA HIS A 490 -0.54 3.46 11.30
C HIS A 490 -1.68 3.58 12.32
N ARG A 491 -2.22 2.46 12.77
CA ARG A 491 -3.24 2.52 13.82
C ARG A 491 -2.67 3.02 15.13
N ILE A 492 -1.42 2.68 15.43
CA ILE A 492 -0.77 3.19 16.63
C ILE A 492 -0.56 4.70 16.53
N GLU A 493 -0.12 5.19 15.36
CA GLU A 493 0.06 6.62 15.17
C GLU A 493 -1.24 7.38 15.35
N ARG A 494 -2.35 6.80 14.87
CA ARG A 494 -3.65 7.45 15.04
C ARG A 494 -4.07 7.45 16.50
N LEU A 495 -3.76 6.37 17.23
CA LEU A 495 -4.11 6.32 18.64
C LEU A 495 -3.27 7.29 19.46
N HIS A 496 -1.99 7.45 19.12
CA HIS A 496 -1.15 8.40 19.83
C HIS A 496 -1.64 9.82 19.64
N GLN A 497 -2.13 10.14 18.43
CA GLN A 497 -2.70 11.46 18.20
C GLN A 497 -3.99 11.66 18.98
N ALA A 498 -4.82 10.62 19.07
CA ALA A 498 -6.03 10.69 19.87
C ALA A 498 -5.70 10.77 21.35
N TRP A 499 -4.62 10.11 21.78
CA TRP A 499 -4.19 10.20 23.17
C TRP A 499 -3.73 11.61 23.52
N GLU A 500 -2.97 12.24 22.62
CA GLU A 500 -2.52 13.61 22.87
C GLU A 500 -3.69 14.59 22.89
N ARG A 501 -4.67 14.38 22.00
CA ARG A 501 -5.85 15.26 22.00
C ARG A 501 -6.67 15.06 23.26
N ARG A 502 -6.90 13.81 23.66
CA ARG A 502 -7.67 13.53 24.86
C ARG A 502 -7.03 14.16 26.09
N LEU A 503 -5.70 14.22 26.14
CA LEU A 503 -5.04 14.84 27.28
C LEU A 503 -5.26 16.34 27.30
N LEU A 504 -5.09 17.00 26.16
CA LEU A 504 -5.31 18.44 26.09
C LEU A 504 -6.75 18.80 26.39
N ALA A 505 -7.70 17.98 25.91
CA ALA A 505 -9.10 18.26 26.16
C ALA A 505 -9.45 18.10 27.64
N ASN A 506 -8.93 17.05 28.28
CA ASN A 506 -9.21 16.82 29.69
C ASN A 506 -8.66 17.95 30.56
N ALA A 507 -7.56 18.56 30.15
CA ALA A 507 -6.97 19.66 30.90
C ALA A 507 -7.67 20.97 30.60
N GLY B 40 45.63 -12.73 -12.89
CA GLY B 40 45.17 -12.71 -11.51
C GLY B 40 43.68 -13.05 -11.35
N ASP B 41 43.41 -14.03 -10.49
CA ASP B 41 42.07 -14.43 -10.06
C ASP B 41 41.29 -15.16 -11.15
N SER B 42 40.46 -16.11 -10.74
CA SER B 42 39.65 -16.91 -11.65
C SER B 42 38.33 -16.25 -12.02
N LEU B 43 37.78 -15.41 -11.14
CA LEU B 43 36.53 -14.71 -11.45
C LEU B 43 36.75 -13.56 -12.43
N ARG B 44 37.90 -12.90 -12.38
CA ARG B 44 38.22 -11.91 -13.41
C ARG B 44 38.41 -12.58 -14.77
N ALA B 45 38.90 -13.82 -14.77
CA ALA B 45 39.01 -14.56 -16.02
C ALA B 45 37.63 -14.88 -16.59
N VAL B 46 36.69 -15.26 -15.72
CA VAL B 46 35.32 -15.52 -16.16
C VAL B 46 34.68 -14.27 -16.73
N HIS B 47 34.89 -13.13 -16.07
CA HIS B 47 34.33 -11.87 -16.56
C HIS B 47 34.97 -11.45 -17.88
N LEU B 48 36.27 -11.72 -18.02
CA LEU B 48 36.95 -11.38 -19.28
C LEU B 48 36.36 -12.17 -20.44
N LEU B 49 36.23 -13.49 -20.28
CA LEU B 49 35.68 -14.30 -21.35
C LEU B 49 34.20 -14.01 -21.59
N ALA B 50 33.48 -13.59 -20.54
CA ALA B 50 32.09 -13.21 -20.72
C ALA B 50 31.96 -11.89 -21.46
N THR B 51 32.91 -10.98 -21.25
CA THR B 51 32.89 -9.71 -22.00
C THR B 51 33.19 -9.95 -23.47
N LEU B 52 34.25 -10.71 -23.77
CA LEU B 52 34.54 -11.09 -25.15
C LEU B 52 33.38 -11.85 -25.77
N ARG B 53 32.68 -12.66 -24.96
CA ARG B 53 31.50 -13.37 -25.43
C ARG B 53 30.44 -12.40 -25.94
N GLN B 54 30.07 -11.43 -25.09
CA GLN B 54 29.02 -10.49 -25.46
C GLN B 54 29.42 -9.60 -26.63
N ARG B 55 30.72 -9.33 -26.78
CA ARG B 55 31.18 -8.44 -27.84
C ARG B 55 31.43 -9.17 -29.16
N LEU B 56 32.07 -10.33 -29.12
CA LEU B 56 32.51 -11.02 -30.32
C LEU B 56 31.71 -12.27 -30.66
N SER B 57 30.81 -12.70 -29.78
CA SER B 57 30.06 -13.94 -29.96
C SER B 57 31.00 -15.14 -30.14
N ARG B 58 32.05 -15.18 -29.32
CA ARG B 58 33.08 -16.21 -29.42
C ARG B 58 33.25 -16.85 -28.05
N ARG B 59 33.26 -18.18 -28.03
CA ARG B 59 33.28 -18.98 -26.79
C ARG B 59 34.68 -19.52 -26.57
N VAL B 60 35.44 -18.86 -25.70
CA VAL B 60 36.75 -19.34 -25.28
C VAL B 60 36.56 -20.11 -23.98
N PRO B 61 36.90 -21.41 -23.94
CA PRO B 61 36.69 -22.18 -22.72
C PRO B 61 37.58 -21.69 -21.59
N LEU B 62 37.04 -21.71 -20.37
CA LEU B 62 37.75 -21.16 -19.23
C LEU B 62 39.03 -21.93 -18.93
N GLN B 63 38.96 -23.27 -19.02
CA GLN B 63 40.13 -24.08 -18.68
C GLN B 63 41.26 -23.91 -19.68
N ALA B 64 40.94 -23.70 -20.96
CA ALA B 64 41.98 -23.49 -21.96
C ALA B 64 42.74 -22.20 -21.71
N PHE B 65 42.04 -21.14 -21.29
CA PHE B 65 42.68 -19.86 -21.03
C PHE B 65 43.27 -19.81 -19.62
N ALA B 66 42.43 -19.92 -18.60
CA ALA B 66 42.86 -19.77 -17.22
C ALA B 66 43.71 -20.94 -16.72
N GLY B 67 43.82 -22.02 -17.48
CA GLY B 67 44.61 -23.16 -17.06
C GLY B 67 46.10 -22.93 -17.17
N PRO B 69 48.35 -21.22 -19.97
CA PRO B 69 49.33 -20.12 -20.00
C PRO B 69 48.74 -18.79 -19.57
N ALA B 70 47.54 -18.49 -20.06
CA ALA B 70 46.79 -17.28 -19.70
C ALA B 70 47.55 -16.01 -20.07
N THR B 71 48.22 -16.04 -21.21
CA THR B 71 48.93 -14.89 -21.74
C THR B 71 48.08 -14.19 -22.80
N PRO B 72 48.31 -12.90 -23.05
CA PRO B 72 47.57 -12.22 -24.12
C PRO B 72 47.74 -12.88 -25.47
N GLU B 73 48.91 -13.48 -25.73
CA GLU B 73 49.11 -14.22 -26.97
C GLU B 73 48.29 -15.50 -26.98
N ALA B 74 48.25 -16.22 -25.85
CA ALA B 74 47.48 -17.46 -25.77
C ALA B 74 45.99 -17.20 -25.91
N LEU B 75 45.49 -16.13 -25.27
CA LEU B 75 44.08 -15.80 -25.38
C LEU B 75 43.72 -15.32 -26.77
N LEU B 76 44.62 -14.56 -27.40
CA LEU B 76 44.38 -14.09 -28.76
C LEU B 76 44.24 -15.27 -29.72
N GLU B 77 45.07 -16.31 -29.55
CA GLU B 77 44.94 -17.50 -30.37
C GLU B 77 43.62 -18.22 -30.11
N LEU B 78 43.28 -18.39 -28.83
CA LEU B 78 42.01 -19.04 -28.48
C LEU B 78 40.82 -18.29 -29.06
N LEU B 79 40.91 -16.96 -29.14
CA LEU B 79 39.83 -16.19 -29.75
C LEU B 79 39.71 -16.48 -31.24
N ARG B 80 40.83 -16.77 -31.90
CA ARG B 80 40.79 -17.08 -33.32
C ARG B 80 40.19 -18.47 -33.58
N GLN B 81 40.63 -19.47 -32.81
CA GLN B 81 40.16 -20.84 -33.02
C GLN B 81 38.66 -20.99 -32.75
N ALA B 82 38.06 -20.07 -32.02
CA ALA B 82 36.63 -20.13 -31.77
C ALA B 82 35.86 -19.62 -32.98
N ALA B 95 5.09 -17.44 -19.19
CA ALA B 95 4.68 -17.28 -17.80
C ALA B 95 5.89 -17.14 -16.88
N ALA B 96 5.79 -16.25 -15.90
CA ALA B 96 6.90 -15.98 -15.01
C ALA B 96 7.06 -17.12 -13.99
N GLY B 97 8.31 -17.37 -13.60
CA GLY B 97 8.62 -18.39 -12.62
C GLY B 97 9.90 -18.04 -11.90
N LEU B 98 10.24 -18.85 -10.91
CA LEU B 98 11.48 -18.71 -10.18
C LEU B 98 12.55 -19.63 -10.76
N SER B 99 13.80 -19.21 -10.64
CA SER B 99 14.92 -20.07 -10.99
C SER B 99 15.10 -21.13 -9.90
N LEU B 100 15.95 -22.11 -10.19
CA LEU B 100 16.25 -23.13 -9.19
C LEU B 100 17.05 -22.55 -8.03
N ALA B 101 17.82 -21.47 -8.27
CA ALA B 101 18.51 -20.80 -7.19
C ALA B 101 17.53 -20.11 -6.25
N GLU B 102 16.50 -19.48 -6.80
CA GLU B 102 15.47 -18.85 -5.98
C GLU B 102 14.51 -19.87 -5.38
N ARG B 103 14.24 -20.96 -6.09
CA ARG B 103 13.24 -21.92 -5.65
C ARG B 103 13.72 -22.71 -4.43
N ARG B 104 14.98 -23.13 -4.42
CA ARG B 104 15.47 -23.97 -3.32
C ARG B 104 15.45 -23.23 -1.99
N LEU B 105 15.64 -21.91 -2.01
CA LEU B 105 15.54 -21.14 -0.78
C LEU B 105 14.10 -20.78 -0.46
N TRP B 106 13.25 -20.62 -1.48
CA TRP B 106 11.84 -20.39 -1.22
C TRP B 106 11.14 -21.65 -0.72
N VAL B 107 11.52 -22.81 -1.26
CA VAL B 107 10.90 -24.07 -0.83
C VAL B 107 11.32 -24.41 0.59
N ALA B 108 12.61 -24.26 0.90
CA ALA B 108 13.08 -24.50 2.26
C ALA B 108 12.37 -23.61 3.27
N GLN B 109 12.04 -22.38 2.87
CA GLN B 109 11.28 -21.51 3.76
C GLN B 109 9.86 -22.03 3.97
N GLN B 110 9.25 -22.59 2.92
CA GLN B 110 7.89 -23.11 3.06
C GLN B 110 7.84 -24.31 3.99
N LEU B 111 8.91 -25.12 4.03
CA LEU B 111 8.91 -26.29 4.89
C LEU B 111 8.98 -25.92 6.37
N ALA B 112 9.60 -24.78 6.68
CA ALA B 112 9.70 -24.28 8.06
C ALA B 112 9.34 -22.80 8.04
N PRO B 113 8.03 -22.48 8.02
CA PRO B 113 7.62 -21.08 7.87
C PRO B 113 8.06 -20.19 9.01
N GLU B 114 8.16 -20.71 10.23
CA GLU B 114 8.56 -19.91 11.38
C GLU B 114 10.07 -19.77 11.53
N ASP B 115 10.85 -20.44 10.68
CA ASP B 115 12.29 -20.31 10.71
C ASP B 115 12.70 -19.01 10.04
N THR B 116 13.51 -18.21 10.75
CA THR B 116 13.96 -16.92 10.24
C THR B 116 15.42 -16.93 9.82
N SER B 117 16.03 -18.11 9.68
CA SER B 117 17.44 -18.22 9.31
C SER B 117 17.69 -17.92 7.84
N TYR B 118 16.67 -17.56 7.07
CA TYR B 118 16.83 -17.13 5.69
C TYR B 118 16.66 -15.63 5.53
N ASN B 119 16.71 -14.88 6.63
CA ASN B 119 16.66 -13.42 6.59
C ASN B 119 18.06 -12.86 6.46
N LEU B 120 18.28 -12.03 5.45
CA LEU B 120 19.56 -11.38 5.23
C LEU B 120 19.48 -9.95 5.73
N LEU B 121 20.36 -9.61 6.68
CA LEU B 121 20.44 -8.27 7.24
C LEU B 121 21.71 -7.60 6.73
N ALA B 122 21.56 -6.45 6.08
CA ALA B 122 22.69 -5.70 5.56
C ALA B 122 22.71 -4.31 6.19
N HIS B 123 23.85 -3.91 6.71
CA HIS B 123 24.05 -2.59 7.28
C HIS B 123 24.89 -1.76 6.31
N LEU B 124 24.34 -0.63 5.88
CA LEU B 124 25.03 0.27 4.97
C LEU B 124 25.30 1.58 5.71
N ARG B 125 26.56 1.98 5.78
CA ARG B 125 26.98 3.23 6.40
C ARG B 125 27.28 4.25 5.31
N ILE B 126 26.54 5.35 5.31
CA ILE B 126 26.63 6.37 4.28
C ILE B 126 27.12 7.66 4.93
N VAL B 127 28.12 8.29 4.31
CA VAL B 127 28.70 9.54 4.81
C VAL B 127 28.78 10.52 3.66
N GLY B 128 28.09 11.66 3.80
CA GLY B 128 28.19 12.75 2.84
C GLY B 128 26.94 13.04 2.04
N ALA B 129 25.83 12.37 2.32
CA ALA B 129 24.59 12.56 1.58
C ALA B 129 23.48 12.97 2.53
N THR B 130 22.49 13.68 1.99
CA THR B 130 21.33 14.10 2.76
C THR B 130 20.30 12.97 2.83
N ALA B 131 19.39 13.09 3.79
CA ALA B 131 18.36 12.06 3.98
C ALA B 131 17.44 11.99 2.78
N ASP B 132 17.13 13.13 2.16
CA ASP B 132 16.23 13.15 1.02
C ASP B 132 16.87 12.47 -0.20
N ALA B 133 18.14 12.78 -0.47
CA ALA B 133 18.82 12.18 -1.60
C ALA B 133 18.97 10.67 -1.42
N ILE B 134 19.27 10.24 -0.19
CA ILE B 134 19.38 8.81 0.08
C ILE B 134 18.05 8.12 -0.14
N GLU B 135 16.97 8.71 0.37
CA GLU B 135 15.65 8.10 0.25
C GLU B 135 15.22 8.01 -1.21
N GLN B 136 15.36 9.11 -1.96
CA GLN B 136 14.94 9.09 -3.36
C GLN B 136 15.83 8.17 -4.20
N ALA B 137 17.09 7.99 -3.80
CA ALA B 137 17.96 7.05 -4.50
C ALA B 137 17.54 5.61 -4.25
N LEU B 138 17.12 5.31 -3.02
CA LEU B 138 16.68 3.95 -2.70
C LEU B 138 15.40 3.59 -3.44
N ARG B 139 14.48 4.55 -3.60
CA ARG B 139 13.28 4.30 -4.38
C ARG B 139 13.61 3.98 -5.82
N GLN B 140 14.56 4.71 -6.40
CA GLN B 140 15.00 4.39 -7.76
C GLN B 140 15.64 3.02 -7.84
N LEU B 141 16.45 2.66 -6.83
CA LEU B 141 17.06 1.34 -6.82
C LEU B 141 16.01 0.25 -6.63
N LEU B 142 15.00 0.50 -5.80
CA LEU B 142 13.90 -0.44 -5.65
C LEU B 142 13.13 -0.59 -6.96
N GLU B 143 12.92 0.50 -7.67
CA GLU B 143 12.28 0.42 -8.98
C GLU B 143 13.15 -0.33 -9.98
N ARG B 144 14.47 -0.19 -9.87
CA ARG B 144 15.39 -0.77 -10.84
C ARG B 144 15.55 -2.28 -10.66
N HIS B 145 15.51 -2.78 -9.43
CA HIS B 145 15.74 -4.19 -9.14
C HIS B 145 14.43 -4.80 -8.65
N VAL B 146 13.75 -5.51 -9.54
CA VAL B 146 12.40 -5.97 -9.26
C VAL B 146 12.38 -7.08 -8.22
N ALA B 147 13.49 -7.78 -8.02
CA ALA B 147 13.51 -8.89 -7.06
C ALA B 147 13.21 -8.43 -5.64
N LEU B 148 13.49 -7.17 -5.33
CA LEU B 148 13.23 -6.63 -4.00
C LEU B 148 11.78 -6.23 -3.78
N ARG B 149 10.92 -6.35 -4.80
CA ARG B 149 9.53 -5.92 -4.69
C ARG B 149 8.61 -6.89 -5.45
N ARG B 150 8.76 -8.18 -5.17
CA ARG B 150 7.91 -9.20 -5.79
C ARG B 150 7.25 -10.05 -4.72
N ARG B 151 6.02 -10.49 -5.01
CA ARG B 151 5.31 -11.47 -4.21
C ARG B 151 5.28 -12.79 -4.98
N VAL B 152 5.24 -13.90 -4.24
CA VAL B 152 5.28 -15.23 -4.82
C VAL B 152 3.98 -15.93 -4.50
N GLU B 153 3.22 -16.29 -5.53
CA GLU B 153 1.93 -16.94 -5.38
C GLU B 153 2.08 -18.44 -5.65
N THR B 154 1.50 -19.25 -4.77
CA THR B 154 1.47 -20.72 -4.89
C THR B 154 2.80 -21.34 -5.33
N PRO B 159 5.34 -21.86 -7.83
CA PRO B 159 5.71 -20.49 -7.47
C PRO B 159 5.70 -19.55 -8.66
N GLN B 160 4.92 -18.48 -8.57
CA GLN B 160 4.79 -17.50 -9.64
C GLN B 160 5.07 -16.11 -9.09
N PRO B 161 6.18 -15.47 -9.45
CA PRO B 161 6.46 -14.13 -8.96
C PRO B 161 5.63 -13.08 -9.68
N HIS B 162 5.12 -12.13 -8.91
CA HIS B 162 4.35 -11.00 -9.44
C HIS B 162 4.92 -9.71 -8.88
N ALA B 163 5.11 -8.72 -9.74
CA ALA B 163 5.75 -7.48 -9.34
C ALA B 163 4.80 -6.58 -8.56
N LEU B 164 5.37 -5.82 -7.64
CA LEU B 164 4.65 -4.80 -6.88
C LEU B 164 5.28 -3.44 -7.16
N ALA B 165 4.55 -2.39 -6.81
CA ALA B 165 5.09 -1.05 -6.95
C ALA B 165 6.30 -0.86 -6.04
N ALA B 166 7.20 0.02 -6.47
CA ALA B 166 8.40 0.29 -5.66
C ALA B 166 8.03 0.87 -4.31
N HIS B 167 7.00 1.71 -4.27
CA HIS B 167 6.58 2.33 -3.01
C HIS B 167 6.02 1.31 -2.03
N ALA B 168 5.67 0.11 -2.48
CA ALA B 168 5.15 -0.92 -1.59
C ALA B 168 6.22 -1.52 -0.68
N VAL B 169 7.48 -1.14 -0.86
CA VAL B 169 8.55 -1.61 0.01
C VAL B 169 8.61 -0.73 1.25
N PRO B 170 8.50 -1.31 2.45
CA PRO B 170 8.54 -0.48 3.66
C PRO B 170 9.87 0.25 3.80
N LEU B 171 9.79 1.57 3.95
CA LEU B 171 10.96 2.42 4.13
C LEU B 171 10.66 3.39 5.26
N GLN B 172 11.27 3.15 6.41
CA GLN B 172 11.07 3.99 7.60
C GLN B 172 12.27 4.92 7.77
N ARG B 173 12.01 6.22 7.80
CA ARG B 173 13.03 7.23 8.02
C ARG B 173 12.94 7.71 9.47
N LEU B 174 14.04 7.59 10.21
CA LEU B 174 14.10 7.96 11.62
C LEU B 174 15.24 8.93 11.85
N LEU B 175 14.97 9.95 12.66
CA LEU B 175 15.99 10.95 13.02
C LEU B 175 16.49 10.64 14.42
N ALA B 176 17.80 10.49 14.56
CA ALA B 176 18.43 10.22 15.85
C ALA B 176 19.11 11.49 16.35
N SER B 177 19.08 11.68 17.67
CA SER B 177 19.65 12.90 18.25
C SER B 177 21.17 12.92 18.19
N ASP B 178 21.81 11.76 18.33
CA ASP B 178 23.26 11.68 18.28
C ASP B 178 23.66 10.28 17.82
N ALA B 179 24.98 10.04 17.79
CA ALA B 179 25.49 8.78 17.26
C ALA B 179 25.06 7.59 18.10
N VAL B 180 25.05 7.74 19.43
CA VAL B 180 24.73 6.63 20.31
C VAL B 180 23.26 6.22 20.13
N HIS B 181 22.36 7.19 20.03
CA HIS B 181 20.97 6.87 19.76
C HIS B 181 20.80 6.24 18.39
N ALA B 182 21.68 6.57 17.44
CA ALA B 182 21.64 5.94 16.12
C ALA B 182 21.97 4.45 16.22
N GLU B 183 23.03 4.10 16.96
CA GLU B 183 23.36 2.70 17.19
C GLU B 183 22.19 1.98 17.85
N ARG B 184 21.59 2.60 18.86
CA ARG B 184 20.46 1.98 19.56
C ARG B 184 19.31 1.71 18.59
N LEU B 185 18.99 2.68 17.73
CA LEU B 185 17.96 2.45 16.71
C LEU B 185 18.38 1.35 15.75
N LEU B 186 19.68 1.25 15.43
CA LEU B 186 20.15 0.19 14.56
C LEU B 186 20.08 -1.16 15.23
N GLU B 187 20.53 -1.24 16.49
CA GLU B 187 20.48 -2.51 17.22
C GLU B 187 19.04 -2.96 17.40
N ASP B 188 18.11 -2.02 17.63
CA ASP B 188 16.70 -2.38 17.75
C ASP B 188 16.17 -2.95 16.44
N GLY B 189 16.53 -2.33 15.32
CA GLY B 189 16.11 -2.86 14.03
C GLY B 189 16.71 -4.21 13.73
N VAL B 190 17.97 -4.43 14.13
CA VAL B 190 18.61 -5.72 13.91
C VAL B 190 17.85 -6.83 14.63
N ARG B 191 17.44 -6.58 15.87
CA ARG B 191 16.71 -7.59 16.61
C ARG B 191 15.30 -7.79 16.03
N ARG B 192 14.66 -6.70 15.59
CA ARG B 192 13.31 -6.82 15.04
C ARG B 192 13.33 -7.53 13.69
N GLU B 193 14.26 -7.17 12.81
CA GLU B 193 14.30 -7.77 11.48
C GLU B 193 14.81 -9.21 11.53
N GLY B 194 15.73 -9.51 12.44
CA GLY B 194 16.20 -10.88 12.57
C GLY B 194 15.10 -11.85 12.99
N ALA B 195 14.09 -11.35 13.69
CA ALA B 195 12.98 -12.18 14.16
C ALA B 195 11.76 -12.13 13.24
N ARG B 196 11.78 -11.29 12.22
CA ARG B 196 10.60 -11.10 11.38
C ARG B 196 10.37 -12.31 10.47
N VAL B 197 9.11 -12.70 10.35
CA VAL B 197 8.69 -13.71 9.39
C VAL B 197 8.12 -12.99 8.18
N PHE B 198 8.85 -13.05 7.06
CA PHE B 198 8.40 -12.39 5.84
C PHE B 198 7.17 -13.08 5.27
N ASP B 199 6.14 -12.31 4.97
CA ASP B 199 4.98 -12.80 4.22
C ASP B 199 5.33 -12.72 2.74
N LEU B 200 6.01 -13.76 2.26
CA LEU B 200 6.52 -13.76 0.89
C LEU B 200 5.41 -13.85 -0.15
N ALA B 201 4.22 -14.29 0.24
CA ALA B 201 3.13 -14.46 -0.71
C ALA B 201 2.34 -13.18 -0.99
N HIS B 202 2.43 -12.18 -0.11
CA HIS B 202 1.59 -10.99 -0.23
C HIS B 202 2.34 -9.67 -0.15
N GLU B 203 3.57 -9.65 0.38
CA GLU B 203 4.30 -8.40 0.55
C GLU B 203 5.67 -8.50 -0.12
N ALA B 204 6.33 -7.36 -0.25
CA ALA B 204 7.68 -7.33 -0.79
C ALA B 204 8.63 -8.06 0.16
N PRO B 205 9.64 -8.76 -0.37
CA PRO B 205 10.53 -9.53 0.50
C PRO B 205 11.65 -8.69 1.09
N ALA B 206 11.54 -7.36 1.02
CA ALA B 206 12.58 -6.46 1.49
C ALA B 206 11.98 -5.35 2.34
N ARG B 207 12.79 -4.85 3.26
CA ARG B 207 12.43 -3.72 4.12
C ARG B 207 13.66 -2.86 4.33
N LEU B 208 13.44 -1.57 4.58
CA LEU B 208 14.52 -0.60 4.69
C LEU B 208 14.32 0.25 5.92
N LEU B 209 15.38 0.42 6.70
CA LEU B 209 15.40 1.31 7.85
C LEU B 209 16.52 2.33 7.64
N LEU B 210 16.14 3.60 7.52
CA LEU B 210 17.08 4.69 7.31
C LEU B 210 17.18 5.51 8.59
N VAL B 211 18.38 5.58 9.17
CA VAL B 211 18.62 6.30 10.40
C VAL B 211 19.62 7.42 10.11
N VAL B 212 19.18 8.66 10.29
CA VAL B 212 20.01 9.83 10.05
C VAL B 212 20.38 10.44 11.40
N THR B 213 21.65 10.80 11.55
CA THR B 213 22.16 11.36 12.79
C THR B 213 22.12 12.89 12.69
N ARG B 214 21.41 13.52 13.63
CA ARG B 214 21.29 14.97 13.64
C ARG B 214 22.65 15.63 13.76
N ASP B 215 22.86 16.69 12.98
CA ASP B 215 24.10 17.46 12.96
C ASP B 215 25.30 16.57 12.64
N SER B 216 25.14 15.75 11.61
CA SER B 216 26.20 14.84 11.19
C SER B 216 25.95 14.41 9.75
N ALA B 217 27.04 14.22 9.02
CA ALA B 217 26.96 13.74 7.63
C ALA B 217 26.78 12.23 7.54
N ARG B 218 26.69 11.53 8.67
CA ARG B 218 26.59 10.08 8.67
C ARG B 218 25.14 9.65 8.69
N ALA B 219 24.81 8.69 7.83
CA ALA B 219 23.51 8.05 7.82
C ALA B 219 23.69 6.55 7.78
N ASP B 220 22.78 5.82 8.40
CA ASP B 220 22.85 4.37 8.48
C ASP B 220 21.60 3.77 7.84
N LEU B 221 21.81 2.68 7.11
CA LEU B 221 20.74 2.01 6.39
C LEU B 221 20.74 0.53 6.78
N LEU B 222 19.60 0.05 7.25
CA LEU B 222 19.42 -1.36 7.57
C LEU B 222 18.49 -1.97 6.54
N LEU B 223 19.04 -2.86 5.71
CA LEU B 223 18.30 -3.55 4.67
C LEU B 223 18.06 -4.98 5.11
N SER B 224 16.79 -5.35 5.26
CA SER B 224 16.40 -6.72 5.57
C SER B 224 15.66 -7.29 4.37
N VAL B 225 16.16 -8.41 3.86
CA VAL B 225 15.60 -9.00 2.64
C VAL B 225 15.73 -10.52 2.75
N HIS B 226 14.68 -11.21 2.32
CA HIS B 226 14.71 -12.67 2.31
C HIS B 226 15.78 -13.17 1.34
N HIS B 227 16.36 -14.33 1.68
CA HIS B 227 17.48 -14.85 0.92
C HIS B 227 17.10 -15.23 -0.50
N TYR B 228 15.84 -15.63 -0.74
CA TYR B 228 15.43 -16.01 -2.09
C TYR B 228 15.48 -14.85 -3.07
N ALA B 229 15.61 -13.61 -2.59
CA ALA B 229 15.64 -12.43 -3.45
C ALA B 229 16.92 -11.62 -3.29
N PHE B 230 18.00 -12.23 -2.80
CA PHE B 230 19.22 -11.50 -2.53
C PHE B 230 20.37 -12.49 -2.37
N ASP B 231 21.58 -11.99 -2.52
CA ASP B 231 22.79 -12.77 -2.23
C ASP B 231 23.95 -11.79 -2.00
N ASP B 232 25.16 -12.34 -1.89
CA ASP B 232 26.32 -11.52 -1.57
C ASP B 232 26.62 -10.51 -2.67
N VAL B 233 26.69 -10.97 -3.92
CA VAL B 233 27.00 -10.08 -5.04
C VAL B 233 25.93 -8.99 -5.16
N SER B 234 24.68 -9.32 -4.83
CA SER B 234 23.61 -8.33 -4.92
C SER B 234 23.85 -7.14 -4.01
N LEU B 235 24.51 -7.35 -2.87
CA LEU B 235 24.80 -6.25 -1.97
C LEU B 235 25.86 -5.33 -2.56
N ALA B 236 26.90 -5.89 -3.17
CA ALA B 236 27.91 -5.06 -3.81
C ALA B 236 27.32 -4.28 -4.97
N VAL B 237 26.43 -4.92 -5.74
CA VAL B 237 25.73 -4.20 -6.81
C VAL B 237 24.86 -3.10 -6.22
N PHE B 238 24.11 -3.42 -5.17
CA PHE B 238 23.21 -2.44 -4.56
C PHE B 238 24.00 -1.27 -3.95
N ALA B 239 25.10 -1.57 -3.28
CA ALA B 239 25.89 -0.51 -2.65
C ALA B 239 26.58 0.36 -3.68
N ALA B 240 27.14 -0.25 -4.73
CA ALA B 240 27.82 0.51 -5.76
C ALA B 240 26.84 1.43 -6.51
N GLU B 241 25.66 0.91 -6.86
CA GLU B 241 24.68 1.72 -7.57
C GLU B 241 24.10 2.81 -6.67
N LEU B 242 24.05 2.58 -5.36
CA LEU B 242 23.64 3.63 -4.44
C LEU B 242 24.67 4.75 -4.40
N LYS B 243 25.97 4.40 -4.42
CA LYS B 243 27.01 5.41 -4.41
C LYS B 243 27.04 6.18 -5.73
N THR B 244 26.79 5.50 -6.84
CA THR B 244 26.71 6.19 -8.13
C THR B 244 25.59 7.22 -8.14
N LEU B 245 24.41 6.84 -7.60
CA LEU B 245 23.27 7.75 -7.59
C LEU B 245 23.50 8.93 -6.66
N LEU B 246 24.14 8.69 -5.51
CA LEU B 246 24.38 9.76 -4.56
C LEU B 246 25.48 10.71 -5.02
N ASP B 247 26.36 10.25 -5.92
CA ASP B 247 27.42 11.10 -6.47
C ASP B 247 26.96 11.91 -7.68
N GLY B 248 25.76 11.67 -8.18
CA GLY B 248 25.25 12.38 -9.34
C GLY B 248 25.31 11.62 -10.65
N GLY B 249 25.77 10.38 -10.63
CA GLY B 249 25.90 9.60 -11.84
C GLY B 249 24.59 8.97 -12.28
N ARG B 250 24.68 8.23 -13.38
CA ARG B 250 23.53 7.58 -13.98
C ARG B 250 23.76 6.07 -14.05
N LEU B 251 22.65 5.33 -14.11
CA LEU B 251 22.69 3.87 -14.20
C LEU B 251 22.16 3.46 -15.57
N GLY B 252 22.96 2.70 -16.30
CA GLY B 252 22.52 2.19 -17.59
C GLY B 252 21.37 1.21 -17.46
N VAL B 253 20.68 1.00 -18.58
CA VAL B 253 19.54 0.09 -18.59
C VAL B 253 20.02 -1.33 -18.36
N LEU B 254 19.30 -2.07 -17.51
CA LEU B 254 19.66 -3.46 -17.24
C LEU B 254 19.28 -4.33 -18.44
N ALA B 255 20.19 -5.24 -18.78
CA ALA B 255 20.00 -6.11 -19.93
C ALA B 255 19.21 -7.38 -19.61
N SER B 256 18.82 -7.58 -18.35
CA SER B 256 18.13 -8.80 -17.97
C SER B 256 17.38 -8.56 -16.66
N THR B 257 16.59 -9.56 -16.28
CA THR B 257 15.76 -9.56 -15.09
C THR B 257 15.83 -10.94 -14.47
N PRO B 258 15.43 -11.09 -13.20
CA PRO B 258 15.39 -12.44 -12.60
C PRO B 258 14.45 -13.40 -13.32
N GLU B 259 13.32 -12.91 -13.84
CA GLU B 259 12.41 -13.78 -14.57
C GLU B 259 13.02 -14.24 -15.88
N GLN B 260 13.84 -13.40 -16.51
CA GLN B 260 14.54 -13.84 -17.72
C GLN B 260 15.60 -14.89 -17.40
N VAL B 261 16.29 -14.73 -16.26
CA VAL B 261 17.27 -15.74 -15.85
C VAL B 261 16.60 -17.10 -15.67
N ALA B 262 15.42 -17.11 -15.04
CA ALA B 262 14.70 -18.36 -14.85
C ALA B 262 14.27 -18.95 -16.18
N ALA B 263 13.79 -18.11 -17.09
CA ALA B 263 13.34 -18.60 -18.39
C ALA B 263 14.49 -19.20 -19.19
N ARG B 264 15.67 -18.56 -19.16
CA ARG B 264 16.84 -19.16 -19.79
C ARG B 264 17.19 -20.51 -19.17
N GLU B 265 16.91 -20.68 -17.87
CA GLU B 265 17.22 -21.94 -17.21
C GLU B 265 16.24 -23.05 -17.62
N ARG B 266 14.96 -22.72 -17.77
CA ARG B 266 14.02 -23.73 -18.25
C ARG B 266 14.39 -24.21 -19.64
N ALA B 267 14.88 -23.31 -20.49
CA ALA B 267 15.35 -23.70 -21.81
C ALA B 267 16.60 -24.56 -21.71
N ALA B 268 17.53 -24.19 -20.84
CA ALA B 268 18.75 -24.98 -20.68
C ALA B 268 18.47 -26.34 -20.07
N LEU B 269 17.45 -26.44 -19.21
CA LEU B 269 17.07 -27.73 -18.66
C LEU B 269 16.38 -28.59 -19.71
N ALA B 270 15.51 -27.98 -20.54
CA ALA B 270 14.79 -28.74 -21.55
C ALA B 270 15.75 -29.31 -22.59
N SER B 271 16.86 -28.63 -22.86
CA SER B 271 17.83 -29.10 -23.85
C SER B 271 18.73 -30.20 -23.31
N GLY B 272 18.63 -30.56 -22.03
CA GLY B 272 19.50 -31.55 -21.45
C GLY B 272 20.96 -31.16 -21.37
N ARG B 273 21.31 -29.93 -21.73
CA ARG B 273 22.70 -29.50 -21.71
C ARG B 273 23.26 -29.50 -20.29
N LEU B 274 22.45 -29.13 -19.31
CA LEU B 274 22.91 -29.07 -17.93
C LEU B 274 22.97 -30.44 -17.27
N ASP B 275 22.06 -31.33 -17.64
CA ASP B 275 22.05 -32.67 -17.04
C ASP B 275 23.17 -33.55 -17.59
N ARG B 276 23.57 -33.32 -18.85
CA ARG B 276 24.70 -34.08 -19.39
C ARG B 276 25.99 -33.75 -18.65
N VAL B 277 26.19 -32.48 -18.30
CA VAL B 277 27.35 -32.11 -17.49
C VAL B 277 27.23 -32.71 -16.10
N ALA B 278 26.01 -32.79 -15.56
CA ALA B 278 25.83 -33.37 -14.23
C ALA B 278 26.16 -34.85 -14.22
N GLU B 279 25.75 -35.58 -15.27
CA GLU B 279 26.10 -36.99 -15.37
C GLU B 279 27.60 -37.18 -15.45
N ARG B 280 28.29 -36.31 -16.21
CA ARG B 280 29.74 -36.38 -16.31
C ARG B 280 30.40 -36.20 -14.95
N TRP B 281 29.87 -35.28 -14.14
CA TRP B 281 30.42 -35.08 -12.80
C TRP B 281 30.06 -36.23 -11.88
N ALA B 282 28.92 -36.88 -12.09
CA ALA B 282 28.48 -37.96 -11.22
C ALA B 282 29.44 -39.15 -11.25
N GLU B 283 30.31 -39.24 -12.25
CA GLU B 283 31.28 -40.32 -12.30
C GLU B 283 32.28 -40.20 -11.15
N ARG B 284 32.92 -39.03 -11.01
CA ARG B 284 33.90 -38.84 -9.96
C ARG B 284 33.25 -38.77 -8.58
N LEU B 285 32.04 -38.24 -8.50
CA LEU B 285 31.41 -38.01 -7.20
C LEU B 285 30.75 -39.27 -6.62
N LEU B 286 30.52 -40.29 -7.44
CA LEU B 286 29.82 -41.48 -6.97
C LEU B 286 30.50 -42.18 -5.79
N PRO B 287 31.82 -42.38 -5.77
CA PRO B 287 32.42 -43.00 -4.58
C PRO B 287 32.21 -42.21 -3.30
N LEU B 288 32.05 -40.89 -3.38
CA LEU B 288 31.82 -40.06 -2.20
C LEU B 288 30.34 -39.85 -1.92
N ALA B 289 29.46 -40.59 -2.58
CA ALA B 289 28.02 -40.44 -2.36
C ALA B 289 27.42 -41.70 -1.76
N ALA B 306 22.63 -24.83 15.48
CA ALA B 306 23.49 -24.46 16.60
C ALA B 306 24.93 -24.30 16.12
N GLY B 307 25.27 -23.10 15.65
CA GLY B 307 26.54 -22.85 15.01
C GLY B 307 27.53 -22.12 15.90
N GLN B 308 28.74 -21.99 15.36
CA GLN B 308 29.83 -21.28 16.04
C GLN B 308 30.67 -20.60 14.97
N ARG B 309 30.84 -19.28 15.08
CA ARG B 309 31.52 -18.48 14.08
C ARG B 309 32.79 -17.90 14.65
N LEU B 310 33.86 -17.92 13.86
CA LEU B 310 35.16 -17.42 14.29
C LEU B 310 35.87 -16.80 13.09
N ALA B 311 36.21 -15.52 13.20
CA ALA B 311 36.84 -14.77 12.11
C ALA B 311 38.24 -14.38 12.53
N LEU B 312 39.24 -15.02 11.93
CA LEU B 312 40.64 -14.75 12.24
C LEU B 312 41.33 -14.10 11.06
N PRO B 313 42.27 -13.18 11.30
CA PRO B 313 43.02 -12.56 10.20
C PRO B 313 44.08 -13.51 9.66
N VAL B 314 44.23 -13.51 8.34
CA VAL B 314 45.26 -14.30 7.69
C VAL B 314 46.56 -13.52 7.70
N SER B 315 47.63 -14.15 8.21
CA SER B 315 48.90 -13.47 8.35
C SER B 315 49.46 -13.05 6.99
N ALA B 316 50.34 -12.06 7.01
CA ALA B 316 50.92 -11.55 5.78
C ALA B 316 51.78 -12.61 5.08
N ALA B 317 52.50 -13.41 5.87
CA ALA B 317 53.33 -14.46 5.28
C ALA B 317 52.49 -15.53 4.60
N VAL B 318 51.38 -15.94 5.24
CA VAL B 318 50.50 -16.94 4.66
C VAL B 318 49.86 -16.40 3.39
N HIS B 319 49.47 -15.13 3.41
CA HIS B 319 48.87 -14.52 2.22
C HIS B 319 49.86 -14.48 1.06
N ALA B 320 51.12 -14.13 1.34
CA ALA B 320 52.12 -14.06 0.27
C ALA B 320 52.49 -15.45 -0.23
N ALA B 321 52.61 -16.42 0.68
CA ALA B 321 52.89 -17.78 0.26
C ALA B 321 51.75 -18.35 -0.59
N CYS B 322 50.51 -18.00 -0.25
CA CYS B 322 49.38 -18.43 -1.06
C CYS B 322 49.45 -17.82 -2.45
N ARG B 323 49.89 -16.57 -2.55
CA ARG B 323 50.00 -15.92 -3.86
C ARG B 323 51.20 -16.43 -4.65
N ALA B 324 52.31 -16.72 -3.97
CA ALA B 324 53.48 -17.27 -4.65
C ALA B 324 53.21 -18.68 -5.15
N LEU B 325 52.60 -19.52 -4.31
CA LEU B 325 52.28 -20.89 -4.72
C LEU B 325 51.35 -20.91 -5.92
N ALA B 326 50.49 -19.90 -6.05
CA ALA B 326 49.54 -19.87 -7.15
C ALA B 326 50.19 -19.41 -8.45
N GLU B 327 51.13 -18.47 -8.37
CA GLU B 327 51.79 -17.97 -9.57
C GLU B 327 52.70 -19.03 -10.18
N ARG B 328 53.37 -19.82 -9.34
CA ARG B 328 54.27 -20.85 -9.85
C ARG B 328 53.49 -22.03 -10.44
N THR B 329 52.33 -22.36 -9.87
CA THR B 329 51.49 -23.45 -10.35
C THR B 329 50.52 -23.00 -11.43
N SER B 330 50.30 -21.69 -11.56
CA SER B 330 49.38 -21.10 -12.55
C SER B 330 47.93 -21.44 -12.22
N VAL B 331 47.56 -21.31 -10.95
CA VAL B 331 46.19 -21.40 -10.50
C VAL B 331 45.84 -20.12 -9.75
N SER B 332 44.57 -19.98 -9.39
CA SER B 332 44.15 -18.83 -8.62
C SER B 332 44.60 -18.98 -7.17
N PRO B 333 44.78 -17.86 -6.46
CA PRO B 333 45.13 -17.96 -5.03
C PRO B 333 44.10 -18.72 -4.21
N PHE B 334 42.81 -18.61 -4.56
CA PHE B 334 41.80 -19.38 -3.83
C PHE B 334 42.00 -20.87 -4.01
N SER B 335 42.52 -21.30 -5.17
CA SER B 335 42.78 -22.72 -5.39
C SER B 335 43.80 -23.25 -4.38
N ALA B 336 44.82 -22.46 -4.06
CA ALA B 336 45.79 -22.86 -3.07
C ALA B 336 45.15 -22.92 -1.68
N ALA B 337 44.31 -21.94 -1.35
CA ALA B 337 43.65 -21.93 -0.04
C ALA B 337 42.67 -23.08 0.07
N LEU B 338 41.95 -23.40 -1.02
CA LEU B 338 41.03 -24.53 -1.00
C LEU B 338 41.77 -25.84 -0.83
N GLN B 339 42.95 -25.96 -1.45
CA GLN B 339 43.72 -27.20 -1.35
C GLN B 339 44.14 -27.46 0.11
N ALA B 340 44.71 -26.45 0.76
CA ALA B 340 45.12 -26.63 2.16
C ALA B 340 43.93 -26.83 3.07
N PHE B 341 42.77 -26.23 2.73
CA PHE B 341 41.57 -26.42 3.53
C PHE B 341 41.10 -27.87 3.44
N ALA B 342 41.12 -28.46 2.25
CA ALA B 342 40.72 -29.85 2.10
C ALA B 342 41.79 -30.81 2.62
N GLU B 343 43.05 -30.39 2.60
CA GLU B 343 44.12 -31.23 3.12
C GLU B 343 44.10 -31.28 4.65
N VAL B 344 43.84 -30.14 5.29
CA VAL B 344 43.75 -30.12 6.74
C VAL B 344 42.49 -30.83 7.21
N LEU B 345 41.36 -30.56 6.55
CA LEU B 345 40.11 -31.22 6.92
C LEU B 345 40.14 -32.71 6.60
N GLY B 346 40.80 -33.09 5.51
CA GLY B 346 40.93 -34.50 5.20
C GLY B 346 41.79 -35.25 6.19
N ALA B 347 42.85 -34.59 6.69
CA ALA B 347 43.66 -35.19 7.73
C ALA B 347 42.95 -35.19 9.07
N GLU B 348 42.05 -34.23 9.29
CA GLU B 348 41.30 -34.17 10.54
C GLU B 348 40.29 -35.31 10.63
N LEU B 349 39.52 -35.53 9.57
CA LEU B 349 38.54 -36.60 9.54
C LEU B 349 39.15 -37.94 9.19
N GLY B 350 40.39 -37.97 8.72
CA GLY B 350 41.06 -39.23 8.39
C GLY B 350 40.49 -39.91 7.16
N VAL B 351 40.44 -39.21 6.04
CA VAL B 351 39.92 -39.75 4.79
C VAL B 351 40.91 -39.46 3.68
N ASP B 352 40.90 -40.32 2.66
CA ASP B 352 41.75 -40.14 1.50
C ASP B 352 41.09 -39.30 0.41
N ASP B 353 39.75 -39.28 0.36
CA ASP B 353 39.00 -38.45 -0.55
C ASP B 353 38.01 -37.61 0.25
N LEU B 354 37.80 -36.36 -0.17
CA LEU B 354 36.99 -35.43 0.59
C LEU B 354 36.05 -34.67 -0.34
N LEU B 355 34.79 -34.58 0.06
CA LEU B 355 33.78 -33.82 -0.68
C LEU B 355 33.75 -32.39 -0.13
N VAL B 356 34.06 -31.41 -0.99
CA VAL B 356 34.14 -30.02 -0.60
C VAL B 356 33.18 -29.23 -1.48
N GLY B 357 32.26 -28.50 -0.85
CA GLY B 357 31.37 -27.63 -1.58
C GLY B 357 32.04 -26.29 -1.89
N VAL B 358 31.76 -25.77 -3.08
CA VAL B 358 32.28 -24.47 -3.51
C VAL B 358 31.08 -23.57 -3.81
N ALA B 359 31.03 -22.42 -3.14
CA ALA B 359 29.94 -21.47 -3.34
C ALA B 359 30.27 -20.59 -4.52
N LEU B 360 29.48 -20.71 -5.59
CA LEU B 360 29.68 -19.94 -6.81
C LEU B 360 28.62 -18.86 -6.91
N ALA B 361 29.03 -17.71 -7.47
CA ALA B 361 28.08 -16.62 -7.66
C ALA B 361 26.92 -17.03 -8.56
N GLY B 362 27.13 -18.01 -9.43
CA GLY B 362 26.08 -18.46 -10.31
C GLY B 362 25.71 -17.48 -11.40
N ARG B 363 26.54 -16.49 -11.65
CA ARG B 363 26.30 -15.49 -12.69
C ARG B 363 27.14 -15.86 -13.90
N SER B 364 26.55 -16.67 -14.79
CA SER B 364 27.28 -17.29 -15.89
C SER B 364 27.35 -16.43 -17.14
N ARG B 365 26.64 -15.31 -17.20
CA ARG B 365 26.68 -14.43 -18.35
C ARG B 365 26.94 -13.00 -17.89
N LEU B 366 27.36 -12.16 -18.84
CA LEU B 366 27.66 -10.77 -18.52
C LEU B 366 26.40 -10.00 -18.13
N GLU B 367 25.25 -10.38 -18.67
CA GLU B 367 24.01 -9.69 -18.33
C GLU B 367 23.56 -9.97 -16.91
N MET B 368 24.08 -11.02 -16.27
CA MET B 368 23.69 -11.38 -14.91
C MET B 368 24.64 -10.84 -13.86
N GLN B 369 25.67 -10.08 -14.26
CA GLN B 369 26.63 -9.55 -13.32
C GLN B 369 26.11 -8.36 -12.53
N GLY B 370 25.13 -7.62 -13.08
CA GLY B 370 24.62 -6.44 -12.41
C GLY B 370 23.20 -6.59 -11.89
N LEU B 371 22.72 -7.83 -11.82
CA LEU B 371 21.37 -8.11 -11.36
C LEU B 371 21.33 -8.23 -9.84
N VAL B 372 20.15 -8.05 -9.28
CA VAL B 372 19.89 -8.25 -7.86
C VAL B 372 18.94 -9.44 -7.73
N GLY B 373 19.26 -10.35 -6.84
CA GLY B 373 18.46 -11.55 -6.66
C GLY B 373 19.32 -12.64 -6.05
N CYS B 374 18.81 -13.87 -6.14
CA CYS B 374 19.51 -15.04 -5.64
C CYS B 374 19.97 -15.89 -6.83
N PHE B 375 21.29 -15.93 -7.04
CA PHE B 375 21.89 -16.73 -8.08
C PHE B 375 22.95 -17.68 -7.55
N VAL B 376 23.17 -17.73 -6.23
CA VAL B 376 24.24 -18.53 -5.67
C VAL B 376 23.98 -20.00 -5.91
N ASN B 377 25.05 -20.76 -6.17
CA ASN B 377 24.96 -22.17 -6.49
C ASN B 377 26.10 -22.91 -5.81
N LEU B 378 25.77 -23.83 -4.91
CA LEU B 378 26.76 -24.65 -4.22
C LEU B 378 26.98 -25.92 -5.03
N LEU B 379 28.20 -26.10 -5.54
CA LEU B 379 28.51 -27.27 -6.35
C LEU B 379 29.61 -28.11 -5.70
N PRO B 380 29.53 -29.43 -5.83
CA PRO B 380 30.50 -30.30 -5.15
C PRO B 380 31.83 -30.36 -5.88
N LEU B 381 32.88 -30.62 -5.10
CA LEU B 381 34.24 -30.74 -5.62
C LEU B 381 34.93 -31.87 -4.87
N ALA B 382 35.39 -32.87 -5.63
CA ALA B 382 36.11 -34.00 -5.05
C ALA B 382 37.60 -33.68 -5.01
N VAL B 383 38.18 -33.74 -3.81
CA VAL B 383 39.60 -33.45 -3.61
C VAL B 383 40.28 -34.73 -3.17
N GLY B 384 41.16 -35.25 -4.03
CA GLY B 384 41.93 -36.44 -3.69
C GLY B 384 43.15 -36.06 -2.87
N LEU B 385 43.36 -36.80 -1.79
CA LEU B 385 44.48 -36.55 -0.88
C LEU B 385 45.48 -37.71 -1.05
N ARG B 386 46.31 -37.60 -2.08
CA ARG B 386 47.28 -38.64 -2.41
C ARG B 386 48.66 -38.19 -1.98
N PRO B 387 49.23 -38.73 -0.90
CA PRO B 387 50.57 -38.29 -0.49
C PRO B 387 51.66 -38.61 -1.50
N GLU B 388 51.46 -39.65 -2.33
CA GLU B 388 52.46 -40.00 -3.32
C GLU B 388 52.58 -38.96 -4.43
N GLN B 389 51.53 -38.17 -4.68
CA GLN B 389 51.59 -37.14 -5.69
C GLN B 389 52.24 -35.87 -5.14
N SER B 390 52.76 -35.06 -6.05
CA SER B 390 53.42 -33.82 -5.66
C SER B 390 52.38 -32.76 -5.27
N VAL B 391 52.85 -31.77 -4.50
CA VAL B 391 51.97 -30.68 -4.07
C VAL B 391 51.50 -29.88 -5.27
N GLU B 392 52.40 -29.59 -6.20
CA GLU B 392 52.05 -28.78 -7.37
C GLU B 392 51.06 -29.48 -8.27
N TRP B 393 51.12 -30.81 -8.34
CA TRP B 393 50.16 -31.55 -9.18
C TRP B 393 48.79 -31.63 -8.50
N ARG B 394 48.76 -31.79 -7.18
CA ARG B 394 47.48 -31.75 -6.48
C ARG B 394 46.84 -30.38 -6.59
N LEU B 395 47.65 -29.32 -6.56
CA LEU B 395 47.10 -27.97 -6.69
C LEU B 395 46.58 -27.72 -8.09
N ARG B 396 47.28 -28.21 -9.11
CA ARG B 396 46.80 -28.07 -10.48
C ARG B 396 45.48 -28.80 -10.67
N GLN B 397 45.33 -29.97 -10.03
CA GLN B 397 44.07 -30.70 -10.12
C GLN B 397 42.94 -29.93 -9.43
N VAL B 398 43.25 -29.29 -8.30
CA VAL B 398 42.23 -28.53 -7.58
C VAL B 398 41.81 -27.30 -8.40
N GLY B 399 42.79 -26.59 -8.96
CA GLY B 399 42.47 -25.44 -9.78
C GLY B 399 41.70 -25.81 -11.04
N HIS B 400 42.09 -26.92 -11.68
CA HIS B 400 41.41 -27.36 -12.89
C HIS B 400 39.95 -27.76 -12.60
N ASP B 401 39.73 -28.49 -11.50
CA ASP B 401 38.37 -28.84 -11.12
C ASP B 401 37.58 -27.61 -10.69
N LEU B 402 38.26 -26.61 -10.12
CA LEU B 402 37.59 -25.37 -9.74
C LEU B 402 37.12 -24.60 -10.97
N LEU B 403 37.97 -24.49 -11.99
CA LEU B 403 37.57 -23.85 -13.23
C LEU B 403 36.46 -24.63 -13.92
N GLU B 404 36.44 -25.95 -13.74
CA GLU B 404 35.35 -26.76 -14.30
C GLU B 404 34.01 -26.37 -13.70
N LEU B 405 33.97 -26.19 -12.37
CA LEU B 405 32.74 -25.72 -11.73
C LEU B 405 32.43 -24.29 -12.14
N LEU B 406 33.46 -23.45 -12.27
CA LEU B 406 33.25 -22.05 -12.62
C LEU B 406 32.65 -21.91 -14.01
N GLU B 407 33.13 -22.70 -14.96
CA GLU B 407 32.62 -22.62 -16.32
C GLU B 407 31.20 -23.18 -16.42
N HIS B 408 30.85 -24.13 -15.55
CA HIS B 408 29.52 -24.74 -15.54
C HIS B 408 28.75 -24.38 -14.29
N GLN B 409 28.91 -23.14 -13.81
CA GLN B 409 28.22 -22.71 -12.59
C GLN B 409 26.72 -22.51 -12.79
N ASP B 410 26.25 -22.55 -14.04
CA ASP B 410 24.81 -22.53 -14.28
C ASP B 410 24.16 -23.88 -14.09
N VAL B 411 24.95 -24.93 -13.85
CA VAL B 411 24.42 -26.27 -13.59
C VAL B 411 23.94 -26.32 -12.14
N PRO B 412 22.63 -26.35 -11.90
CA PRO B 412 22.14 -26.32 -10.52
C PRO B 412 22.50 -27.58 -9.78
N LEU B 413 22.62 -27.45 -8.46
CA LEU B 413 22.98 -28.59 -7.62
C LEU B 413 21.98 -29.73 -7.75
N GLU B 414 20.71 -29.40 -8.00
CA GLU B 414 19.69 -30.44 -8.15
C GLU B 414 19.99 -31.37 -9.31
N CYS B 415 20.64 -30.87 -10.36
CA CYS B 415 21.00 -31.73 -11.48
C CYS B 415 22.05 -32.76 -11.06
N VAL B 416 23.06 -32.33 -10.29
CA VAL B 416 24.08 -33.25 -9.82
C VAL B 416 23.47 -34.29 -8.89
N THR B 417 22.50 -33.87 -8.07
CA THR B 417 21.80 -34.83 -7.21
C THR B 417 21.01 -35.82 -8.04
N GLN B 418 20.27 -35.33 -9.04
CA GLN B 418 19.52 -36.22 -9.93
C GLN B 418 20.45 -37.20 -10.64
N ALA B 419 21.61 -36.72 -11.10
CA ALA B 419 22.54 -37.59 -11.80
C ALA B 419 23.08 -38.68 -10.89
N LEU B 420 23.21 -38.40 -9.58
CA LEU B 420 23.74 -39.40 -8.66
C LEU B 420 22.69 -40.42 -8.25
N ARG B 421 21.42 -40.01 -8.16
CA ARG B 421 20.36 -40.97 -7.85
C ARG B 421 20.10 -41.88 -9.05
N GLN B 422 20.36 -41.41 -10.27
CA GLN B 422 20.27 -42.26 -11.45
C GLN B 422 21.37 -43.30 -11.51
N ARG B 423 22.35 -43.24 -10.61
CA ARG B 423 23.43 -44.22 -10.54
C ARG B 423 23.40 -45.01 -9.24
N GLY B 424 22.29 -44.99 -8.52
CA GLY B 424 22.11 -45.82 -7.35
C GLY B 424 22.43 -45.17 -6.02
N ALA B 425 22.75 -43.89 -5.98
CA ALA B 425 23.08 -43.21 -4.74
C ALA B 425 21.85 -42.53 -4.16
N SER B 426 21.77 -42.51 -2.83
CA SER B 426 20.68 -41.81 -2.16
C SER B 426 20.75 -40.31 -2.41
N GLY B 427 21.93 -39.74 -2.22
CA GLY B 427 22.14 -38.35 -2.51
C GLY B 427 23.61 -38.03 -2.46
N LEU B 428 23.93 -36.75 -2.28
CA LEU B 428 25.31 -36.33 -2.06
C LEU B 428 25.40 -35.58 -0.75
N PRO B 429 26.12 -36.11 0.24
CA PRO B 429 26.18 -35.45 1.54
C PRO B 429 27.30 -34.41 1.62
N ILE B 430 27.00 -33.18 1.20
CA ILE B 430 27.95 -32.09 1.31
C ILE B 430 27.89 -31.56 2.74
N ARG B 431 28.94 -31.83 3.52
CA ARG B 431 29.03 -31.39 4.90
C ARG B 431 30.03 -30.27 5.10
N ILE B 432 30.87 -29.99 4.11
CA ILE B 432 31.95 -29.01 4.22
C ILE B 432 31.95 -28.16 2.96
N ALA B 433 32.11 -26.85 3.12
CA ALA B 433 32.09 -25.93 1.99
C ALA B 433 33.19 -24.89 2.14
N CYS B 434 33.45 -24.19 1.04
CA CYS B 434 34.48 -23.15 0.99
C CYS B 434 34.03 -22.08 0.01
N GLY B 435 34.35 -20.82 0.34
CA GLY B 435 33.94 -19.72 -0.52
C GLY B 435 34.79 -18.49 -0.26
N ALA B 436 34.49 -17.44 -1.01
CA ALA B 436 35.21 -16.18 -0.87
C ALA B 436 34.28 -15.03 -1.27
N HIS B 437 34.52 -13.87 -0.67
CA HIS B 437 33.74 -12.67 -0.98
C HIS B 437 34.57 -11.67 -1.75
N GLY B 448 34.01 11.54 -3.02
CA GLY B 448 32.57 11.62 -3.02
C GLY B 448 31.92 11.02 -1.78
N VAL B 449 30.71 10.51 -1.94
CA VAL B 449 29.94 9.94 -0.84
C VAL B 449 30.47 8.54 -0.54
N ARG B 450 30.73 8.28 0.75
CA ARG B 450 31.23 6.98 1.18
C ARG B 450 30.06 6.05 1.50
N VAL B 451 30.15 4.82 0.99
CA VAL B 451 29.12 3.80 1.21
C VAL B 451 29.83 2.51 1.61
N GLU B 452 29.78 2.16 2.88
CA GLU B 452 30.20 0.83 3.34
C GLU B 452 28.99 -0.09 3.40
N ALA B 453 29.22 -1.37 3.14
CA ALA B 453 28.16 -2.36 3.17
C ALA B 453 28.68 -3.64 3.78
N ASP B 454 27.91 -4.21 4.71
CA ASP B 454 28.33 -5.41 5.42
C ASP B 454 27.10 -6.22 5.80
N PHE B 455 27.20 -7.53 5.64
CA PHE B 455 26.16 -8.44 6.11
C PHE B 455 26.36 -8.73 7.59
N ILE B 456 25.26 -8.79 8.33
CA ILE B 456 25.27 -9.28 9.70
C ILE B 456 25.03 -10.79 9.65
N PRO B 457 25.95 -11.61 10.14
CA PRO B 457 25.86 -13.06 9.89
C PRO B 457 24.61 -13.69 10.48
N VAL B 458 24.08 -14.66 9.77
CA VAL B 458 22.94 -15.44 10.26
C VAL B 458 23.44 -16.45 11.28
N PRO B 459 22.87 -16.50 12.48
CA PRO B 459 23.32 -17.47 13.48
C PRO B 459 22.99 -18.89 13.06
N GLY B 460 23.74 -19.83 13.63
CA GLY B 460 23.57 -21.23 13.30
C GLY B 460 24.42 -21.66 12.13
N ALA B 461 24.33 -22.94 11.81
CA ALA B 461 25.13 -23.53 10.75
C ALA B 461 24.34 -24.64 10.07
N ARG B 462 24.21 -24.55 8.75
CA ARG B 462 23.57 -25.62 7.99
C ARG B 462 24.55 -26.75 7.69
N LEU B 463 25.79 -26.42 7.39
CA LEU B 463 26.83 -27.39 7.11
C LEU B 463 27.71 -27.61 8.34
N ASP B 464 28.41 -28.75 8.35
CA ASP B 464 29.25 -29.08 9.49
C ASP B 464 30.36 -28.05 9.68
N LEU B 465 30.92 -27.55 8.58
CA LEU B 465 32.00 -26.57 8.64
C LEU B 465 32.13 -25.88 7.30
N THR B 466 32.29 -24.56 7.34
CA THR B 466 32.55 -23.77 6.14
C THR B 466 33.72 -22.84 6.40
N LEU B 467 34.47 -22.54 5.34
CA LEU B 467 35.54 -21.56 5.38
C LEU B 467 35.29 -20.51 4.31
N TRP B 468 35.30 -19.25 4.72
CA TRP B 468 35.05 -18.14 3.81
C TRP B 468 36.17 -17.12 3.94
N LEU B 469 36.78 -16.77 2.81
CA LEU B 469 37.87 -15.80 2.77
C LEU B 469 37.33 -14.46 2.31
N GLU B 470 37.54 -13.42 3.12
CA GLU B 470 37.15 -12.06 2.78
C GLU B 470 38.39 -11.24 2.48
N ASP B 471 38.34 -10.47 1.39
CA ASP B 471 39.48 -9.69 0.95
C ASP B 471 39.74 -8.50 1.87
N LEU B 477 41.06 -12.23 5.60
CA LEU B 477 40.27 -12.66 6.75
C LEU B 477 39.63 -14.02 6.50
N ALA B 478 39.87 -14.96 7.41
CA ALA B 478 39.30 -16.30 7.33
C ALA B 478 38.11 -16.39 8.28
N VAL B 479 36.94 -16.69 7.74
CA VAL B 479 35.71 -16.78 8.52
C VAL B 479 35.29 -18.25 8.56
N TRP B 480 35.49 -18.89 9.71
CA TRP B 480 35.14 -20.28 9.91
C TRP B 480 33.81 -20.37 10.64
N THR B 481 32.91 -21.21 10.13
CA THR B 481 31.60 -21.43 10.75
C THR B 481 31.38 -22.93 10.88
N GLY B 482 31.29 -23.41 12.11
CA GLY B 482 31.08 -24.82 12.36
C GLY B 482 29.97 -25.06 13.35
N VAL B 483 29.27 -26.18 13.15
CA VAL B 483 28.28 -26.62 14.14
C VAL B 483 29.00 -26.92 15.45
N SER B 484 28.40 -26.48 16.57
CA SER B 484 29.08 -26.55 17.86
C SER B 484 29.30 -27.99 18.31
N ALA B 485 28.32 -28.87 18.08
CA ALA B 485 28.39 -30.23 18.60
C ALA B 485 29.49 -31.05 17.94
N ILE B 486 30.01 -30.63 16.79
CA ILE B 486 31.04 -31.36 16.08
C ILE B 486 32.32 -30.54 15.93
N PHE B 487 32.20 -29.24 15.68
CA PHE B 487 33.34 -28.33 15.54
C PHE B 487 33.13 -27.16 16.50
N ASP B 488 33.64 -27.28 17.72
CA ASP B 488 33.52 -26.23 18.71
C ASP B 488 34.63 -25.19 18.52
N LEU B 489 34.58 -24.12 19.32
CA LEU B 489 35.42 -22.95 19.09
C LEU B 489 36.90 -23.31 19.12
N HIS B 490 37.31 -24.15 20.08
CA HIS B 490 38.74 -24.45 20.21
C HIS B 490 39.22 -25.34 19.07
N ARG B 491 38.39 -26.30 18.63
CA ARG B 491 38.75 -27.11 17.47
C ARG B 491 38.86 -26.28 16.22
N ILE B 492 38.11 -25.18 16.14
CA ILE B 492 38.18 -24.31 14.96
C ILE B 492 39.48 -23.53 14.95
N GLU B 493 39.89 -22.99 16.11
CA GLU B 493 41.14 -22.23 16.18
C GLU B 493 42.31 -23.07 15.71
N ARG B 494 42.33 -24.35 16.07
CA ARG B 494 43.44 -25.21 15.66
C ARG B 494 43.32 -25.60 14.19
N LEU B 495 42.11 -25.71 13.66
CA LEU B 495 41.95 -25.93 12.22
C LEU B 495 42.50 -24.76 11.43
N HIS B 496 42.24 -23.54 11.89
CA HIS B 496 42.81 -22.36 11.24
C HIS B 496 44.32 -22.34 11.35
N GLN B 497 44.86 -22.77 12.49
CA GLN B 497 46.31 -22.83 12.66
C GLN B 497 46.94 -23.87 11.74
N ALA B 498 46.33 -25.05 11.67
CA ALA B 498 46.83 -26.07 10.76
C ALA B 498 46.69 -25.65 9.30
N TRP B 499 45.64 -24.89 8.99
CA TRP B 499 45.44 -24.40 7.64
C TRP B 499 46.57 -23.46 7.22
N GLU B 500 46.92 -22.52 8.10
CA GLU B 500 48.02 -21.60 7.80
C GLU B 500 49.35 -22.34 7.71
N ARG B 501 49.58 -23.30 8.61
CA ARG B 501 50.83 -24.08 8.56
C ARG B 501 50.90 -24.92 7.29
N ARG B 502 49.77 -25.49 6.88
CA ARG B 502 49.76 -26.31 5.67
C ARG B 502 50.08 -25.47 4.44
N LEU B 503 49.61 -24.22 4.41
CA LEU B 503 49.92 -23.35 3.28
C LEU B 503 51.39 -22.99 3.22
N LEU B 504 51.99 -22.69 4.37
CA LEU B 504 53.40 -22.34 4.41
C LEU B 504 54.27 -23.51 3.97
N ALA B 505 53.95 -24.71 4.45
CA ALA B 505 54.71 -25.90 4.04
C ALA B 505 54.51 -26.18 2.55
N ASN B 506 53.28 -26.02 2.05
CA ASN B 506 53.01 -26.27 0.64
C ASN B 506 53.79 -25.32 -0.26
N ALA B 507 53.94 -24.06 0.16
CA ALA B 507 54.65 -23.09 -0.66
C ALA B 507 56.16 -23.20 -0.47
N GLY B 508 56.61 -23.41 0.76
CA GLY B 508 58.03 -23.55 1.04
C GLY B 508 58.78 -22.23 0.90
N ASP C 11 10.90 50.53 -44.97
CA ASP C 11 9.81 51.20 -44.26
C ASP C 11 8.45 50.49 -44.39
N PRO C 12 8.05 50.08 -45.60
CA PRO C 12 6.81 49.29 -45.69
C PRO C 12 6.89 47.98 -44.92
N LEU C 13 8.04 47.31 -44.95
CA LEU C 13 8.21 46.10 -44.16
C LEU C 13 8.27 46.41 -42.67
N GLU C 14 8.83 47.57 -42.30
CA GLU C 14 8.94 47.93 -40.88
C GLU C 14 7.57 48.15 -40.25
N GLN C 15 6.72 48.93 -40.91
CA GLN C 15 5.39 49.19 -40.35
C GLN C 15 4.49 47.97 -40.43
N ALA C 16 4.67 47.13 -41.45
CA ALA C 16 3.94 45.86 -41.49
C ALA C 16 4.39 44.95 -40.36
N LEU C 17 5.70 44.93 -40.08
CA LEU C 17 6.21 44.18 -38.94
C LEU C 17 5.74 44.82 -37.62
N HIS C 18 5.72 46.15 -37.58
CA HIS C 18 5.38 46.85 -36.34
C HIS C 18 3.95 46.56 -35.92
N GLN C 19 3.01 46.64 -36.87
CA GLN C 19 1.60 46.41 -36.53
C GLN C 19 1.35 44.95 -36.18
N ALA C 20 2.00 44.02 -36.88
CA ALA C 20 1.81 42.61 -36.59
C ALA C 20 2.48 42.22 -35.27
N TRP C 21 3.63 42.81 -34.96
CA TRP C 21 4.29 42.56 -33.69
C TRP C 21 3.41 42.99 -32.52
N GLN C 22 2.67 44.09 -32.69
CA GLN C 22 1.77 44.58 -31.66
C GLN C 22 0.41 43.93 -31.77
N GLY C 26 2.33 41.26 -28.01
CA GLY C 26 1.23 41.98 -27.41
C GLY C 26 1.59 43.41 -27.03
N ALA C 27 2.74 43.86 -27.48
CA ALA C 27 3.25 45.19 -27.17
C ALA C 27 4.08 45.67 -28.35
N PRO C 28 4.27 46.98 -28.49
CA PRO C 28 5.07 47.48 -29.61
C PRO C 28 6.49 46.99 -29.52
N PRO C 29 7.16 46.81 -30.66
CA PRO C 29 8.51 46.23 -30.66
C PRO C 29 9.54 47.21 -30.14
N ARG C 30 10.68 46.66 -29.71
CA ARG C 30 11.80 47.42 -29.19
C ARG C 30 13.08 46.92 -29.83
N ALA C 31 13.89 47.84 -30.35
CA ALA C 31 15.10 47.50 -31.08
C ALA C 31 16.06 46.68 -30.22
N GLY C 32 16.17 45.38 -30.51
CA GLY C 32 17.06 44.48 -29.80
C GLY C 32 16.35 43.47 -28.92
N GLN C 33 15.15 43.80 -28.43
CA GLN C 33 14.43 42.87 -27.56
C GLN C 33 13.88 41.72 -28.39
N GLY C 34 14.28 40.50 -28.03
CA GLY C 34 13.83 39.33 -28.74
C GLY C 34 12.34 39.07 -28.53
N PHE C 35 11.78 38.26 -29.43
CA PHE C 35 10.36 37.94 -29.35
C PHE C 35 10.04 37.18 -28.07
N TYR C 36 10.95 36.30 -27.63
CA TYR C 36 10.74 35.61 -26.36
C TYR C 36 10.95 36.54 -25.18
N ALA C 37 11.98 37.39 -25.24
CA ALA C 37 12.22 38.35 -24.17
C ALA C 37 11.10 39.38 -24.09
N ALA C 38 10.40 39.63 -25.20
CA ALA C 38 9.27 40.54 -25.22
C ALA C 38 7.99 39.91 -24.70
N GLY C 39 8.04 38.68 -24.21
CA GLY C 39 6.88 38.03 -23.63
C GLY C 39 6.10 37.12 -24.55
N GLY C 40 6.70 36.69 -25.66
CA GLY C 40 6.02 35.82 -26.61
C GLY C 40 6.49 34.37 -26.50
N ASP C 41 5.70 33.47 -27.10
CA ASP C 41 5.99 32.05 -27.13
C ASP C 41 6.10 31.57 -28.58
N SER C 42 6.10 30.25 -28.76
CA SER C 42 6.22 29.69 -30.10
C SER C 42 4.90 29.76 -30.89
N LEU C 43 3.78 29.55 -30.23
CA LEU C 43 2.49 29.65 -30.93
C LEU C 43 2.16 31.10 -31.29
N ARG C 44 2.59 32.06 -30.47
CA ARG C 44 2.48 33.46 -30.86
C ARG C 44 3.40 33.78 -32.04
N ALA C 45 4.55 33.11 -32.11
CA ALA C 45 5.45 33.31 -33.25
C ALA C 45 4.85 32.74 -34.52
N VAL C 46 4.16 31.61 -34.44
CA VAL C 46 3.48 31.05 -35.61
C VAL C 46 2.38 32.01 -36.08
N HIS C 47 1.66 32.61 -35.14
CA HIS C 47 0.62 33.57 -35.52
C HIS C 47 1.23 34.84 -36.10
N LEU C 48 2.38 35.28 -35.56
CA LEU C 48 3.05 36.46 -36.09
C LEU C 48 3.43 36.26 -37.55
N LEU C 49 4.10 35.15 -37.85
CA LEU C 49 4.52 34.89 -39.22
C LEU C 49 3.33 34.64 -40.13
N ALA C 50 2.27 34.02 -39.62
CA ALA C 50 1.07 33.81 -40.44
C ALA C 50 0.41 35.12 -40.79
N THR C 51 0.39 36.07 -39.86
CA THR C 51 -0.19 37.39 -40.15
C THR C 51 0.65 38.14 -41.18
N LEU C 52 1.97 38.06 -41.07
CA LEU C 52 2.83 38.70 -42.06
C LEU C 52 2.70 38.02 -43.42
N ARG C 53 2.54 36.68 -43.42
CA ARG C 53 2.30 35.97 -44.67
C ARG C 53 0.97 36.37 -45.30
N GLN C 54 -0.04 36.66 -44.47
CA GLN C 54 -1.33 37.09 -44.99
C GLN C 54 -1.28 38.49 -45.56
N ARG C 55 -0.49 39.38 -44.96
CA ARG C 55 -0.45 40.77 -45.38
C ARG C 55 0.60 41.07 -46.44
N LEU C 56 1.71 40.32 -46.46
CA LEU C 56 2.80 40.59 -47.37
C LEU C 56 3.07 39.48 -48.39
N SER C 57 2.40 38.33 -48.27
CA SER C 57 2.64 37.18 -49.14
C SER C 57 4.11 36.76 -49.13
N ARG C 58 4.71 36.75 -47.93
CA ARG C 58 6.09 36.34 -47.75
C ARG C 58 6.15 35.36 -46.58
N ARG C 59 6.64 34.15 -46.85
CA ARG C 59 6.69 33.10 -45.84
C ARG C 59 8.08 33.07 -45.23
N VAL C 60 8.19 33.59 -44.01
CA VAL C 60 9.40 33.45 -43.20
C VAL C 60 9.28 32.15 -42.43
N PRO C 61 10.21 31.20 -42.60
CA PRO C 61 10.11 29.94 -41.86
C PRO C 61 10.24 30.18 -40.35
N LEU C 62 9.56 29.32 -39.59
CA LEU C 62 9.52 29.49 -38.14
C LEU C 62 10.89 29.29 -37.50
N GLN C 63 11.65 28.30 -38.00
CA GLN C 63 12.97 28.05 -37.43
C GLN C 63 13.94 29.19 -37.72
N ALA C 64 13.75 29.90 -38.83
CA ALA C 64 14.63 31.02 -39.14
C ALA C 64 14.40 32.20 -38.21
N PHE C 65 13.16 32.40 -37.76
CA PHE C 65 12.83 33.52 -36.88
C PHE C 65 12.88 33.13 -35.41
N ALA C 66 12.08 32.14 -35.01
CA ALA C 66 12.04 31.74 -33.61
C ALA C 66 13.30 31.01 -33.17
N GLY C 67 14.07 30.47 -34.11
CA GLY C 67 15.32 29.80 -33.80
C GLY C 67 16.54 30.69 -33.82
N GLY C 68 16.38 31.98 -34.06
CA GLY C 68 17.47 32.91 -34.03
C GLY C 68 17.28 33.97 -32.97
N PRO C 69 17.83 35.16 -33.20
CA PRO C 69 17.65 36.25 -32.21
C PRO C 69 16.20 36.66 -32.02
N ALA C 70 15.37 36.51 -33.06
CA ALA C 70 13.94 36.83 -32.98
C ALA C 70 13.72 38.29 -32.59
N THR C 71 14.60 39.16 -33.06
CA THR C 71 14.53 40.60 -32.86
C THR C 71 13.91 41.26 -34.09
N PRO C 72 13.27 42.43 -33.93
CA PRO C 72 12.70 43.13 -35.10
C PRO C 72 13.67 43.32 -36.24
N GLU C 73 14.97 43.44 -35.95
CA GLU C 73 15.96 43.55 -37.02
C GLU C 73 16.13 42.22 -37.76
N ALA C 74 16.09 41.10 -37.02
CA ALA C 74 16.25 39.80 -37.66
C ALA C 74 15.02 39.43 -38.48
N LEU C 75 13.83 39.76 -37.99
CA LEU C 75 12.62 39.47 -38.75
C LEU C 75 12.52 40.35 -39.99
N LEU C 76 12.98 41.61 -39.89
CA LEU C 76 12.99 42.49 -41.05
C LEU C 76 13.87 41.96 -42.16
N GLU C 77 15.05 41.44 -41.79
CA GLU C 77 15.95 40.89 -42.79
C GLU C 77 15.39 39.60 -43.39
N LEU C 78 14.75 38.78 -42.56
CA LEU C 78 14.11 37.57 -43.06
C LEU C 78 12.96 37.90 -44.02
N LEU C 79 12.25 39.01 -43.76
CA LEU C 79 11.15 39.39 -44.64
C LEU C 79 11.67 39.89 -45.99
N ARG C 80 12.87 40.45 -46.03
CA ARG C 80 13.45 40.89 -47.30
C ARG C 80 13.96 39.71 -48.12
N GLN C 81 14.55 38.71 -47.45
CA GLN C 81 15.06 37.53 -48.14
C GLN C 81 13.96 36.64 -48.70
N ALA C 82 12.71 36.82 -48.29
CA ALA C 82 11.64 35.90 -48.65
C ALA C 82 11.22 36.08 -50.09
N ALA C 83 11.20 34.98 -50.83
CA ALA C 83 10.71 35.01 -52.20
C ALA C 83 9.18 35.15 -52.21
N PRO C 84 8.60 35.77 -53.25
CA PRO C 84 7.14 35.92 -53.30
C PRO C 84 6.44 34.57 -53.35
N GLU C 85 5.18 34.58 -52.93
CA GLU C 85 4.37 33.37 -52.91
C GLU C 85 2.98 33.59 -53.49
N ALA C 96 -15.45 13.50 -50.79
CA ALA C 96 -15.38 13.84 -49.37
C ALA C 96 -14.86 12.66 -48.56
N GLY C 97 -13.84 12.91 -47.75
CA GLY C 97 -13.25 11.88 -46.91
C GLY C 97 -12.78 12.47 -45.59
N LEU C 98 -12.17 11.62 -44.78
CA LEU C 98 -11.62 12.02 -43.49
C LEU C 98 -10.14 12.37 -43.61
N SER C 99 -9.71 13.34 -42.81
CA SER C 99 -8.29 13.62 -42.69
C SER C 99 -7.62 12.46 -41.96
N LEU C 100 -6.29 12.45 -42.01
CA LEU C 100 -5.55 11.41 -41.30
C LEU C 100 -5.66 11.57 -39.80
N ALA C 101 -5.85 12.81 -39.32
CA ALA C 101 -6.10 13.01 -37.89
C ALA C 101 -7.44 12.39 -37.49
N GLU C 102 -8.47 12.57 -38.32
CA GLU C 102 -9.77 11.95 -38.02
C GLU C 102 -9.76 10.45 -38.26
N ARG C 103 -9.00 10.00 -39.26
CA ARG C 103 -9.00 8.58 -39.62
C ARG C 103 -8.31 7.73 -38.55
N ARG C 104 -7.18 8.22 -38.01
CA ARG C 104 -6.41 7.41 -37.08
C ARG C 104 -7.18 7.15 -35.79
N LEU C 105 -8.09 8.05 -35.41
CA LEU C 105 -8.93 7.83 -34.23
C LEU C 105 -10.18 7.03 -34.55
N TRP C 106 -10.68 7.12 -35.78
CA TRP C 106 -11.83 6.31 -36.17
C TRP C 106 -11.42 4.86 -36.42
N VAL C 107 -10.24 4.66 -37.01
CA VAL C 107 -9.75 3.30 -37.23
C VAL C 107 -9.44 2.62 -35.90
N ALA C 108 -8.83 3.37 -34.97
CA ALA C 108 -8.54 2.80 -33.65
C ALA C 108 -9.81 2.39 -32.92
N GLN C 109 -10.91 3.08 -33.18
CA GLN C 109 -12.18 2.70 -32.56
C GLN C 109 -12.74 1.41 -33.17
N GLN C 110 -12.54 1.20 -34.47
CA GLN C 110 -13.03 -0.01 -35.10
C GLN C 110 -12.29 -1.25 -34.62
N LEU C 111 -10.99 -1.11 -34.32
CA LEU C 111 -10.21 -2.26 -33.87
C LEU C 111 -10.59 -2.71 -32.46
N ALA C 112 -11.33 -1.89 -31.73
CA ALA C 112 -11.83 -2.26 -30.40
C ALA C 112 -13.15 -1.54 -30.17
N PRO C 113 -14.24 -2.08 -30.71
CA PRO C 113 -15.51 -1.33 -30.69
C PRO C 113 -16.06 -1.08 -29.29
N GLU C 114 -15.74 -1.92 -28.31
CA GLU C 114 -16.24 -1.73 -26.96
C GLU C 114 -15.33 -0.85 -26.10
N ASP C 115 -14.19 -0.43 -26.63
CA ASP C 115 -13.34 0.51 -25.93
C ASP C 115 -13.95 1.90 -25.99
N THR C 116 -14.19 2.51 -24.82
CA THR C 116 -14.80 3.82 -24.72
C THR C 116 -13.81 4.91 -24.33
N SER C 117 -12.51 4.63 -24.41
CA SER C 117 -11.49 5.61 -24.05
C SER C 117 -11.28 6.67 -25.13
N TYR C 118 -12.06 6.66 -26.20
CA TYR C 118 -12.07 7.75 -27.16
C TYR C 118 -13.28 8.66 -26.96
N ASN C 119 -13.95 8.56 -25.82
CA ASN C 119 -15.10 9.40 -25.50
C ASN C 119 -14.63 10.64 -24.76
N LEU C 120 -14.86 11.81 -25.36
CA LEU C 120 -14.54 13.07 -24.71
C LEU C 120 -15.76 13.59 -23.97
N LEU C 121 -15.57 13.98 -22.71
CA LEU C 121 -16.64 14.51 -21.87
C LEU C 121 -16.27 15.94 -21.48
N ALA C 122 -17.07 16.90 -21.94
CA ALA C 122 -16.86 18.31 -21.64
C ALA C 122 -18.00 18.82 -20.76
N HIS C 123 -17.65 19.44 -19.64
CA HIS C 123 -18.62 20.05 -18.74
C HIS C 123 -18.57 21.55 -18.92
N LEU C 124 -19.67 22.13 -19.42
CA LEU C 124 -19.78 23.57 -19.64
C LEU C 124 -20.70 24.16 -18.58
N ARG C 125 -20.16 25.03 -17.74
CA ARG C 125 -20.92 25.70 -16.70
C ARG C 125 -21.33 27.08 -17.21
N ILE C 126 -22.64 27.30 -17.29
CA ILE C 126 -23.21 28.53 -17.84
C ILE C 126 -23.99 29.23 -16.75
N VAL C 127 -23.74 30.54 -16.59
CA VAL C 127 -24.46 31.38 -15.65
C VAL C 127 -24.96 32.60 -16.38
N GLY C 128 -26.27 32.87 -16.27
CA GLY C 128 -26.85 34.08 -16.82
C GLY C 128 -27.66 33.92 -18.08
N ALA C 129 -27.99 32.69 -18.48
CA ALA C 129 -28.77 32.45 -19.69
C ALA C 129 -29.94 31.54 -19.36
N THR C 130 -31.03 31.71 -20.11
CA THR C 130 -32.21 30.87 -19.93
C THR C 130 -32.03 29.54 -20.65
N ALA C 131 -32.87 28.58 -20.27
CA ALA C 131 -32.79 27.25 -20.87
C ALA C 131 -33.14 27.28 -22.35
N ASP C 132 -34.13 28.09 -22.74
CA ASP C 132 -34.52 28.17 -24.13
C ASP C 132 -33.44 28.83 -24.98
N ALA C 133 -32.75 29.82 -24.42
CA ALA C 133 -31.67 30.47 -25.16
C ALA C 133 -30.48 29.55 -25.32
N ILE C 134 -30.16 28.76 -24.29
CA ILE C 134 -29.04 27.83 -24.39
C ILE C 134 -29.35 26.74 -25.40
N GLU C 135 -30.56 26.19 -25.36
CA GLU C 135 -30.92 25.12 -26.29
C GLU C 135 -30.93 25.62 -27.73
N GLN C 136 -31.37 26.86 -27.94
CA GLN C 136 -31.35 27.43 -29.29
C GLN C 136 -29.93 27.67 -29.77
N ALA C 137 -29.06 28.18 -28.87
CA ALA C 137 -27.67 28.42 -29.24
C ALA C 137 -26.96 27.13 -29.62
N LEU C 138 -27.29 26.03 -28.93
CA LEU C 138 -26.64 24.76 -29.25
C LEU C 138 -27.10 24.23 -30.60
N ARG C 139 -28.38 24.40 -30.93
CA ARG C 139 -28.86 24.01 -32.26
C ARG C 139 -28.15 24.80 -33.35
N GLN C 140 -27.87 26.08 -33.08
CA GLN C 140 -27.11 26.89 -34.03
C GLN C 140 -25.68 26.38 -34.17
N LEU C 141 -25.03 26.10 -33.04
CA LEU C 141 -23.64 25.63 -33.08
C LEU C 141 -23.55 24.27 -33.76
N LEU C 142 -24.49 23.38 -33.49
CA LEU C 142 -24.52 22.08 -34.16
C LEU C 142 -24.66 22.26 -35.66
N GLU C 143 -25.56 23.15 -36.09
CA GLU C 143 -25.70 23.44 -37.51
C GLU C 143 -24.43 24.08 -38.07
N ARG C 144 -23.74 24.88 -37.27
CA ARG C 144 -22.56 25.60 -37.74
C ARG C 144 -21.36 24.67 -37.91
N HIS C 145 -21.16 23.75 -36.96
CA HIS C 145 -19.99 22.87 -36.96
C HIS C 145 -20.43 21.47 -37.38
N VAL C 146 -20.18 21.14 -38.65
CA VAL C 146 -20.64 19.88 -39.22
C VAL C 146 -19.97 18.67 -38.58
N ALA C 147 -18.79 18.86 -37.99
CA ALA C 147 -18.08 17.74 -37.37
C ALA C 147 -18.88 17.07 -36.26
N LEU C 148 -19.81 17.79 -35.64
CA LEU C 148 -20.60 17.26 -34.54
C LEU C 148 -21.85 16.52 -35.02
N ARG C 149 -22.13 16.50 -36.32
CA ARG C 149 -23.33 15.86 -36.85
C ARG C 149 -23.02 15.14 -38.17
N ARG C 150 -22.09 14.18 -38.10
CA ARG C 150 -21.73 13.38 -39.26
C ARG C 150 -21.69 11.91 -38.89
N ARG C 151 -22.11 11.07 -39.84
CA ARG C 151 -21.94 9.63 -39.74
C ARG C 151 -20.82 9.20 -40.67
N VAL C 152 -20.14 8.12 -40.30
CA VAL C 152 -19.02 7.60 -41.07
C VAL C 152 -19.48 6.31 -41.73
N GLU C 153 -19.62 6.34 -43.06
CA GLU C 153 -19.99 5.17 -43.83
C GLU C 153 -18.73 4.48 -44.35
N THR C 154 -18.71 3.15 -44.24
CA THR C 154 -17.57 2.36 -44.68
C THR C 154 -17.72 1.97 -46.15
N PRO C 159 -13.61 4.95 -45.50
CA PRO C 159 -14.48 5.71 -44.60
C PRO C 159 -14.91 7.05 -45.21
N GLN C 160 -16.21 7.25 -45.37
CA GLN C 160 -16.77 8.44 -45.99
C GLN C 160 -17.71 9.14 -45.02
N PRO C 161 -17.48 10.40 -44.67
CA PRO C 161 -18.40 11.11 -43.78
C PRO C 161 -19.59 11.67 -44.54
N HIS C 162 -20.75 11.67 -43.88
CA HIS C 162 -21.97 12.21 -44.44
C HIS C 162 -22.69 13.01 -43.39
N ALA C 163 -23.08 14.23 -43.74
CA ALA C 163 -23.71 15.13 -42.78
C ALA C 163 -25.08 14.61 -42.36
N LEU C 164 -25.45 14.92 -41.13
CA LEU C 164 -26.76 14.61 -40.58
C LEU C 164 -27.45 15.91 -40.19
N ALA C 165 -28.76 15.81 -39.96
CA ALA C 165 -29.53 16.98 -39.55
C ALA C 165 -29.08 17.44 -38.16
N ALA C 166 -29.11 18.76 -37.96
CA ALA C 166 -28.71 19.31 -36.68
C ALA C 166 -29.65 18.88 -35.56
N HIS C 167 -30.93 18.67 -35.88
CA HIS C 167 -31.89 18.25 -34.87
C HIS C 167 -31.76 16.78 -34.50
N ALA C 168 -31.05 15.98 -35.31
CA ALA C 168 -30.86 14.57 -34.99
C ALA C 168 -29.85 14.35 -33.88
N VAL C 169 -29.14 15.39 -33.45
CA VAL C 169 -28.19 15.28 -32.35
C VAL C 169 -28.98 15.24 -31.04
N PRO C 170 -28.78 14.23 -30.20
CA PRO C 170 -29.55 14.15 -28.95
C PRO C 170 -29.24 15.32 -28.03
N LEU C 171 -30.29 15.92 -27.49
CA LEU C 171 -30.19 17.06 -26.57
C LEU C 171 -31.25 16.88 -25.50
N GLN C 172 -30.84 16.34 -24.35
CA GLN C 172 -31.77 16.07 -23.25
C GLN C 172 -31.73 17.25 -22.28
N ARG C 173 -32.89 17.84 -22.04
CA ARG C 173 -33.05 18.92 -21.06
C ARG C 173 -33.67 18.33 -19.80
N LEU C 174 -33.07 18.64 -18.65
CA LEU C 174 -33.54 18.15 -17.36
C LEU C 174 -33.61 19.30 -16.37
N LEU C 175 -34.66 19.29 -15.54
CA LEU C 175 -34.86 20.30 -14.50
C LEU C 175 -34.46 19.72 -13.16
N ALA C 176 -33.55 20.42 -12.46
CA ALA C 176 -33.12 20.03 -11.13
C ALA C 176 -33.73 20.97 -10.10
N SER C 177 -34.09 20.42 -8.94
CA SER C 177 -34.77 21.21 -7.91
C SER C 177 -33.82 22.15 -7.20
N ASP C 178 -32.55 21.79 -7.05
CA ASP C 178 -31.57 22.64 -6.39
C ASP C 178 -30.19 22.30 -6.94
N ALA C 179 -29.15 22.90 -6.33
CA ALA C 179 -27.80 22.75 -6.85
C ALA C 179 -27.26 21.34 -6.64
N VAL C 180 -27.50 20.76 -5.45
CA VAL C 180 -27.00 19.42 -5.18
C VAL C 180 -27.64 18.40 -6.11
N HIS C 181 -28.94 18.56 -6.39
CA HIS C 181 -29.61 17.68 -7.33
C HIS C 181 -29.07 17.87 -8.75
N ALA C 182 -28.61 19.08 -9.08
CA ALA C 182 -27.97 19.29 -10.37
C ALA C 182 -26.63 18.57 -10.44
N GLU C 183 -25.87 18.58 -9.35
CA GLU C 183 -24.63 17.82 -9.30
C GLU C 183 -24.88 16.33 -9.47
N ARG C 184 -25.97 15.83 -8.87
CA ARG C 184 -26.26 14.40 -8.94
C ARG C 184 -26.70 13.99 -10.34
N LEU C 185 -27.44 14.85 -11.03
CA LEU C 185 -27.77 14.56 -12.43
C LEU C 185 -26.54 14.63 -13.32
N LEU C 186 -25.59 15.50 -13.00
CA LEU C 186 -24.37 15.58 -13.79
C LEU C 186 -23.48 14.37 -13.57
N GLU C 187 -23.32 13.94 -12.31
CA GLU C 187 -22.50 12.77 -12.04
C GLU C 187 -23.09 11.52 -12.68
N ASP C 188 -24.42 11.41 -12.67
CA ASP C 188 -25.08 10.30 -13.36
C ASP C 188 -24.78 10.32 -14.85
N GLY C 189 -24.85 11.50 -15.46
CA GLY C 189 -24.54 11.62 -16.88
C GLY C 189 -23.08 11.32 -17.17
N VAL C 190 -22.18 11.74 -16.28
CA VAL C 190 -20.76 11.45 -16.45
C VAL C 190 -20.51 9.95 -16.48
N ARG C 191 -21.16 9.21 -15.58
CA ARG C 191 -21.01 7.76 -15.55
C ARG C 191 -21.63 7.11 -16.78
N ARG C 192 -22.78 7.64 -17.23
CA ARG C 192 -23.46 7.04 -18.37
C ARG C 192 -22.73 7.32 -19.68
N GLU C 193 -22.29 8.56 -19.87
CA GLU C 193 -21.67 8.93 -21.15
C GLU C 193 -20.26 8.35 -21.28
N GLY C 194 -19.57 8.13 -20.17
CA GLY C 194 -18.25 7.54 -20.22
C GLY C 194 -18.24 6.07 -20.58
N ALA C 195 -19.36 5.38 -20.36
CA ALA C 195 -19.50 3.97 -20.68
C ALA C 195 -20.29 3.73 -21.96
N ARG C 196 -20.71 4.78 -22.65
CA ARG C 196 -21.51 4.63 -23.85
C ARG C 196 -20.65 4.31 -25.07
N VAL C 197 -21.10 3.36 -25.87
CA VAL C 197 -20.45 3.03 -27.13
C VAL C 197 -21.13 3.83 -28.22
N PHE C 198 -20.39 4.74 -28.84
CA PHE C 198 -20.94 5.56 -29.92
C PHE C 198 -21.14 4.71 -31.17
N ASP C 199 -22.25 4.96 -31.88
CA ASP C 199 -22.54 4.29 -33.14
C ASP C 199 -22.23 5.28 -34.27
N LEU C 200 -20.94 5.34 -34.62
CA LEU C 200 -20.45 6.34 -35.57
C LEU C 200 -20.96 6.11 -36.99
N ALA C 201 -21.56 4.96 -37.28
CA ALA C 201 -21.99 4.68 -38.64
C ALA C 201 -23.39 5.22 -38.92
N HIS C 202 -24.24 5.33 -37.90
CA HIS C 202 -25.63 5.69 -38.10
C HIS C 202 -26.11 6.89 -37.28
N GLU C 203 -25.35 7.34 -36.30
CA GLU C 203 -25.76 8.45 -35.45
C GLU C 203 -24.66 9.50 -35.39
N ALA C 204 -25.02 10.68 -34.90
CA ALA C 204 -24.07 11.77 -34.75
C ALA C 204 -23.06 11.43 -33.66
N PRO C 205 -21.81 11.92 -33.79
CA PRO C 205 -20.78 11.56 -32.81
C PRO C 205 -20.77 12.45 -31.58
N ALA C 206 -21.88 13.12 -31.30
CA ALA C 206 -21.96 14.02 -30.16
C ALA C 206 -23.33 13.89 -29.50
N ARG C 207 -23.36 14.11 -28.19
CA ARG C 207 -24.60 14.09 -27.41
C ARG C 207 -24.53 15.19 -26.36
N LEU C 208 -25.70 15.75 -26.03
CA LEU C 208 -25.79 16.91 -25.18
C LEU C 208 -26.75 16.64 -24.03
N LEU C 209 -26.30 16.93 -22.81
CA LEU C 209 -27.13 16.85 -21.61
C LEU C 209 -27.15 18.23 -20.97
N LEU C 210 -28.30 18.88 -20.98
CA LEU C 210 -28.49 20.21 -20.40
C LEU C 210 -29.28 20.09 -19.12
N VAL C 211 -28.68 20.50 -18.01
CA VAL C 211 -29.31 20.44 -16.69
C VAL C 211 -29.45 21.85 -16.17
N VAL C 212 -30.69 22.30 -15.99
CA VAL C 212 -30.99 23.63 -15.47
C VAL C 212 -31.37 23.50 -14.00
N THR C 213 -30.85 24.41 -13.18
CA THR C 213 -31.16 24.43 -11.76
C THR C 213 -32.33 25.38 -11.51
N ARG C 214 -33.38 24.88 -10.86
CA ARG C 214 -34.58 25.67 -10.62
C ARG C 214 -34.26 26.89 -9.76
N ASP C 215 -34.86 28.03 -10.14
CA ASP C 215 -34.72 29.28 -9.40
C ASP C 215 -33.25 29.68 -9.25
N SER C 216 -32.52 29.62 -10.37
CA SER C 216 -31.10 29.94 -10.36
C SER C 216 -30.70 30.35 -11.77
N ALA C 217 -29.62 31.12 -11.85
CA ALA C 217 -29.06 31.54 -13.12
C ALA C 217 -28.04 30.55 -13.67
N ARG C 218 -27.77 29.46 -12.94
CA ARG C 218 -26.75 28.50 -13.34
C ARG C 218 -27.37 27.36 -14.14
N ALA C 219 -26.77 27.08 -15.29
CA ALA C 219 -27.08 25.89 -16.07
C ALA C 219 -25.80 25.10 -16.30
N ASP C 220 -25.94 23.79 -16.47
CA ASP C 220 -24.79 22.91 -16.67
C ASP C 220 -25.01 22.10 -17.94
N LEU C 221 -23.95 22.01 -18.76
CA LEU C 221 -24.01 21.32 -20.05
C LEU C 221 -22.95 20.24 -20.08
N LEU C 222 -23.38 19.01 -20.33
CA LEU C 222 -22.48 17.87 -20.45
C LEU C 222 -22.44 17.46 -21.92
N LEU C 223 -21.31 17.77 -22.58
CA LEU C 223 -21.10 17.40 -23.98
C LEU C 223 -20.23 16.14 -24.02
N SER C 224 -20.79 15.07 -24.55
CA SER C 224 -20.04 13.85 -24.83
C SER C 224 -19.92 13.71 -26.34
N VAL C 225 -18.68 13.71 -26.84
CA VAL C 225 -18.43 13.69 -28.28
C VAL C 225 -17.23 12.78 -28.54
N HIS C 226 -17.33 11.97 -29.59
CA HIS C 226 -16.26 11.06 -29.93
C HIS C 226 -15.01 11.83 -30.34
N HIS C 227 -13.85 11.21 -30.11
CA HIS C 227 -12.58 11.93 -30.29
C HIS C 227 -12.29 12.22 -31.75
N TYR C 228 -12.78 11.39 -32.68
CA TYR C 228 -12.51 11.60 -34.09
C TYR C 228 -13.14 12.88 -34.63
N ALA C 229 -14.01 13.53 -33.86
CA ALA C 229 -14.67 14.75 -34.30
C ALA C 229 -14.51 15.89 -33.31
N PHE C 230 -13.46 15.87 -32.48
CA PHE C 230 -13.30 16.88 -31.43
C PHE C 230 -11.86 16.85 -30.93
N ASP C 231 -11.43 17.98 -30.39
CA ASP C 231 -10.13 18.07 -29.72
C ASP C 231 -10.14 19.26 -28.77
N ASP C 232 -8.97 19.60 -28.24
CA ASP C 232 -8.89 20.62 -27.19
C ASP C 232 -9.21 22.01 -27.71
N VAL C 233 -8.67 22.37 -28.88
CA VAL C 233 -8.97 23.68 -29.46
C VAL C 233 -10.45 23.79 -29.82
N SER C 234 -11.08 22.68 -30.20
CA SER C 234 -12.49 22.70 -30.54
C SER C 234 -13.36 23.06 -29.34
N LEU C 235 -12.95 22.64 -28.13
CA LEU C 235 -13.72 22.98 -26.95
C LEU C 235 -13.67 24.48 -26.66
N ALA C 236 -12.50 25.10 -26.82
CA ALA C 236 -12.40 26.53 -26.62
C ALA C 236 -13.18 27.30 -27.68
N VAL C 237 -13.12 26.83 -28.92
CA VAL C 237 -13.93 27.42 -29.98
C VAL C 237 -15.41 27.25 -29.68
N PHE C 238 -15.81 26.06 -29.24
CA PHE C 238 -17.21 25.80 -28.95
C PHE C 238 -17.70 26.62 -27.76
N ALA C 239 -16.86 26.76 -26.73
CA ALA C 239 -17.28 27.51 -25.54
C ALA C 239 -17.32 29.01 -25.82
N ALA C 240 -16.40 29.52 -26.63
CA ALA C 240 -16.40 30.94 -26.94
C ALA C 240 -17.56 31.31 -27.85
N GLU C 241 -17.83 30.49 -28.87
CA GLU C 241 -18.95 30.76 -29.77
C GLU C 241 -20.29 30.57 -29.05
N LEU C 242 -20.33 29.77 -28.00
CA LEU C 242 -21.55 29.65 -27.20
C LEU C 242 -21.77 30.89 -26.35
N LYS C 243 -20.70 31.41 -25.76
CA LYS C 243 -20.81 32.65 -24.98
C LYS C 243 -21.23 33.82 -25.87
N THR C 244 -20.72 33.87 -27.10
CA THR C 244 -21.12 34.92 -28.02
C THR C 244 -22.62 34.85 -28.32
N LEU C 245 -23.14 33.65 -28.58
CA LEU C 245 -24.55 33.51 -28.91
C LEU C 245 -25.44 33.84 -27.72
N LEU C 246 -25.00 33.47 -26.51
CA LEU C 246 -25.82 33.72 -25.33
C LEU C 246 -25.78 35.18 -24.90
N ASP C 247 -24.69 35.90 -25.24
CA ASP C 247 -24.66 37.34 -25.00
C ASP C 247 -25.50 38.11 -26.01
N GLY C 248 -25.82 37.51 -27.15
CA GLY C 248 -26.55 38.17 -28.22
C GLY C 248 -25.71 38.46 -29.44
N GLY C 249 -24.41 38.23 -29.40
CA GLY C 249 -23.54 38.54 -30.52
C GLY C 249 -23.80 37.64 -31.72
N ARG C 250 -23.15 38.01 -32.83
CA ARG C 250 -23.24 37.27 -34.07
C ARG C 250 -21.90 36.63 -34.39
N LEU C 251 -21.96 35.52 -35.13
CA LEU C 251 -20.77 34.76 -35.51
C LEU C 251 -20.45 34.98 -36.98
N GLY C 252 -19.16 35.03 -37.30
CA GLY C 252 -18.73 35.19 -38.67
C GLY C 252 -18.84 33.93 -39.48
N VAL C 253 -18.74 34.08 -40.80
CA VAL C 253 -18.82 32.94 -41.69
C VAL C 253 -17.56 32.10 -41.58
N LEU C 254 -17.73 30.78 -41.45
CA LEU C 254 -16.58 29.89 -41.32
C LEU C 254 -15.79 29.86 -42.62
N ALA C 255 -14.45 29.89 -42.48
CA ALA C 255 -13.58 29.96 -43.64
C ALA C 255 -13.31 28.59 -44.27
N SER C 256 -13.57 27.50 -43.56
CA SER C 256 -13.29 26.17 -44.08
C SER C 256 -14.17 25.16 -43.35
N THR C 257 -14.03 23.90 -43.75
CA THR C 257 -14.77 22.79 -43.20
C THR C 257 -13.81 21.62 -43.03
N PRO C 258 -14.10 20.68 -42.11
CA PRO C 258 -13.25 19.49 -41.99
C PRO C 258 -12.99 18.78 -43.33
N GLU C 259 -13.98 18.72 -44.21
CA GLU C 259 -13.79 18.05 -45.49
C GLU C 259 -12.81 18.79 -46.37
N GLN C 260 -12.81 20.13 -46.31
CA GLN C 260 -11.83 20.91 -47.07
C GLN C 260 -10.43 20.72 -46.51
N VAL C 261 -10.30 20.56 -45.19
CA VAL C 261 -9.00 20.25 -44.60
C VAL C 261 -8.49 18.92 -45.12
N ALA C 262 -9.37 17.91 -45.19
CA ALA C 262 -8.97 16.60 -45.69
C ALA C 262 -8.58 16.66 -47.16
N ALA C 263 -9.33 17.43 -47.96
CA ALA C 263 -9.02 17.54 -49.38
C ALA C 263 -7.67 18.21 -49.60
N ARG C 264 -7.39 19.29 -48.86
CA ARG C 264 -6.09 19.93 -48.94
C ARG C 264 -4.98 18.94 -48.55
N GLU C 265 -5.25 18.08 -47.57
CA GLU C 265 -4.26 17.09 -47.16
C GLU C 265 -4.02 16.06 -48.26
N ARG C 266 -5.09 15.65 -48.95
CA ARG C 266 -4.93 14.69 -50.05
C ARG C 266 -4.08 15.28 -51.17
N ALA C 267 -4.26 16.57 -51.45
CA ALA C 267 -3.43 17.22 -52.47
C ALA C 267 -1.99 17.33 -51.99
N ALA C 268 -1.78 17.61 -50.70
CA ALA C 268 -0.42 17.70 -50.17
C ALA C 268 0.27 16.34 -50.15
N LEU C 269 -0.49 15.27 -49.93
CA LEU C 269 0.11 13.94 -49.95
C LEU C 269 0.48 13.52 -51.37
N ALA C 270 -0.36 13.87 -52.34
CA ALA C 270 -0.10 13.46 -53.71
C ALA C 270 1.11 14.18 -54.28
N SER C 271 1.28 15.46 -53.96
CA SER C 271 2.43 16.22 -54.45
C SER C 271 3.74 15.76 -53.84
N GLY C 272 3.70 14.90 -52.82
CA GLY C 272 4.89 14.46 -52.14
C GLY C 272 5.48 15.44 -51.15
N ARG C 273 4.92 16.65 -51.05
CA ARG C 273 5.51 17.69 -50.20
C ARG C 273 5.66 17.22 -48.76
N LEU C 274 4.65 16.52 -48.23
CA LEU C 274 4.71 16.08 -46.84
C LEU C 274 5.67 14.91 -46.65
N ASP C 275 5.77 14.02 -47.65
CA ASP C 275 6.62 12.85 -47.49
C ASP C 275 8.10 13.21 -47.51
N ARG C 276 8.50 14.19 -48.33
CA ARG C 276 9.89 14.62 -48.33
C ARG C 276 10.33 15.12 -46.96
N VAL C 277 9.42 15.75 -46.22
CA VAL C 277 9.74 16.15 -44.85
C VAL C 277 9.86 14.93 -43.95
N ALA C 278 9.02 13.92 -44.18
CA ALA C 278 9.06 12.72 -43.36
C ALA C 278 10.34 11.91 -43.59
N GLU C 279 10.78 11.82 -44.86
CA GLU C 279 12.02 11.11 -45.15
C GLU C 279 13.22 11.80 -44.50
N ARG C 280 13.20 13.13 -44.46
CA ARG C 280 14.28 13.87 -43.82
C ARG C 280 14.29 13.61 -42.31
N TRP C 281 13.12 13.51 -41.69
CA TRP C 281 13.05 13.23 -40.26
C TRP C 281 13.44 11.78 -39.95
N ALA C 282 13.22 10.86 -40.90
CA ALA C 282 13.52 9.46 -40.67
C ALA C 282 15.01 9.21 -40.49
N GLU C 283 15.87 10.13 -40.91
CA GLU C 283 17.31 9.97 -40.70
C GLU C 283 17.65 9.96 -39.23
N ARG C 284 17.20 10.98 -38.49
CA ARG C 284 17.50 11.06 -37.07
C ARG C 284 16.75 10.00 -36.26
N LEU C 285 15.57 9.59 -36.73
CA LEU C 285 14.71 8.71 -35.96
C LEU C 285 14.98 7.23 -36.19
N LEU C 286 15.77 6.88 -37.22
CA LEU C 286 15.99 5.47 -37.52
C LEU C 286 16.62 4.68 -36.37
N PRO C 287 17.65 5.17 -35.67
CA PRO C 287 18.19 4.38 -34.55
C PRO C 287 17.19 4.11 -33.45
N LEU C 288 16.23 5.00 -33.24
CA LEU C 288 15.24 4.87 -32.18
C LEU C 288 14.02 4.05 -32.61
N ALA C 289 14.05 3.44 -33.79
CA ALA C 289 12.92 2.68 -34.28
C ALA C 289 13.02 1.21 -33.87
N GLY C 307 -4.68 3.40 -15.96
CA GLY C 307 -4.41 4.82 -16.07
C GLY C 307 -4.42 5.56 -14.74
N GLN C 308 -3.36 6.33 -14.49
CA GLN C 308 -3.21 7.09 -13.25
C GLN C 308 -2.81 8.51 -13.59
N ARG C 309 -3.56 9.48 -13.10
CA ARG C 309 -3.35 10.89 -13.39
C ARG C 309 -3.09 11.66 -12.10
N LEU C 310 -2.15 12.60 -12.15
CA LEU C 310 -1.79 13.39 -10.99
C LEU C 310 -1.45 14.80 -11.42
N ALA C 311 -2.03 15.79 -10.74
CA ALA C 311 -1.82 17.20 -11.05
C ALA C 311 -1.11 17.85 -9.87
N LEU C 312 0.12 18.32 -10.10
CA LEU C 312 0.91 18.92 -9.05
C LEU C 312 1.34 20.32 -9.45
N PRO C 313 1.32 21.27 -8.52
CA PRO C 313 1.73 22.64 -8.87
C PRO C 313 3.24 22.74 -9.05
N VAL C 314 3.65 23.52 -10.03
CA VAL C 314 5.06 23.79 -10.27
C VAL C 314 5.46 24.97 -9.39
N SER C 315 6.47 24.77 -8.55
CA SER C 315 6.87 25.80 -7.60
C SER C 315 7.34 27.05 -8.33
N ALA C 316 7.29 28.18 -7.63
CA ALA C 316 7.67 29.45 -8.23
C ALA C 316 9.14 29.46 -8.63
N ALA C 317 10.00 28.85 -7.80
CA ALA C 317 11.43 28.82 -8.11
C ALA C 317 11.70 28.02 -9.38
N VAL C 318 11.01 26.89 -9.55
CA VAL C 318 11.16 26.11 -10.77
C VAL C 318 10.58 26.87 -11.96
N HIS C 319 9.48 27.60 -11.75
CA HIS C 319 8.89 28.38 -12.83
C HIS C 319 9.83 29.50 -13.28
N ALA C 320 10.49 30.18 -12.34
CA ALA C 320 11.44 31.22 -12.72
C ALA C 320 12.68 30.63 -13.36
N ALA C 321 13.17 29.50 -12.82
CA ALA C 321 14.34 28.87 -13.41
C ALA C 321 14.07 28.41 -14.85
N CYS C 322 12.86 27.93 -15.11
CA CYS C 322 12.51 27.52 -16.47
C CYS C 322 12.49 28.71 -17.42
N ARG C 323 12.02 29.86 -16.95
CA ARG C 323 11.98 31.05 -17.79
C ARG C 323 13.37 31.66 -17.98
N ALA C 324 14.18 31.67 -16.92
CA ALA C 324 15.53 32.19 -17.02
C ALA C 324 16.37 31.32 -17.96
N LEU C 325 16.29 30.00 -17.80
CA LEU C 325 17.02 29.10 -18.68
C LEU C 325 16.57 29.24 -20.13
N ALA C 326 15.30 29.60 -20.34
CA ALA C 326 14.79 29.73 -21.70
C ALA C 326 15.30 31.00 -22.37
N GLU C 327 15.37 32.10 -21.62
CA GLU C 327 15.81 33.36 -22.21
C GLU C 327 17.32 33.37 -22.44
N ARG C 328 18.08 32.68 -21.60
CA ARG C 328 19.52 32.61 -21.81
C ARG C 328 19.89 31.81 -23.06
N THR C 329 19.10 30.79 -23.38
CA THR C 329 19.34 29.94 -24.53
C THR C 329 18.45 30.27 -25.73
N SER C 330 17.59 31.28 -25.60
CA SER C 330 16.75 31.76 -26.70
C SER C 330 15.81 30.66 -27.22
N VAL C 331 15.20 29.92 -26.31
CA VAL C 331 14.17 28.94 -26.65
C VAL C 331 12.93 29.23 -25.82
N SER C 332 11.84 28.53 -26.15
CA SER C 332 10.61 28.69 -25.41
C SER C 332 10.73 28.04 -24.04
N PRO C 333 10.01 28.56 -23.04
CA PRO C 333 10.02 27.89 -21.72
C PRO C 333 9.55 26.45 -21.79
N PHE C 334 8.67 26.11 -22.74
CA PHE C 334 8.25 24.72 -22.90
C PHE C 334 9.42 23.84 -23.37
N SER C 335 10.34 24.41 -24.15
CA SER C 335 11.51 23.65 -24.58
C SER C 335 12.37 23.24 -23.38
N ALA C 336 12.51 24.13 -22.41
CA ALA C 336 13.28 23.80 -21.21
C ALA C 336 12.56 22.77 -20.35
N ALA C 337 11.22 22.80 -20.32
CA ALA C 337 10.49 21.79 -19.58
C ALA C 337 10.52 20.44 -20.27
N LEU C 338 10.56 20.44 -21.61
CA LEU C 338 10.66 19.18 -22.33
C LEU C 338 12.03 18.54 -22.13
N GLN C 339 13.09 19.35 -22.11
CA GLN C 339 14.42 18.82 -21.92
C GLN C 339 14.55 18.12 -20.57
N ALA C 340 14.12 18.80 -19.50
CA ALA C 340 14.17 18.18 -18.17
C ALA C 340 13.26 16.97 -18.09
N PHE C 341 12.12 17.00 -18.78
CA PHE C 341 11.23 15.85 -18.82
C PHE C 341 11.93 14.65 -19.44
N ALA C 342 12.58 14.85 -20.59
CA ALA C 342 13.28 13.76 -21.26
C ALA C 342 14.53 13.35 -20.50
N GLU C 343 15.20 14.30 -19.82
CA GLU C 343 16.42 13.97 -19.09
C GLU C 343 16.11 13.17 -17.84
N VAL C 344 14.99 13.47 -17.18
CA VAL C 344 14.61 12.72 -15.98
C VAL C 344 14.17 11.32 -16.36
N LEU C 345 13.29 11.20 -17.36
CA LEU C 345 12.83 9.89 -17.80
C LEU C 345 13.95 9.08 -18.41
N GLY C 346 14.88 9.74 -19.11
CA GLY C 346 15.99 9.02 -19.70
C GLY C 346 16.94 8.45 -18.66
N ALA C 347 17.20 9.21 -17.59
CA ALA C 347 17.99 8.68 -16.48
C ALA C 347 17.24 7.60 -15.73
N GLU C 348 15.91 7.74 -15.61
CA GLU C 348 15.11 6.73 -14.95
C GLU C 348 15.13 5.42 -15.73
N LEU C 349 14.97 5.49 -17.05
CA LEU C 349 15.01 4.29 -17.88
C LEU C 349 16.44 3.86 -18.23
N GLY C 350 17.42 4.73 -18.03
CA GLY C 350 18.80 4.38 -18.28
C GLY C 350 19.14 4.24 -19.75
N VAL C 351 18.71 5.19 -20.56
CA VAL C 351 18.99 5.17 -22.00
C VAL C 351 19.75 6.44 -22.37
N ASP C 352 20.51 6.35 -23.45
CA ASP C 352 21.25 7.50 -23.96
C ASP C 352 20.43 8.35 -24.93
N ASP C 353 19.40 7.77 -25.54
CA ASP C 353 18.52 8.49 -26.44
C ASP C 353 17.08 8.14 -26.11
N LEU C 354 16.22 9.15 -26.04
CA LEU C 354 14.84 8.98 -25.63
C LEU C 354 13.91 9.52 -26.70
N LEU C 355 12.94 8.71 -27.11
CA LEU C 355 11.92 9.12 -28.07
C LEU C 355 10.79 9.78 -27.30
N VAL C 356 10.46 11.02 -27.67
CA VAL C 356 9.46 11.83 -26.98
C VAL C 356 8.47 12.35 -28.01
N GLY C 357 7.21 11.96 -27.87
CA GLY C 357 6.17 12.52 -28.73
C GLY C 357 5.76 13.90 -28.26
N VAL C 358 5.38 14.74 -29.23
CA VAL C 358 4.94 16.10 -28.97
C VAL C 358 3.54 16.25 -29.55
N ALA C 359 2.57 16.58 -28.69
CA ALA C 359 1.19 16.75 -29.13
C ALA C 359 1.03 18.17 -29.69
N LEU C 360 0.61 18.25 -30.94
CA LEU C 360 0.44 19.54 -31.62
C LEU C 360 -1.02 19.74 -32.00
N ALA C 361 -1.42 21.01 -32.07
CA ALA C 361 -2.80 21.33 -32.43
C ALA C 361 -3.11 20.95 -33.87
N GLY C 362 -2.11 20.99 -34.75
CA GLY C 362 -2.29 20.58 -36.13
C GLY C 362 -3.04 21.56 -37.01
N ARG C 363 -3.31 22.77 -36.53
CA ARG C 363 -4.02 23.77 -37.33
C ARG C 363 -2.97 24.67 -37.98
N SER C 364 -2.57 24.29 -39.20
CA SER C 364 -1.43 24.88 -39.88
C SER C 364 -1.80 26.09 -40.75
N ARG C 365 -3.08 26.42 -40.86
CA ARG C 365 -3.51 27.59 -41.62
C ARG C 365 -4.49 28.40 -40.79
N LEU C 366 -4.59 29.70 -41.13
CA LEU C 366 -5.48 30.58 -40.39
C LEU C 366 -6.94 30.22 -40.60
N GLU C 367 -7.28 29.50 -41.67
CA GLU C 367 -8.65 29.05 -41.89
C GLU C 367 -9.05 27.92 -40.97
N MET C 368 -8.09 27.26 -40.31
CA MET C 368 -8.39 26.13 -39.44
C MET C 368 -8.47 26.52 -37.97
N GLN C 369 -8.27 27.80 -37.63
CA GLN C 369 -8.23 28.20 -36.23
C GLN C 369 -9.61 28.16 -35.59
N GLY C 370 -10.67 28.40 -36.34
CA GLY C 370 -12.00 28.44 -35.76
C GLY C 370 -12.85 27.23 -36.08
N LEU C 371 -12.22 26.14 -36.51
CA LEU C 371 -12.96 24.94 -36.89
C LEU C 371 -13.13 24.01 -35.69
N VAL C 372 -14.20 23.21 -35.74
CA VAL C 372 -14.45 22.17 -34.76
C VAL C 372 -14.21 20.82 -35.43
N GLY C 373 -13.51 19.95 -34.74
CA GLY C 373 -13.12 18.67 -35.29
C GLY C 373 -11.77 18.25 -34.74
N CYS C 374 -11.32 17.08 -35.19
CA CYS C 374 -10.05 16.53 -34.77
C CYS C 374 -8.96 16.94 -35.75
N PHE C 375 -7.96 17.68 -35.25
CA PHE C 375 -6.83 18.13 -36.06
C PHE C 375 -5.49 17.79 -35.41
N VAL C 376 -5.50 17.10 -34.28
CA VAL C 376 -4.29 16.94 -33.47
C VAL C 376 -3.34 15.95 -34.14
N ASN C 377 -2.04 16.20 -33.95
CA ASN C 377 -0.99 15.42 -34.59
C ASN C 377 0.13 15.22 -33.59
N LEU C 378 0.37 13.96 -33.21
CA LEU C 378 1.48 13.61 -32.33
C LEU C 378 2.70 13.32 -33.20
N LEU C 379 3.76 14.11 -33.02
CA LEU C 379 4.96 13.97 -33.83
C LEU C 379 6.16 13.62 -32.95
N PRO C 380 7.06 12.77 -33.44
CA PRO C 380 8.17 12.31 -32.61
C PRO C 380 9.31 13.31 -32.53
N LEU C 381 10.02 13.26 -31.41
CA LEU C 381 11.18 14.11 -31.16
C LEU C 381 12.26 13.28 -30.50
N ALA C 382 13.44 13.23 -31.11
CA ALA C 382 14.55 12.44 -30.59
C ALA C 382 15.42 13.32 -29.69
N VAL C 383 15.43 13.03 -28.40
CA VAL C 383 16.23 13.77 -27.43
C VAL C 383 17.48 12.97 -27.11
N GLY C 384 18.65 13.58 -27.28
CA GLY C 384 19.90 12.94 -26.96
C GLY C 384 20.36 13.29 -25.57
N LEU C 385 20.70 12.25 -24.79
CA LEU C 385 21.09 12.43 -23.39
C LEU C 385 22.61 12.27 -23.30
N ARG C 386 23.31 13.35 -23.64
CA ARG C 386 24.76 13.37 -23.62
C ARG C 386 25.21 14.18 -22.41
N PRO C 387 25.66 13.54 -21.32
CA PRO C 387 26.16 14.31 -20.18
C PRO C 387 27.42 15.09 -20.49
N GLU C 388 28.16 14.73 -21.55
CA GLU C 388 29.35 15.46 -21.91
C GLU C 388 29.03 16.84 -22.47
N GLN C 389 27.91 16.98 -23.16
CA GLN C 389 27.54 18.25 -23.76
C GLN C 389 26.96 19.18 -22.70
N SER C 390 27.06 20.48 -22.98
CA SER C 390 26.57 21.48 -22.04
C SER C 390 25.03 21.46 -21.99
N VAL C 391 24.50 22.12 -20.96
CA VAL C 391 23.05 22.21 -20.82
C VAL C 391 22.47 23.11 -21.91
N GLU C 392 23.17 24.19 -22.24
CA GLU C 392 22.66 25.13 -23.24
C GLU C 392 22.57 24.49 -24.61
N TRP C 393 23.55 23.64 -24.96
CA TRP C 393 23.55 23.03 -26.28
C TRP C 393 22.47 21.96 -26.42
N ARG C 394 22.28 21.13 -25.39
CA ARG C 394 21.18 20.17 -25.41
C ARG C 394 19.84 20.87 -25.52
N LEU C 395 19.70 22.03 -24.88
CA LEU C 395 18.45 22.76 -24.92
C LEU C 395 18.25 23.42 -26.28
N ARG C 396 19.32 23.99 -26.85
CA ARG C 396 19.21 24.56 -28.19
C ARG C 396 18.82 23.52 -29.22
N GLN C 397 19.33 22.29 -29.07
CA GLN C 397 18.95 21.21 -29.96
C GLN C 397 17.47 20.84 -29.80
N VAL C 398 16.99 20.79 -28.55
CA VAL C 398 15.60 20.45 -28.30
C VAL C 398 14.67 21.52 -28.85
N GLY C 399 14.98 22.79 -28.57
CA GLY C 399 14.12 23.87 -29.03
C GLY C 399 14.02 23.95 -30.53
N HIS C 400 15.14 23.71 -31.23
CA HIS C 400 15.15 23.81 -32.68
C HIS C 400 14.50 22.58 -33.33
N ASP C 401 14.60 21.41 -32.70
CA ASP C 401 13.83 20.26 -33.18
C ASP C 401 12.35 20.45 -32.90
N LEU C 402 12.01 21.21 -31.87
CA LEU C 402 10.60 21.49 -31.57
C LEU C 402 10.01 22.43 -32.61
N LEU C 403 10.72 23.52 -32.93
CA LEU C 403 10.25 24.45 -33.95
C LEU C 403 10.19 23.81 -35.32
N GLU C 404 10.98 22.76 -35.56
CA GLU C 404 10.88 22.03 -36.82
C GLU C 404 9.58 21.25 -36.89
N LEU C 405 9.15 20.65 -35.76
CA LEU C 405 7.87 19.95 -35.74
C LEU C 405 6.70 20.92 -35.81
N LEU C 406 6.84 22.09 -35.17
CA LEU C 406 5.77 23.07 -35.21
C LEU C 406 5.57 23.63 -36.61
N GLU C 407 6.66 23.90 -37.32
CA GLU C 407 6.56 24.44 -38.67
C GLU C 407 5.92 23.44 -39.63
N HIS C 408 6.11 22.15 -39.40
CA HIS C 408 5.59 21.10 -40.26
C HIS C 408 4.57 20.23 -39.52
N GLN C 409 3.77 20.83 -38.66
CA GLN C 409 2.76 20.07 -37.93
C GLN C 409 1.67 19.51 -38.84
N ASP C 410 1.59 19.96 -40.09
CA ASP C 410 0.67 19.39 -41.07
C ASP C 410 1.17 18.07 -41.64
N VAL C 411 2.36 17.62 -41.26
CA VAL C 411 2.89 16.32 -41.68
C VAL C 411 2.34 15.26 -40.75
N PRO C 412 1.47 14.36 -41.23
CA PRO C 412 0.88 13.36 -40.34
C PRO C 412 1.90 12.32 -39.90
N LEU C 413 1.64 11.76 -38.72
CA LEU C 413 2.52 10.73 -38.17
C LEU C 413 2.65 9.53 -39.11
N GLU C 414 1.60 9.25 -39.88
CA GLU C 414 1.65 8.11 -40.80
C GLU C 414 2.69 8.31 -41.89
N CYS C 415 2.99 9.56 -42.23
CA CYS C 415 4.07 9.83 -43.19
C CYS C 415 5.42 9.45 -42.60
N VAL C 416 5.68 9.85 -41.35
CA VAL C 416 6.92 9.47 -40.69
C VAL C 416 7.02 7.96 -40.55
N THR C 417 5.90 7.32 -40.22
CA THR C 417 5.87 5.86 -40.14
C THR C 417 6.18 5.23 -41.50
N GLN C 418 5.64 5.80 -42.57
CA GLN C 418 5.92 5.29 -43.90
C GLN C 418 7.39 5.46 -44.28
N ALA C 419 7.97 6.61 -43.93
CA ALA C 419 9.37 6.85 -44.26
C ALA C 419 10.31 5.94 -43.47
N LEU C 420 9.90 5.53 -42.27
CA LEU C 420 10.73 4.62 -41.49
C LEU C 420 10.63 3.19 -42.00
N ARG C 421 9.45 2.77 -42.44
CA ARG C 421 9.30 1.43 -42.98
C ARG C 421 10.04 1.28 -44.31
N GLN C 422 10.14 2.35 -45.09
CA GLN C 422 10.93 2.32 -46.31
C GLN C 422 12.42 2.21 -46.05
N ARG C 423 12.85 2.36 -44.79
CA ARG C 423 14.26 2.21 -44.41
C ARG C 423 14.49 0.99 -43.53
N GLY C 424 13.58 0.01 -43.57
CA GLY C 424 13.81 -1.26 -42.91
C GLY C 424 13.28 -1.38 -41.50
N ALA C 425 12.64 -0.34 -40.97
CA ALA C 425 12.10 -0.39 -39.61
C ALA C 425 10.65 -0.85 -39.64
N SER C 426 10.24 -1.49 -38.55
CA SER C 426 8.85 -1.92 -38.43
C SER C 426 7.92 -0.75 -38.11
N GLY C 427 8.34 0.10 -37.19
CA GLY C 427 7.57 1.28 -36.86
C GLY C 427 8.36 2.18 -35.93
N LEU C 428 7.64 3.04 -35.23
CA LEU C 428 8.25 3.88 -34.19
C LEU C 428 7.43 3.73 -32.92
N PRO C 429 8.01 3.21 -31.84
CA PRO C 429 7.23 3.01 -30.61
C PRO C 429 7.20 4.26 -29.73
N ILE C 430 6.21 5.11 -29.93
CA ILE C 430 6.03 6.29 -29.09
C ILE C 430 5.39 5.84 -27.79
N ARG C 431 6.14 5.95 -26.69
CA ARG C 431 5.63 5.59 -25.37
C ARG C 431 5.44 6.79 -24.45
N ILE C 432 6.21 7.85 -24.65
CA ILE C 432 6.19 9.03 -23.81
C ILE C 432 5.81 10.23 -24.67
N ALA C 433 5.15 11.21 -24.05
CA ALA C 433 4.69 12.39 -24.78
C ALA C 433 4.65 13.60 -23.86
N CYS C 434 4.63 14.77 -24.47
CA CYS C 434 4.60 16.04 -23.74
C CYS C 434 3.74 17.04 -24.51
N GLY C 435 3.25 18.03 -23.78
CA GLY C 435 2.42 19.06 -24.39
C GLY C 435 2.12 20.15 -23.38
N ALA C 436 1.44 21.19 -23.86
CA ALA C 436 1.08 22.32 -23.02
C ALA C 436 -0.20 22.95 -23.53
N HIS C 437 -1.03 23.41 -22.59
CA HIS C 437 -2.27 24.11 -22.91
C HIS C 437 -2.06 25.61 -22.73
N ASN C 438 -2.58 26.38 -23.69
CA ASN C 438 -2.43 27.84 -23.67
C ASN C 438 -3.10 28.46 -22.46
N GLY C 448 -21.00 39.73 -18.80
CA GLY C 448 -22.12 39.07 -19.44
C GLY C 448 -22.33 37.65 -18.96
N VAL C 449 -22.81 36.79 -19.86
CA VAL C 449 -23.04 35.39 -19.52
C VAL C 449 -21.70 34.68 -19.35
N ARG C 450 -21.53 34.01 -18.22
CA ARG C 450 -20.30 33.29 -17.92
C ARG C 450 -20.37 31.88 -18.50
N VAL C 451 -19.29 31.46 -19.16
CA VAL C 451 -19.20 30.14 -19.79
C VAL C 451 -17.84 29.55 -19.45
N GLU C 452 -17.83 28.56 -18.56
CA GLU C 452 -16.62 27.81 -18.21
C GLU C 452 -16.71 26.41 -18.80
N ALA C 453 -15.69 26.02 -19.55
CA ALA C 453 -15.67 24.72 -20.22
C ALA C 453 -14.41 23.97 -19.80
N ASP C 454 -14.59 22.69 -19.45
CA ASP C 454 -13.47 21.86 -19.01
C ASP C 454 -13.72 20.42 -19.43
N PHE C 455 -12.65 19.76 -19.87
CA PHE C 455 -12.71 18.33 -20.15
C PHE C 455 -12.64 17.54 -18.85
N ILE C 456 -13.43 16.49 -18.76
CA ILE C 456 -13.29 15.48 -17.71
C ILE C 456 -12.33 14.41 -18.23
N PRO C 457 -11.19 14.20 -17.58
CA PRO C 457 -10.13 13.38 -18.18
C PRO C 457 -10.58 11.95 -18.44
N VAL C 458 -10.06 11.39 -19.52
CA VAL C 458 -10.36 10.01 -19.90
C VAL C 458 -9.54 9.07 -19.04
N PRO C 459 -10.16 8.09 -18.37
CA PRO C 459 -9.39 7.08 -17.64
C PRO C 459 -8.72 6.12 -18.62
N GLY C 460 -7.63 5.51 -18.15
CA GLY C 460 -6.86 4.64 -19.01
C GLY C 460 -6.01 5.41 -19.99
N ALA C 461 -4.75 5.00 -20.15
CA ALA C 461 -3.79 5.75 -20.96
C ALA C 461 -3.27 4.89 -22.09
N ARG C 462 -3.20 5.47 -23.29
CA ARG C 462 -2.58 4.80 -24.42
C ARG C 462 -1.06 4.84 -24.31
N LEU C 463 -0.51 5.98 -23.94
CA LEU C 463 0.93 6.14 -23.78
C LEU C 463 1.34 5.81 -22.35
N ASP C 464 2.59 5.36 -22.20
CA ASP C 464 3.09 4.96 -20.88
C ASP C 464 3.07 6.14 -19.91
N LEU C 465 3.47 7.32 -20.36
CA LEU C 465 3.53 8.48 -19.49
C LEU C 465 3.49 9.74 -20.34
N THR C 466 2.70 10.72 -19.90
CA THR C 466 2.62 12.02 -20.54
C THR C 466 2.72 13.11 -19.50
N LEU C 467 3.31 14.23 -19.89
CA LEU C 467 3.41 15.41 -19.05
C LEU C 467 2.76 16.58 -19.78
N TRP C 468 1.78 17.21 -19.15
CA TRP C 468 1.05 18.32 -19.74
C TRP C 468 1.12 19.52 -18.81
N LEU C 469 1.66 20.62 -19.31
CA LEU C 469 1.78 21.85 -18.54
C LEU C 469 0.60 22.75 -18.85
N GLU C 470 -0.02 23.31 -17.81
CA GLU C 470 -1.18 24.18 -17.94
C GLU C 470 -0.86 25.53 -17.31
N ASP C 471 -0.90 26.58 -18.13
CA ASP C 471 -0.67 27.94 -17.65
C ASP C 471 -1.90 28.43 -16.90
N GLN C 472 -1.67 29.01 -15.72
CA GLN C 472 -2.74 29.46 -14.84
C GLN C 472 -2.34 30.79 -14.21
N PRO C 473 -3.32 31.58 -13.76
CA PRO C 473 -2.97 32.79 -13.00
C PRO C 473 -2.19 32.49 -11.73
N GLN C 474 -2.42 31.34 -11.10
CA GLN C 474 -1.58 30.94 -9.97
C GLN C 474 -0.14 30.72 -10.41
N GLY C 475 0.04 29.96 -11.49
CA GLY C 475 1.36 29.62 -12.00
C GLY C 475 1.28 28.44 -12.94
N TRP C 476 2.29 27.57 -12.89
CA TRP C 476 2.34 26.40 -13.75
C TRP C 476 1.80 25.17 -13.01
N LEU C 477 1.00 24.38 -13.70
CA LEU C 477 0.45 23.13 -13.17
C LEU C 477 0.87 21.99 -14.07
N ALA C 478 1.61 21.03 -13.52
CA ALA C 478 2.09 19.88 -14.27
C ALA C 478 1.13 18.72 -14.09
N VAL C 479 0.54 18.26 -15.20
CA VAL C 479 -0.42 17.17 -15.18
C VAL C 479 0.27 15.93 -15.75
N TRP C 480 0.58 14.98 -14.88
CA TRP C 480 1.19 13.72 -15.27
C TRP C 480 0.10 12.66 -15.41
N THR C 481 0.15 11.90 -16.50
CA THR C 481 -0.76 10.78 -16.72
C THR C 481 0.07 9.55 -17.06
N GLY C 482 0.01 8.54 -16.20
CA GLY C 482 0.76 7.32 -16.41
C GLY C 482 -0.13 6.10 -16.28
N VAL C 483 0.27 5.04 -16.99
CA VAL C 483 -0.37 3.75 -16.83
C VAL C 483 0.04 3.15 -15.49
N SER C 484 -0.95 2.65 -14.74
CA SER C 484 -0.72 2.27 -13.36
C SER C 484 0.27 1.12 -13.22
N ALA C 485 0.29 0.20 -14.19
CA ALA C 485 1.16 -0.97 -14.09
C ALA C 485 2.64 -0.64 -14.25
N ILE C 486 2.98 0.56 -14.74
CA ILE C 486 4.36 0.96 -14.94
C ILE C 486 4.70 2.25 -14.21
N PHE C 487 3.82 3.24 -14.24
CA PHE C 487 4.01 4.50 -13.51
C PHE C 487 2.82 4.68 -12.56
N ASP C 488 2.97 4.17 -11.34
CA ASP C 488 1.94 4.35 -10.33
C ASP C 488 2.00 5.76 -9.76
N LEU C 489 1.12 6.03 -8.78
CA LEU C 489 1.01 7.38 -8.24
C LEU C 489 2.31 7.84 -7.59
N HIS C 490 2.95 6.97 -6.79
CA HIS C 490 4.13 7.38 -6.05
C HIS C 490 5.35 7.51 -6.97
N ARG C 491 5.45 6.68 -8.00
CA ARG C 491 6.51 6.86 -8.98
C ARG C 491 6.36 8.15 -9.76
N ILE C 492 5.11 8.57 -10.02
CA ILE C 492 4.88 9.84 -10.69
C ILE C 492 5.29 11.00 -9.80
N GLU C 493 4.96 10.92 -8.50
CA GLU C 493 5.36 11.96 -7.57
C GLU C 493 6.87 12.08 -7.49
N ARG C 494 7.59 10.94 -7.54
CA ARG C 494 9.04 10.98 -7.51
C ARG C 494 9.61 11.57 -8.79
N LEU C 495 9.03 11.23 -9.94
CA LEU C 495 9.51 11.77 -11.20
C LEU C 495 9.30 13.27 -11.28
N HIS C 496 8.17 13.76 -10.75
CA HIS C 496 7.91 15.20 -10.75
C HIS C 496 8.92 15.94 -9.87
N GLN C 497 9.25 15.37 -8.71
CA GLN C 497 10.28 15.97 -7.87
C GLN C 497 11.63 15.97 -8.58
N ALA C 498 11.94 14.88 -9.29
CA ALA C 498 13.18 14.85 -10.07
C ALA C 498 13.12 15.83 -11.23
N TRP C 499 11.94 15.99 -11.84
CA TRP C 499 11.78 16.95 -12.92
C TRP C 499 12.01 18.38 -12.43
N GLU C 500 11.56 18.69 -11.21
CA GLU C 500 11.78 20.03 -10.67
C GLU C 500 13.24 20.25 -10.30
N ARG C 501 13.88 19.23 -9.72
CA ARG C 501 15.31 19.35 -9.38
C ARG C 501 16.15 19.46 -10.64
N ARG C 502 15.76 18.77 -11.71
CA ARG C 502 16.53 18.84 -12.95
C ARG C 502 16.44 20.22 -13.58
N LEU C 503 15.28 20.86 -13.50
CA LEU C 503 15.14 22.21 -14.03
C LEU C 503 15.96 23.21 -13.24
N LEU C 504 16.00 23.07 -11.91
CA LEU C 504 16.80 23.97 -11.09
C LEU C 504 18.29 23.78 -11.34
N ALA C 505 18.72 22.51 -11.48
CA ALA C 505 20.14 22.25 -11.73
C ALA C 505 20.57 22.73 -13.11
N ASN C 506 19.71 22.57 -14.11
CA ASN C 506 20.05 23.01 -15.46
C ASN C 506 20.20 24.53 -15.51
N ALA C 507 19.43 25.26 -14.71
CA ALA C 507 19.49 26.71 -14.70
C ALA C 507 20.55 27.26 -13.75
N GLY C 508 21.19 26.41 -12.97
CA GLY C 508 22.23 26.84 -12.05
C GLY C 508 21.69 27.50 -10.80
N PRO D 12 -44.18 -3.56 32.56
CA PRO D 12 -43.05 -4.01 31.74
C PRO D 12 -43.33 -3.96 30.25
N LEU D 13 -44.44 -4.59 29.85
CA LEU D 13 -44.74 -4.70 28.43
C LEU D 13 -45.15 -3.36 27.83
N GLU D 14 -46.00 -2.62 28.53
CA GLU D 14 -46.47 -1.33 28.01
C GLU D 14 -45.32 -0.37 27.78
N GLN D 15 -44.42 -0.25 28.76
CA GLN D 15 -43.30 0.66 28.62
C GLN D 15 -42.33 0.19 27.54
N ALA D 16 -42.02 -1.10 27.52
CA ALA D 16 -41.12 -1.62 26.48
C ALA D 16 -41.72 -1.44 25.09
N LEU D 17 -43.04 -1.61 24.96
CA LEU D 17 -43.70 -1.29 23.70
C LEU D 17 -43.60 0.20 23.40
N HIS D 18 -43.77 1.04 24.43
CA HIS D 18 -43.77 2.48 24.22
C HIS D 18 -42.42 2.96 23.69
N GLN D 19 -41.33 2.56 24.36
CA GLN D 19 -40.00 3.01 23.93
C GLN D 19 -39.64 2.47 22.56
N ALA D 20 -40.01 1.22 22.26
CA ALA D 20 -39.75 0.67 20.94
C ALA D 20 -40.56 1.39 19.87
N TRP D 21 -41.85 1.64 20.14
CA TRP D 21 -42.67 2.39 19.21
C TRP D 21 -42.13 3.80 18.99
N GLN D 22 -41.57 4.41 20.04
CA GLN D 22 -41.02 5.75 19.91
C GLN D 22 -39.79 5.77 19.02
N ALA D 23 -38.90 4.78 19.17
CA ALA D 23 -37.63 4.80 18.45
C ALA D 23 -37.82 4.64 16.95
N GLN D 24 -38.77 3.79 16.54
CA GLN D 24 -38.94 3.52 15.13
C GLN D 24 -39.59 4.70 14.40
N LEU D 25 -40.56 5.35 15.03
CA LEU D 25 -41.41 6.33 14.37
C LEU D 25 -41.15 7.76 14.83
N GLY D 26 -40.26 7.97 15.79
CA GLY D 26 -39.98 9.32 16.27
C GLY D 26 -41.18 10.00 16.89
N ALA D 27 -42.11 9.24 17.46
CA ALA D 27 -43.31 9.78 18.06
C ALA D 27 -43.90 8.75 18.99
N PRO D 28 -44.58 9.16 20.06
CA PRO D 28 -45.20 8.19 20.97
C PRO D 28 -46.38 7.51 20.32
N PRO D 29 -46.75 6.32 20.77
CA PRO D 29 -47.94 5.66 20.22
C PRO D 29 -49.22 6.27 20.75
N ARG D 30 -50.25 6.23 19.91
CA ARG D 30 -51.57 6.73 20.26
C ARG D 30 -52.59 5.60 20.13
N ALA D 31 -53.57 5.57 21.03
CA ALA D 31 -54.56 4.51 21.04
C ALA D 31 -55.43 4.58 19.79
N GLY D 32 -55.57 3.44 19.11
CA GLY D 32 -56.36 3.34 17.91
C GLY D 32 -55.61 3.59 16.63
N GLN D 33 -54.42 4.17 16.69
CA GLN D 33 -53.64 4.47 15.49
C GLN D 33 -52.80 3.25 15.10
N GLY D 34 -52.95 2.82 13.85
CA GLY D 34 -52.18 1.70 13.37
C GLY D 34 -50.72 2.06 13.14
N PHE D 35 -49.88 1.03 13.08
CA PHE D 35 -48.45 1.24 12.86
C PHE D 35 -48.19 1.89 11.52
N TYR D 36 -48.96 1.51 10.49
CA TYR D 36 -48.78 2.09 9.17
C TYR D 36 -49.34 3.51 9.09
N ALA D 37 -50.46 3.76 9.75
CA ALA D 37 -51.01 5.12 9.81
C ALA D 37 -50.14 6.04 10.65
N ALA D 38 -49.30 5.49 11.51
CA ALA D 38 -48.42 6.30 12.37
C ALA D 38 -47.08 6.59 11.72
N GLY D 39 -46.86 6.17 10.48
CA GLY D 39 -45.67 6.53 9.73
C GLY D 39 -44.68 5.41 9.48
N GLY D 40 -44.91 4.21 10.01
CA GLY D 40 -43.98 3.12 9.82
C GLY D 40 -44.28 2.27 8.60
N ASP D 41 -43.37 1.33 8.33
CA ASP D 41 -43.56 0.39 7.23
C ASP D 41 -43.32 -1.05 7.68
N SER D 42 -43.17 -1.96 6.73
CA SER D 42 -43.02 -3.36 7.08
C SER D 42 -41.64 -3.68 7.65
N LEU D 43 -40.60 -2.93 7.23
CA LEU D 43 -39.27 -3.20 7.74
C LEU D 43 -39.05 -2.59 9.13
N ARG D 44 -39.63 -1.42 9.39
CA ARG D 44 -39.62 -0.89 10.76
C ARG D 44 -40.44 -1.77 11.69
N ALA D 45 -41.49 -2.41 11.18
CA ALA D 45 -42.24 -3.37 11.98
C ALA D 45 -41.37 -4.57 12.33
N VAL D 46 -40.48 -4.96 11.42
CA VAL D 46 -39.54 -6.04 11.71
C VAL D 46 -38.57 -5.62 12.81
N HIS D 47 -38.06 -4.38 12.74
CA HIS D 47 -37.12 -3.90 13.75
C HIS D 47 -37.80 -3.77 15.11
N LEU D 48 -39.07 -3.34 15.12
CA LEU D 48 -39.80 -3.19 16.38
C LEU D 48 -39.96 -4.53 17.08
N LEU D 49 -40.42 -5.55 16.35
CA LEU D 49 -40.58 -6.87 16.95
C LEU D 49 -39.23 -7.46 17.35
N ALA D 50 -38.17 -7.15 16.62
CA ALA D 50 -36.84 -7.58 17.03
C ALA D 50 -36.39 -6.87 18.30
N THR D 51 -36.71 -5.58 18.42
CA THR D 51 -36.40 -4.85 19.65
C THR D 51 -37.18 -5.45 20.83
N LEU D 52 -38.45 -5.77 20.61
CA LEU D 52 -39.24 -6.41 21.67
C LEU D 52 -38.70 -7.80 21.98
N ARG D 53 -38.21 -8.52 20.96
CA ARG D 53 -37.65 -9.85 21.19
C ARG D 53 -36.41 -9.78 22.06
N GLN D 54 -35.56 -8.76 21.85
CA GLN D 54 -34.32 -8.66 22.60
C GLN D 54 -34.59 -8.34 24.07
N ARG D 55 -35.55 -7.45 24.33
CA ARG D 55 -35.74 -6.95 25.68
C ARG D 55 -36.75 -7.75 26.49
N LEU D 56 -37.75 -8.36 25.85
CA LEU D 56 -38.75 -9.16 26.54
C LEU D 56 -38.54 -10.66 26.38
N SER D 57 -37.75 -11.11 25.39
CA SER D 57 -37.62 -12.52 25.05
C SER D 57 -38.96 -13.13 24.65
N ARG D 58 -39.74 -12.38 23.87
CA ARG D 58 -41.01 -12.83 23.35
C ARG D 58 -41.09 -12.54 21.87
N ARG D 59 -41.42 -13.55 21.07
CA ARG D 59 -41.43 -13.46 19.61
C ARG D 59 -42.86 -13.25 19.14
N VAL D 60 -43.16 -12.04 18.68
CA VAL D 60 -44.42 -11.74 18.02
C VAL D 60 -44.24 -12.02 16.53
N PRO D 61 -45.03 -12.90 15.93
CA PRO D 61 -44.87 -13.17 14.49
C PRO D 61 -45.25 -11.94 13.67
N LEU D 62 -44.46 -11.69 12.62
CA LEU D 62 -44.65 -10.50 11.81
C LEU D 62 -46.04 -10.46 11.17
N GLN D 63 -46.57 -11.64 10.80
CA GLN D 63 -47.85 -11.68 10.12
C GLN D 63 -49.01 -11.29 11.03
N ALA D 64 -48.89 -11.55 12.33
CA ALA D 64 -49.98 -11.23 13.25
C ALA D 64 -50.08 -9.74 13.53
N PHE D 65 -48.94 -9.06 13.64
CA PHE D 65 -48.92 -7.63 13.94
C PHE D 65 -49.03 -6.78 12.67
N ALA D 66 -48.10 -6.96 11.73
CA ALA D 66 -48.10 -6.16 10.50
C ALA D 66 -49.26 -6.53 9.58
N GLY D 67 -49.79 -7.74 9.69
CA GLY D 67 -50.93 -8.15 8.90
C GLY D 67 -52.28 -7.87 9.51
N GLY D 68 -52.31 -7.46 10.79
CA GLY D 68 -53.55 -7.12 11.45
C GLY D 68 -53.73 -5.62 11.56
N PRO D 69 -54.42 -5.19 12.63
CA PRO D 69 -54.63 -3.75 12.81
C PRO D 69 -53.34 -2.98 13.07
N ALA D 70 -52.32 -3.64 13.63
CA ALA D 70 -51.02 -3.02 13.88
C ALA D 70 -51.14 -1.80 14.80
N THR D 71 -52.00 -1.92 15.81
CA THR D 71 -52.22 -0.88 16.81
C THR D 71 -51.50 -1.22 18.09
N PRO D 72 -51.24 -0.22 18.95
CA PRO D 72 -50.63 -0.52 20.26
C PRO D 72 -51.45 -1.51 21.09
N GLU D 73 -52.77 -1.53 20.92
CA GLU D 73 -53.59 -2.47 21.68
C GLU D 73 -53.46 -3.89 21.13
N ALA D 74 -53.36 -4.04 19.81
CA ALA D 74 -53.19 -5.36 19.22
C ALA D 74 -51.80 -5.92 19.53
N LEU D 75 -50.77 -5.08 19.46
CA LEU D 75 -49.42 -5.54 19.76
C LEU D 75 -49.26 -5.88 21.24
N LEU D 76 -49.95 -5.15 22.11
CA LEU D 76 -49.91 -5.48 23.54
C LEU D 76 -50.54 -6.85 23.80
N GLU D 77 -51.65 -7.15 23.12
CA GLU D 77 -52.27 -8.46 23.26
C GLU D 77 -51.40 -9.56 22.68
N LEU D 78 -50.73 -9.27 21.55
CA LEU D 78 -49.84 -10.26 20.95
C LEU D 78 -48.62 -10.50 21.82
N LEU D 79 -48.22 -9.52 22.62
CA LEU D 79 -47.11 -9.70 23.55
C LEU D 79 -47.40 -10.75 24.61
N ARG D 80 -48.68 -11.02 24.88
CA ARG D 80 -49.06 -12.02 25.87
C ARG D 80 -49.07 -13.42 25.27
N GLY D 97 -15.48 -17.64 5.53
CA GLY D 97 -15.97 -17.64 4.16
C GLY D 97 -16.96 -16.53 3.87
N LEU D 98 -17.41 -16.46 2.62
CA LEU D 98 -18.38 -15.45 2.22
C LEU D 98 -19.79 -16.01 2.28
N SER D 99 -20.74 -15.14 2.59
CA SER D 99 -22.14 -15.51 2.51
C SER D 99 -22.57 -15.59 1.06
N LEU D 100 -23.72 -16.23 0.83
CA LEU D 100 -24.24 -16.33 -0.53
C LEU D 100 -24.62 -14.96 -1.08
N ALA D 101 -24.94 -14.01 -0.21
CA ALA D 101 -25.21 -12.64 -0.67
C ALA D 101 -23.94 -11.99 -1.21
N GLU D 102 -22.80 -12.26 -0.59
CA GLU D 102 -21.52 -11.76 -1.11
C GLU D 102 -21.00 -12.64 -2.24
N ARG D 103 -21.25 -13.94 -2.17
CA ARG D 103 -20.66 -14.86 -3.15
C ARG D 103 -21.23 -14.66 -4.55
N ARG D 104 -22.55 -14.48 -4.65
CA ARG D 104 -23.18 -14.36 -5.96
C ARG D 104 -22.69 -13.11 -6.69
N LEU D 105 -22.29 -12.07 -5.97
CA LEU D 105 -21.72 -10.90 -6.63
C LEU D 105 -20.25 -11.10 -6.93
N TRP D 106 -19.51 -11.75 -6.02
CA TRP D 106 -18.12 -12.05 -6.29
C TRP D 106 -17.98 -13.04 -7.45
N VAL D 107 -18.89 -14.01 -7.53
CA VAL D 107 -18.86 -14.96 -8.65
C VAL D 107 -19.20 -14.27 -9.96
N ALA D 108 -20.23 -13.41 -9.93
CA ALA D 108 -20.61 -12.69 -11.15
C ALA D 108 -19.46 -11.82 -11.66
N GLN D 109 -18.60 -11.32 -10.77
CA GLN D 109 -17.47 -10.51 -11.20
C GLN D 109 -16.40 -11.38 -11.87
N GLN D 110 -16.17 -12.58 -11.34
CA GLN D 110 -15.14 -13.45 -11.91
C GLN D 110 -15.50 -13.87 -13.33
N LEU D 111 -16.78 -14.10 -13.60
CA LEU D 111 -17.19 -14.57 -14.92
C LEU D 111 -17.03 -13.50 -15.99
N ALA D 112 -16.91 -12.23 -15.60
CA ALA D 112 -16.66 -11.13 -16.52
C ALA D 112 -15.74 -10.13 -15.84
N PRO D 113 -14.44 -10.41 -15.81
CA PRO D 113 -13.53 -9.59 -14.99
C PRO D 113 -13.41 -8.15 -15.47
N GLU D 114 -13.65 -7.88 -16.75
CA GLU D 114 -13.56 -6.52 -17.28
C GLU D 114 -14.87 -5.75 -17.15
N ASP D 115 -15.91 -6.37 -16.60
CA ASP D 115 -17.19 -5.70 -16.40
C ASP D 115 -17.13 -4.90 -15.11
N THR D 116 -17.35 -3.58 -15.21
CA THR D 116 -17.31 -2.69 -14.06
C THR D 116 -18.69 -2.33 -13.53
N SER D 117 -19.73 -3.05 -13.95
CA SER D 117 -21.09 -2.73 -13.53
C SER D 117 -21.38 -3.09 -12.08
N TYR D 118 -20.44 -3.69 -11.36
CA TYR D 118 -20.59 -3.96 -9.95
C TYR D 118 -19.82 -2.94 -9.09
N ASN D 119 -19.40 -1.83 -9.68
CA ASN D 119 -18.69 -0.79 -8.95
C ASN D 119 -19.70 0.20 -8.39
N LEU D 120 -19.74 0.30 -7.06
CA LEU D 120 -20.64 1.25 -6.40
C LEU D 120 -19.90 2.56 -6.16
N LEU D 121 -20.53 3.67 -6.55
CA LEU D 121 -19.99 5.01 -6.37
C LEU D 121 -20.93 5.80 -5.48
N ALA D 122 -20.45 6.19 -4.30
CA ALA D 122 -21.22 6.96 -3.35
C ALA D 122 -20.56 8.32 -3.13
N HIS D 123 -21.35 9.37 -3.22
CA HIS D 123 -20.89 10.74 -3.02
C HIS D 123 -21.42 11.24 -1.68
N LEU D 124 -20.51 11.54 -0.76
CA LEU D 124 -20.85 12.05 0.56
C LEU D 124 -20.44 13.51 0.65
N ARG D 125 -21.41 14.38 0.95
CA ARG D 125 -21.16 15.81 1.14
C ARG D 125 -21.15 16.11 2.63
N ILE D 126 -20.06 16.68 3.11
CA ILE D 126 -19.85 16.95 4.53
C ILE D 126 -19.65 18.44 4.72
N VAL D 127 -20.40 19.02 5.65
CA VAL D 127 -20.33 20.45 5.97
C VAL D 127 -20.13 20.62 7.46
N GLY D 128 -19.09 21.35 7.84
CA GLY D 128 -18.83 21.68 9.23
C GLY D 128 -17.74 20.88 9.92
N ALA D 129 -16.90 20.17 9.17
CA ALA D 129 -15.82 19.39 9.75
C ALA D 129 -14.52 19.66 9.01
N THR D 130 -13.41 19.57 9.73
CA THR D 130 -12.10 19.81 9.13
C THR D 130 -11.64 18.58 8.36
N ALA D 131 -10.60 18.78 7.54
CA ALA D 131 -10.08 17.69 6.72
C ALA D 131 -9.44 16.60 7.58
N ASP D 132 -8.69 16.99 8.61
CA ASP D 132 -8.03 15.99 9.46
C ASP D 132 -9.06 15.18 10.24
N ALA D 133 -10.12 15.84 10.74
CA ALA D 133 -11.15 15.12 11.47
C ALA D 133 -11.87 14.12 10.58
N ILE D 134 -12.16 14.50 9.33
CA ILE D 134 -12.83 13.60 8.42
C ILE D 134 -11.96 12.39 8.12
N GLU D 135 -10.68 12.63 7.79
CA GLU D 135 -9.77 11.54 7.48
C GLU D 135 -9.58 10.62 8.69
N GLN D 136 -9.45 11.20 9.88
CA GLN D 136 -9.31 10.39 11.09
C GLN D 136 -10.55 9.56 11.33
N ALA D 137 -11.73 10.15 11.14
CA ALA D 137 -12.97 9.39 11.33
C ALA D 137 -13.13 8.31 10.27
N LEU D 138 -12.63 8.54 9.06
CA LEU D 138 -12.72 7.53 8.01
C LEU D 138 -11.82 6.34 8.31
N ARG D 139 -10.65 6.59 8.89
CA ARG D 139 -9.77 5.49 9.28
C ARG D 139 -10.42 4.62 10.35
N GLN D 140 -11.13 5.25 11.30
CA GLN D 140 -11.80 4.50 12.34
C GLN D 140 -12.96 3.69 11.78
N LEU D 141 -13.69 4.25 10.82
CA LEU D 141 -14.78 3.51 10.20
C LEU D 141 -14.26 2.33 9.38
N LEU D 142 -13.12 2.52 8.70
CA LEU D 142 -12.51 1.41 7.98
C LEU D 142 -12.04 0.33 8.95
N GLU D 143 -11.44 0.72 10.07
CA GLU D 143 -11.07 -0.24 11.09
C GLU D 143 -12.30 -0.93 11.67
N ARG D 144 -13.43 -0.23 11.75
CA ARG D 144 -14.63 -0.76 12.35
C ARG D 144 -15.33 -1.78 11.45
N HIS D 145 -15.37 -1.51 10.15
CA HIS D 145 -16.13 -2.33 9.20
C HIS D 145 -15.14 -3.09 8.32
N VAL D 146 -14.86 -4.34 8.70
CA VAL D 146 -13.83 -5.13 8.05
C VAL D 146 -14.15 -5.42 6.59
N ALA D 147 -15.43 -5.37 6.20
CA ALA D 147 -15.81 -5.68 4.83
C ALA D 147 -15.20 -4.71 3.82
N LEU D 148 -14.78 -3.53 4.26
CA LEU D 148 -14.18 -2.55 3.36
C LEU D 148 -12.67 -2.70 3.23
N ARG D 149 -12.07 -3.70 3.89
CA ARG D 149 -10.63 -3.89 3.87
C ARG D 149 -10.27 -5.37 3.88
N ARG D 150 -10.86 -6.13 2.95
CA ARG D 150 -10.59 -7.55 2.84
C ARG D 150 -10.20 -7.90 1.41
N ARG D 151 -9.35 -8.92 1.28
CA ARG D 151 -9.05 -9.54 0.00
C ARG D 151 -9.66 -10.93 -0.03
N VAL D 152 -10.04 -11.37 -1.22
CA VAL D 152 -10.70 -12.66 -1.41
C VAL D 152 -9.74 -13.56 -2.18
N GLU D 153 -9.21 -14.58 -1.50
CA GLU D 153 -8.35 -15.57 -2.13
C GLU D 153 -9.16 -16.78 -2.57
N THR D 154 -8.74 -17.37 -3.68
CA THR D 154 -9.43 -18.53 -4.24
C THR D 154 -8.80 -19.83 -3.77
N PRO D 159 -13.77 -19.41 -2.04
CA PRO D 159 -13.36 -18.02 -1.79
C PRO D 159 -13.23 -17.72 -0.30
N GLN D 160 -12.02 -17.35 0.12
CA GLN D 160 -11.73 -17.11 1.53
C GLN D 160 -11.36 -15.65 1.73
N PRO D 161 -12.08 -14.90 2.57
CA PRO D 161 -11.70 -13.50 2.82
C PRO D 161 -10.63 -13.39 3.89
N HIS D 162 -9.69 -12.48 3.66
CA HIS D 162 -8.63 -12.19 4.61
C HIS D 162 -8.60 -10.69 4.87
N ALA D 163 -8.48 -10.33 6.15
CA ALA D 163 -8.53 -8.93 6.54
C ALA D 163 -7.20 -8.24 6.27
N LEU D 164 -7.27 -6.99 5.79
CA LEU D 164 -6.12 -6.13 5.60
C LEU D 164 -6.16 -5.00 6.60
N ALA D 165 -5.01 -4.35 6.78
CA ALA D 165 -4.94 -3.20 7.68
C ALA D 165 -5.82 -2.07 7.17
N ALA D 166 -6.32 -1.26 8.11
CA ALA D 166 -7.19 -0.15 7.74
C ALA D 166 -6.47 0.87 6.87
N HIS D 167 -5.17 1.09 7.11
CA HIS D 167 -4.41 2.03 6.31
C HIS D 167 -4.15 1.53 4.89
N ALA D 168 -4.44 0.26 4.61
CA ALA D 168 -4.25 -0.27 3.26
C ALA D 168 -5.31 0.19 2.28
N VAL D 169 -6.38 0.83 2.75
CA VAL D 169 -7.42 1.34 1.87
C VAL D 169 -6.95 2.66 1.28
N PRO D 170 -6.90 2.80 -0.05
CA PRO D 170 -6.46 4.07 -0.65
C PRO D 170 -7.35 5.22 -0.23
N LEU D 171 -6.72 6.28 0.29
CA LEU D 171 -7.44 7.48 0.73
C LEU D 171 -6.64 8.68 0.25
N GLN D 172 -7.13 9.33 -0.81
CA GLN D 172 -6.47 10.49 -1.39
C GLN D 172 -7.20 11.76 -0.95
N ARG D 173 -6.51 12.63 -0.24
CA ARG D 173 -7.03 13.93 0.15
C ARG D 173 -6.49 14.98 -0.80
N LEU D 174 -7.40 15.75 -1.41
CA LEU D 174 -7.03 16.78 -2.36
C LEU D 174 -7.64 18.11 -1.95
N LEU D 175 -6.87 19.18 -2.10
CA LEU D 175 -7.32 20.53 -1.78
C LEU D 175 -7.72 21.23 -3.09
N ALA D 176 -8.95 21.71 -3.14
CA ALA D 176 -9.46 22.44 -4.30
C ALA D 176 -9.52 23.93 -3.98
N SER D 177 -9.21 24.75 -4.98
CA SER D 177 -9.16 26.19 -4.75
C SER D 177 -10.55 26.78 -4.52
N ASP D 178 -11.58 26.22 -5.14
CA ASP D 178 -12.94 26.73 -4.98
C ASP D 178 -13.93 25.60 -5.27
N ALA D 179 -15.22 25.94 -5.28
CA ALA D 179 -16.26 24.92 -5.39
C ALA D 179 -16.32 24.33 -6.80
N VAL D 180 -15.99 25.11 -7.83
CA VAL D 180 -16.04 24.58 -9.19
C VAL D 180 -14.91 23.58 -9.40
N HIS D 181 -13.71 23.91 -8.93
CA HIS D 181 -12.60 22.97 -9.01
C HIS D 181 -12.86 21.72 -8.18
N ALA D 182 -13.62 21.86 -7.09
CA ALA D 182 -14.00 20.69 -6.31
C ALA D 182 -14.92 19.77 -7.11
N GLU D 183 -15.88 20.34 -7.85
CA GLU D 183 -16.72 19.53 -8.71
C GLU D 183 -15.91 18.85 -9.80
N ARG D 184 -14.93 19.56 -10.37
CA ARG D 184 -14.13 18.99 -11.45
C ARG D 184 -13.31 17.80 -10.97
N LEU D 185 -12.75 17.89 -9.76
CA LEU D 185 -12.04 16.75 -9.20
C LEU D 185 -12.99 15.60 -8.91
N LEU D 186 -14.23 15.91 -8.48
CA LEU D 186 -15.21 14.86 -8.21
C LEU D 186 -15.63 14.15 -9.49
N GLU D 187 -15.94 14.91 -10.54
CA GLU D 187 -16.33 14.30 -11.81
C GLU D 187 -15.18 13.48 -12.38
N ASP D 188 -13.94 13.96 -12.23
CA ASP D 188 -12.79 13.18 -12.64
C ASP D 188 -12.72 11.87 -11.88
N GLY D 189 -12.99 11.90 -10.58
CA GLY D 189 -12.99 10.67 -9.79
C GLY D 189 -14.13 9.74 -10.16
N VAL D 190 -15.30 10.31 -10.48
CA VAL D 190 -16.45 9.50 -10.88
C VAL D 190 -16.11 8.71 -12.14
N ARG D 191 -15.54 9.38 -13.14
CA ARG D 191 -15.19 8.69 -14.38
C ARG D 191 -14.07 7.68 -14.15
N ARG D 192 -13.10 8.02 -13.29
CA ARG D 192 -11.98 7.11 -13.08
C ARG D 192 -12.41 5.87 -12.30
N GLU D 193 -13.19 6.07 -11.23
CA GLU D 193 -13.63 4.93 -10.42
C GLU D 193 -14.69 4.10 -11.14
N GLY D 194 -15.46 4.72 -12.03
CA GLY D 194 -16.45 3.97 -12.78
C GLY D 194 -15.83 2.99 -13.77
N ALA D 195 -14.61 3.25 -14.21
CA ALA D 195 -13.91 2.41 -15.17
C ALA D 195 -12.90 1.48 -14.52
N ARG D 196 -12.67 1.60 -13.22
CA ARG D 196 -11.62 0.84 -12.55
C ARG D 196 -12.02 -0.62 -12.36
N VAL D 197 -11.08 -1.52 -12.66
CA VAL D 197 -11.25 -2.94 -12.38
C VAL D 197 -10.62 -3.22 -11.02
N PHE D 198 -11.45 -3.58 -10.04
CA PHE D 198 -10.97 -3.86 -8.71
C PHE D 198 -10.20 -5.17 -8.69
N ASP D 199 -9.02 -5.17 -8.07
CA ASP D 199 -8.25 -6.39 -7.84
C ASP D 199 -8.68 -6.96 -6.48
N LEU D 200 -9.78 -7.70 -6.51
CA LEU D 200 -10.39 -8.19 -5.27
C LEU D 200 -9.57 -9.27 -4.58
N ALA D 201 -8.58 -9.85 -5.25
CA ALA D 201 -7.77 -10.91 -4.67
C ALA D 201 -6.54 -10.39 -3.93
N HIS D 202 -6.13 -9.14 -4.18
CA HIS D 202 -4.90 -8.61 -3.60
C HIS D 202 -5.04 -7.27 -2.92
N GLU D 203 -6.11 -6.52 -3.17
CA GLU D 203 -6.28 -5.19 -2.59
C GLU D 203 -7.64 -5.09 -1.92
N ALA D 204 -7.82 -4.01 -1.18
CA ALA D 204 -9.10 -3.75 -0.53
C ALA D 204 -10.18 -3.42 -1.58
N PRO D 205 -11.42 -3.81 -1.33
CA PRO D 205 -12.51 -3.54 -2.28
C PRO D 205 -13.06 -2.13 -2.21
N ALA D 206 -12.40 -1.21 -1.51
CA ALA D 206 -12.89 0.15 -1.34
C ALA D 206 -11.77 1.13 -1.62
N ARG D 207 -12.14 2.28 -2.17
CA ARG D 207 -11.21 3.38 -2.41
C ARG D 207 -11.91 4.69 -2.09
N LEU D 208 -11.19 5.58 -1.43
CA LEU D 208 -11.75 6.81 -0.91
C LEU D 208 -11.05 8.02 -1.53
N LEU D 209 -11.84 9.01 -1.92
CA LEU D 209 -11.35 10.26 -2.47
C LEU D 209 -11.96 11.40 -1.66
N LEU D 210 -11.12 12.10 -0.89
CA LEU D 210 -11.57 13.21 -0.07
C LEU D 210 -11.13 14.51 -0.72
N VAL D 211 -12.10 15.36 -1.04
CA VAL D 211 -11.85 16.65 -1.68
C VAL D 211 -12.30 17.74 -0.74
N VAL D 212 -11.36 18.55 -0.27
CA VAL D 212 -11.62 19.68 0.62
C VAL D 212 -11.62 20.95 -0.21
N THR D 213 -12.56 21.84 0.08
CA THR D 213 -12.67 23.12 -0.60
C THR D 213 -12.01 24.21 0.23
N ARG D 214 -11.07 24.92 -0.37
CA ARG D 214 -10.36 25.99 0.34
C ARG D 214 -11.34 27.10 0.74
N ASP D 215 -11.13 27.62 1.95
CA ASP D 215 -11.93 28.73 2.48
C ASP D 215 -13.42 28.39 2.45
N SER D 216 -13.76 27.21 2.95
CA SER D 216 -15.13 26.75 2.98
C SER D 216 -15.24 25.64 4.02
N ALA D 217 -16.46 25.46 4.52
CA ALA D 217 -16.76 24.40 5.47
C ALA D 217 -17.19 23.10 4.79
N ARG D 218 -17.28 23.08 3.47
CA ARG D 218 -17.75 21.90 2.74
C ARG D 218 -16.57 21.02 2.33
N ALA D 219 -16.75 19.72 2.53
CA ALA D 219 -15.82 18.71 2.04
C ALA D 219 -16.61 17.62 1.34
N ASP D 220 -16.04 17.07 0.27
CA ASP D 220 -16.69 16.04 -0.53
C ASP D 220 -15.92 14.74 -0.41
N LEU D 221 -16.64 13.63 -0.35
CA LEU D 221 -16.04 12.30 -0.22
C LEU D 221 -16.66 11.38 -1.26
N LEU D 222 -15.83 10.82 -2.12
CA LEU D 222 -16.25 9.84 -3.12
C LEU D 222 -15.78 8.47 -2.66
N LEU D 223 -16.74 7.62 -2.29
CA LEU D 223 -16.45 6.26 -1.86
C LEU D 223 -16.78 5.32 -3.02
N SER D 224 -15.75 4.69 -3.57
CA SER D 224 -15.92 3.65 -4.59
C SER D 224 -15.64 2.31 -3.93
N VAL D 225 -16.60 1.39 -4.03
CA VAL D 225 -16.49 0.11 -3.36
C VAL D 225 -17.20 -0.93 -4.22
N HIS D 226 -16.61 -2.12 -4.31
CA HIS D 226 -17.22 -3.21 -5.06
C HIS D 226 -18.52 -3.65 -4.40
N HIS D 227 -19.44 -4.15 -5.23
CA HIS D 227 -20.78 -4.48 -4.75
C HIS D 227 -20.77 -5.64 -3.76
N TYR D 228 -19.81 -6.57 -3.88
CA TYR D 228 -19.76 -7.70 -2.96
C TYR D 228 -19.46 -7.30 -1.53
N ALA D 229 -19.00 -6.06 -1.29
CA ALA D 229 -18.66 -5.59 0.04
C ALA D 229 -19.48 -4.38 0.47
N PHE D 230 -20.64 -4.16 -0.13
CA PHE D 230 -21.41 -2.97 0.15
C PHE D 230 -22.82 -3.13 -0.40
N ASP D 231 -23.76 -2.38 0.17
CA ASP D 231 -25.11 -2.28 -0.36
C ASP D 231 -25.71 -0.96 0.12
N ASP D 232 -27.03 -0.81 -0.05
CA ASP D 232 -27.68 0.47 0.22
C ASP D 232 -27.72 0.77 1.72
N VAL D 233 -28.12 -0.20 2.53
CA VAL D 233 -28.18 0.01 3.98
C VAL D 233 -26.78 0.28 4.53
N SER D 234 -25.74 -0.28 3.90
CA SER D 234 -24.38 -0.04 4.35
C SER D 234 -24.01 1.43 4.21
N LEU D 235 -24.49 2.10 3.16
CA LEU D 235 -24.21 3.53 3.00
C LEU D 235 -24.89 4.34 4.10
N ALA D 236 -26.12 3.97 4.46
CA ALA D 236 -26.80 4.64 5.57
C ALA D 236 -26.06 4.42 6.88
N VAL D 237 -25.59 3.19 7.11
CA VAL D 237 -24.80 2.91 8.31
C VAL D 237 -23.50 3.70 8.29
N PHE D 238 -22.83 3.74 7.13
CA PHE D 238 -21.56 4.44 7.02
C PHE D 238 -21.72 5.94 7.22
N ALA D 239 -22.75 6.54 6.61
CA ALA D 239 -22.91 7.99 6.69
C ALA D 239 -23.37 8.41 8.09
N ALA D 240 -24.22 7.61 8.73
CA ALA D 240 -24.70 7.97 10.06
C ALA D 240 -23.59 7.84 11.10
N GLU D 241 -22.74 6.82 10.98
CA GLU D 241 -21.64 6.66 11.92
C GLU D 241 -20.54 7.68 11.67
N LEU D 242 -20.37 8.12 10.42
CA LEU D 242 -19.44 9.21 10.15
C LEU D 242 -19.90 10.50 10.81
N LYS D 243 -21.21 10.75 10.81
CA LYS D 243 -21.75 11.95 11.44
C LYS D 243 -21.57 11.90 12.96
N THR D 244 -21.74 10.72 13.56
CA THR D 244 -21.54 10.57 15.00
C THR D 244 -20.10 10.89 15.38
N LEU D 245 -19.14 10.41 14.59
CA LEU D 245 -17.73 10.65 14.90
C LEU D 245 -17.36 12.13 14.73
N LEU D 246 -17.88 12.77 13.68
CA LEU D 246 -17.54 14.17 13.45
C LEU D 246 -18.24 15.10 14.41
N ASP D 247 -19.33 14.66 15.03
CA ASP D 247 -20.02 15.46 16.04
C ASP D 247 -19.40 15.31 17.42
N GLY D 248 -18.46 14.39 17.60
CA GLY D 248 -17.85 14.15 18.89
C GLY D 248 -18.39 12.97 19.66
N GLY D 249 -19.24 12.14 19.02
CA GLY D 249 -19.83 11.00 19.70
C GLY D 249 -18.94 9.77 19.61
N ARG D 250 -19.42 8.71 20.26
CA ARG D 250 -18.71 7.43 20.30
C ARG D 250 -19.58 6.35 19.66
N LEU D 251 -18.92 5.30 19.18
CA LEU D 251 -19.57 4.18 18.54
C LEU D 251 -19.45 2.94 19.42
N GLY D 252 -20.59 2.28 19.67
CA GLY D 252 -20.56 1.05 20.43
C GLY D 252 -19.90 -0.08 19.66
N VAL D 253 -19.48 -1.10 20.42
CA VAL D 253 -18.86 -2.26 19.80
C VAL D 253 -19.89 -3.01 18.96
N LEU D 254 -19.48 -3.42 17.76
CA LEU D 254 -20.39 -4.14 16.89
C LEU D 254 -20.66 -5.54 17.45
N ALA D 255 -21.88 -6.02 17.21
CA ALA D 255 -22.31 -7.31 17.73
C ALA D 255 -21.99 -8.47 16.80
N SER D 256 -21.73 -8.19 15.52
CA SER D 256 -21.45 -9.26 14.56
C SER D 256 -20.52 -8.73 13.48
N THR D 257 -20.14 -9.62 12.56
CA THR D 257 -19.25 -9.34 11.45
C THR D 257 -19.78 -10.05 10.22
N PRO D 258 -19.33 -9.65 9.03
CA PRO D 258 -19.71 -10.40 7.82
C PRO D 258 -19.34 -11.88 7.88
N GLU D 259 -18.20 -12.21 8.49
CA GLU D 259 -17.82 -13.62 8.59
C GLU D 259 -18.74 -14.39 9.52
N GLN D 260 -19.23 -13.75 10.58
CA GLN D 260 -20.18 -14.41 11.47
C GLN D 260 -21.51 -14.68 10.77
N VAL D 261 -21.96 -13.74 9.94
CA VAL D 261 -23.19 -13.95 9.18
C VAL D 261 -23.03 -15.14 8.24
N ALA D 262 -21.86 -15.26 7.61
CA ALA D 262 -21.62 -16.39 6.72
C ALA D 262 -21.58 -17.70 7.49
N ALA D 263 -21.04 -17.69 8.70
CA ALA D 263 -21.02 -18.89 9.52
C ALA D 263 -22.42 -19.30 9.93
N ARG D 264 -23.27 -18.34 10.31
CA ARG D 264 -24.63 -18.66 10.68
C ARG D 264 -25.41 -19.20 9.48
N GLU D 265 -25.14 -18.68 8.28
CA GLU D 265 -25.82 -19.15 7.09
C GLU D 265 -25.42 -20.58 6.75
N ARG D 266 -24.14 -20.91 6.91
CA ARG D 266 -23.69 -22.27 6.62
C ARG D 266 -24.32 -23.29 7.56
N ALA D 267 -24.55 -22.90 8.83
CA ALA D 267 -25.22 -23.80 9.75
C ALA D 267 -26.70 -23.94 9.43
N ALA D 268 -27.34 -22.84 9.02
CA ALA D 268 -28.75 -22.89 8.64
C ALA D 268 -28.94 -23.67 7.35
N LEU D 269 -27.96 -23.63 6.44
CA LEU D 269 -28.04 -24.44 5.23
C LEU D 269 -27.82 -25.92 5.55
N ALA D 270 -26.97 -26.23 6.53
CA ALA D 270 -26.71 -27.62 6.88
C ALA D 270 -27.91 -28.26 7.57
N SER D 271 -28.65 -27.49 8.37
CA SER D 271 -29.81 -28.00 9.07
C SER D 271 -31.03 -28.15 8.17
N GLY D 272 -30.92 -27.79 6.89
CA GLY D 272 -32.04 -27.86 5.98
C GLY D 272 -33.16 -26.88 6.23
N ARG D 273 -33.03 -26.02 7.25
CA ARG D 273 -34.13 -25.15 7.65
C ARG D 273 -34.49 -24.15 6.54
N LEU D 274 -33.49 -23.65 5.81
CA LEU D 274 -33.76 -22.70 4.74
C LEU D 274 -34.31 -23.39 3.50
N ASP D 275 -33.87 -24.61 3.21
CA ASP D 275 -34.36 -25.31 2.03
C ASP D 275 -35.81 -25.76 2.19
N ARG D 276 -36.25 -26.03 3.42
CA ARG D 276 -37.65 -26.38 3.64
C ARG D 276 -38.57 -25.22 3.32
N VAL D 277 -38.15 -23.99 3.67
CA VAL D 277 -38.94 -22.82 3.33
C VAL D 277 -38.95 -22.60 1.82
N ALA D 278 -37.82 -22.86 1.15
CA ALA D 278 -37.76 -22.72 -0.29
C ALA D 278 -38.65 -23.75 -0.98
N GLU D 279 -38.67 -24.98 -0.45
CA GLU D 279 -39.54 -26.00 -1.03
C GLU D 279 -41.01 -25.63 -0.86
N ARG D 280 -41.36 -24.93 0.22
CA ARG D 280 -42.73 -24.47 0.40
C ARG D 280 -43.09 -23.37 -0.60
N TRP D 281 -42.12 -22.54 -0.99
CA TRP D 281 -42.38 -21.48 -1.96
C TRP D 281 -42.43 -21.99 -3.39
N ALA D 282 -41.72 -23.08 -3.69
CA ALA D 282 -41.70 -23.60 -5.04
C ALA D 282 -43.06 -24.09 -5.51
N GLU D 283 -43.97 -24.35 -4.58
CA GLU D 283 -45.34 -24.74 -4.94
C GLU D 283 -46.00 -23.65 -5.78
N ARG D 284 -46.11 -22.45 -5.23
CA ARG D 284 -46.76 -21.34 -5.92
C ARG D 284 -45.95 -20.83 -7.12
N LEU D 285 -44.63 -21.06 -7.14
CA LEU D 285 -43.77 -20.50 -8.17
C LEU D 285 -43.55 -21.43 -9.35
N LEU D 286 -43.92 -22.71 -9.24
CA LEU D 286 -43.69 -23.64 -10.33
C LEU D 286 -44.36 -23.25 -11.63
N PRO D 287 -45.63 -22.82 -11.67
CA PRO D 287 -46.23 -22.44 -12.96
C PRO D 287 -45.51 -21.30 -13.67
N LEU D 288 -44.79 -20.46 -12.95
CA LEU D 288 -44.11 -19.32 -13.54
C LEU D 288 -42.66 -19.61 -13.91
N ALA D 289 -42.15 -20.80 -13.60
CA ALA D 289 -40.77 -21.14 -13.90
C ALA D 289 -40.62 -21.54 -15.36
N GLY D 307 -29.69 0.76 -21.00
CA GLY D 307 -30.44 1.16 -19.82
C GLY D 307 -31.08 2.53 -19.94
N GLN D 308 -32.21 2.71 -19.27
CA GLN D 308 -32.95 3.97 -19.30
C GLN D 308 -33.55 4.21 -17.92
N ARG D 309 -33.17 5.30 -17.28
CA ARG D 309 -33.61 5.64 -15.92
C ARG D 309 -34.47 6.89 -15.96
N LEU D 310 -35.53 6.90 -15.15
CA LEU D 310 -36.44 8.03 -15.11
C LEU D 310 -37.12 8.08 -13.75
N ALA D 311 -37.03 9.23 -13.08
CA ALA D 311 -37.56 9.41 -11.73
C ALA D 311 -38.66 10.46 -11.76
N LEU D 312 -39.90 10.03 -11.48
CA LEU D 312 -41.04 10.94 -11.42
C LEU D 312 -41.59 11.02 -10.00
N PRO D 313 -41.99 12.21 -9.55
CA PRO D 313 -42.64 12.30 -8.24
C PRO D 313 -44.01 11.64 -8.29
N VAL D 314 -44.37 10.99 -7.19
CA VAL D 314 -45.70 10.41 -7.04
C VAL D 314 -46.64 11.48 -6.51
N SER D 315 -47.75 11.71 -7.21
CA SER D 315 -48.66 12.80 -6.87
C SER D 315 -49.24 12.58 -5.48
N ALA D 316 -49.72 13.69 -4.89
CA ALA D 316 -50.23 13.64 -3.52
C ALA D 316 -51.47 12.77 -3.41
N ALA D 317 -52.32 12.79 -4.44
CA ALA D 317 -53.54 11.99 -4.40
C ALA D 317 -53.24 10.50 -4.53
N VAL D 318 -52.23 10.14 -5.35
CA VAL D 318 -51.87 8.75 -5.51
C VAL D 318 -51.22 8.22 -4.24
N HIS D 319 -50.43 9.06 -3.57
CA HIS D 319 -49.84 8.65 -2.29
C HIS D 319 -50.90 8.44 -1.22
N ALA D 320 -51.89 9.33 -1.16
CA ALA D 320 -52.95 9.19 -0.15
C ALA D 320 -53.82 7.97 -0.42
N ALA D 321 -54.15 7.73 -1.69
CA ALA D 321 -54.97 6.56 -2.02
C ALA D 321 -54.24 5.27 -1.71
N CYS D 322 -52.93 5.23 -1.97
CA CYS D 322 -52.16 4.03 -1.68
C CYS D 322 -52.14 3.75 -0.18
N ARG D 323 -52.02 4.80 0.63
CA ARG D 323 -52.06 4.61 2.08
C ARG D 323 -53.46 4.23 2.55
N ALA D 324 -54.50 4.84 1.97
CA ALA D 324 -55.86 4.52 2.38
C ALA D 324 -56.25 3.11 1.95
N LEU D 325 -55.88 2.71 0.74
CA LEU D 325 -56.16 1.34 0.29
C LEU D 325 -55.40 0.32 1.11
N ALA D 326 -54.21 0.68 1.61
CA ALA D 326 -53.44 -0.24 2.44
C ALA D 326 -54.04 -0.36 3.83
N GLU D 327 -54.49 0.76 4.41
CA GLU D 327 -55.06 0.73 5.75
C GLU D 327 -56.35 -0.08 5.77
N ARG D 328 -57.21 0.09 4.76
CA ARG D 328 -58.46 -0.66 4.71
C ARG D 328 -58.21 -2.16 4.54
N THR D 329 -57.11 -2.54 3.91
CA THR D 329 -56.80 -3.94 3.64
C THR D 329 -55.79 -4.53 4.62
N SER D 330 -55.30 -3.74 5.57
CA SER D 330 -54.36 -4.21 6.58
C SER D 330 -53.06 -4.74 5.96
N VAL D 331 -52.61 -4.08 4.89
CA VAL D 331 -51.33 -4.40 4.27
C VAL D 331 -50.47 -3.14 4.27
N SER D 332 -49.21 -3.32 3.93
CA SER D 332 -48.30 -2.18 3.87
C SER D 332 -48.58 -1.36 2.61
N PRO D 333 -48.33 -0.05 2.66
CA PRO D 333 -48.47 0.76 1.43
C PRO D 333 -47.63 0.26 0.27
N PHE D 334 -46.46 -0.32 0.54
CA PHE D 334 -45.64 -0.88 -0.53
C PHE D 334 -46.33 -2.06 -1.20
N SER D 335 -47.19 -2.78 -0.47
CA SER D 335 -47.93 -3.88 -1.07
C SER D 335 -48.95 -3.37 -2.09
N ALA D 336 -49.64 -2.27 -1.77
CA ALA D 336 -50.58 -1.69 -2.71
C ALA D 336 -49.86 -1.15 -3.94
N ALA D 337 -48.68 -0.56 -3.75
CA ALA D 337 -47.90 -0.09 -4.90
C ALA D 337 -47.39 -1.25 -5.73
N LEU D 338 -46.96 -2.34 -5.08
CA LEU D 338 -46.50 -3.52 -5.80
C LEU D 338 -47.61 -4.14 -6.62
N GLN D 339 -48.83 -4.16 -6.08
CA GLN D 339 -49.95 -4.77 -6.79
C GLN D 339 -50.27 -4.00 -8.07
N ALA D 340 -50.42 -2.68 -7.97
CA ALA D 340 -50.69 -1.88 -9.16
C ALA D 340 -49.55 -1.96 -10.16
N PHE D 341 -48.32 -2.10 -9.66
CA PHE D 341 -47.18 -2.27 -10.56
C PHE D 341 -47.27 -3.57 -11.34
N ALA D 342 -47.67 -4.66 -10.67
CA ALA D 342 -47.80 -5.93 -11.35
C ALA D 342 -49.04 -5.96 -12.25
N GLU D 343 -50.13 -5.34 -11.80
CA GLU D 343 -51.36 -5.35 -12.59
C GLU D 343 -51.19 -4.57 -13.89
N VAL D 344 -50.53 -3.41 -13.83
CA VAL D 344 -50.36 -2.60 -15.03
C VAL D 344 -49.38 -3.27 -15.98
N LEU D 345 -48.30 -3.84 -15.46
CA LEU D 345 -47.39 -4.61 -16.29
C LEU D 345 -47.96 -5.97 -16.68
N GLY D 346 -49.02 -6.41 -16.00
CA GLY D 346 -49.69 -7.64 -16.36
C GLY D 346 -50.73 -7.41 -17.44
N ALA D 347 -51.36 -6.24 -17.41
CA ALA D 347 -52.24 -5.86 -18.51
C ALA D 347 -51.46 -5.77 -19.82
N GLU D 348 -50.35 -5.03 -19.79
CA GLU D 348 -49.36 -5.15 -20.86
C GLU D 348 -48.84 -6.59 -20.89
N LEU D 349 -48.46 -7.05 -22.09
CA LEU D 349 -48.05 -8.43 -22.33
C LEU D 349 -49.22 -9.39 -22.19
N GLY D 350 -50.23 -9.01 -21.41
CA GLY D 350 -51.47 -9.77 -21.30
C GLY D 350 -51.30 -11.16 -20.71
N VAL D 351 -51.08 -11.24 -19.41
CA VAL D 351 -50.86 -12.50 -18.72
C VAL D 351 -51.70 -12.53 -17.45
N ASP D 352 -51.98 -13.74 -16.97
CA ASP D 352 -52.75 -13.94 -15.76
C ASP D 352 -51.90 -13.97 -14.50
N ASP D 353 -50.61 -14.25 -14.62
CA ASP D 353 -49.72 -14.32 -13.46
C ASP D 353 -48.38 -13.69 -13.82
N LEU D 354 -47.83 -12.92 -12.88
CA LEU D 354 -46.60 -12.16 -13.11
C LEU D 354 -45.60 -12.47 -12.02
N LEU D 355 -44.37 -12.77 -12.42
CA LEU D 355 -43.28 -13.03 -11.47
C LEU D 355 -42.57 -11.71 -11.18
N VAL D 356 -42.69 -11.23 -9.95
CA VAL D 356 -42.15 -9.94 -9.54
C VAL D 356 -41.10 -10.17 -8.47
N GLY D 357 -39.86 -9.75 -8.73
CA GLY D 357 -38.82 -9.84 -7.73
C GLY D 357 -38.96 -8.74 -6.69
N VAL D 358 -38.62 -9.07 -5.45
CA VAL D 358 -38.66 -8.13 -4.34
C VAL D 358 -37.24 -8.03 -3.79
N ALA D 359 -36.66 -6.82 -3.85
CA ALA D 359 -35.33 -6.59 -3.32
C ALA D 359 -35.42 -6.39 -1.81
N LEU D 360 -34.73 -7.23 -1.06
CA LEU D 360 -34.79 -7.23 0.39
C LEU D 360 -33.41 -6.93 0.96
N ALA D 361 -33.39 -6.16 2.06
CA ALA D 361 -32.13 -5.84 2.71
C ALA D 361 -31.41 -7.08 3.24
N GLY D 362 -32.14 -8.16 3.48
CA GLY D 362 -31.53 -9.41 3.89
C GLY D 362 -30.88 -9.39 5.26
N ARG D 363 -31.24 -8.43 6.11
CA ARG D 363 -30.72 -8.36 7.47
C ARG D 363 -31.78 -8.93 8.40
N SER D 364 -31.68 -10.22 8.68
CA SER D 364 -32.71 -10.99 9.36
C SER D 364 -32.59 -10.97 10.87
N ARG D 365 -31.54 -10.37 11.43
CA ARG D 365 -31.38 -10.30 12.87
C ARG D 365 -30.99 -8.89 13.29
N LEU D 366 -31.20 -8.58 14.57
CA LEU D 366 -30.89 -7.25 15.07
C LEU D 366 -29.39 -6.97 15.01
N GLU D 367 -28.56 -8.01 15.13
CA GLU D 367 -27.11 -7.84 15.05
C GLU D 367 -26.64 -7.52 13.63
N MET D 368 -27.50 -7.68 12.63
CA MET D 368 -27.15 -7.38 11.23
C MET D 368 -27.59 -5.99 10.79
N GLN D 369 -28.24 -5.22 11.67
CA GLN D 369 -28.75 -3.92 11.27
C GLN D 369 -27.65 -2.88 11.14
N GLY D 370 -26.56 -3.01 11.89
CA GLY D 370 -25.46 -2.06 11.84
C GLY D 370 -24.22 -2.53 11.12
N LEU D 371 -24.28 -3.64 10.39
CA LEU D 371 -23.12 -4.15 9.68
C LEU D 371 -22.95 -3.46 8.34
N VAL D 372 -21.72 -3.46 7.85
CA VAL D 372 -21.39 -2.97 6.51
C VAL D 372 -21.00 -4.16 5.65
N GLY D 373 -21.58 -4.26 4.47
CA GLY D 373 -21.32 -5.37 3.58
C GLY D 373 -22.49 -5.54 2.62
N CYS D 374 -22.54 -6.72 2.00
CA CYS D 374 -23.59 -7.06 1.06
C CYS D 374 -24.51 -8.09 1.70
N PHE D 375 -25.76 -7.71 1.93
CA PHE D 375 -26.77 -8.62 2.46
C PHE D 375 -28.03 -8.65 1.60
N VAL D 376 -28.04 -7.97 0.46
CA VAL D 376 -29.25 -7.84 -0.33
C VAL D 376 -29.66 -9.20 -0.88
N ASN D 377 -30.97 -9.41 -0.96
CA ASN D 377 -31.54 -10.69 -1.38
C ASN D 377 -32.76 -10.41 -2.24
N LEU D 378 -32.72 -10.85 -3.49
CA LEU D 378 -33.83 -10.69 -4.42
C LEU D 378 -34.65 -11.98 -4.42
N LEU D 379 -35.82 -11.94 -3.79
CA LEU D 379 -36.67 -13.10 -3.70
C LEU D 379 -37.91 -12.95 -4.58
N PRO D 380 -38.39 -14.02 -5.19
CA PRO D 380 -39.52 -13.92 -6.12
C PRO D 380 -40.85 -13.83 -5.41
N LEU D 381 -41.81 -13.23 -6.10
CA LEU D 381 -43.18 -13.09 -5.61
C LEU D 381 -44.13 -13.26 -6.78
N ALA D 382 -45.16 -14.08 -6.58
CA ALA D 382 -46.13 -14.39 -7.63
C ALA D 382 -47.40 -13.58 -7.39
N VAL D 383 -47.68 -12.64 -8.30
CA VAL D 383 -48.89 -11.81 -8.22
C VAL D 383 -49.92 -12.42 -9.16
N GLY D 384 -51.10 -12.75 -8.61
CA GLY D 384 -52.19 -13.25 -9.43
C GLY D 384 -52.98 -12.11 -10.04
N LEU D 385 -53.26 -12.21 -11.34
CA LEU D 385 -54.03 -11.18 -12.02
C LEU D 385 -55.35 -11.75 -12.53
N ARG D 386 -56.17 -12.26 -11.62
CA ARG D 386 -57.47 -12.81 -11.97
C ARG D 386 -58.53 -11.73 -11.84
N PRO D 387 -59.24 -11.37 -12.92
CA PRO D 387 -60.24 -10.29 -12.80
C PRO D 387 -61.46 -10.68 -11.99
N GLU D 388 -61.68 -11.97 -11.72
CA GLU D 388 -62.87 -12.39 -11.00
C GLU D 388 -62.77 -12.08 -9.51
N GLN D 389 -61.56 -12.09 -8.96
CA GLN D 389 -61.35 -11.82 -7.54
C GLN D 389 -61.21 -10.33 -7.31
N SER D 390 -61.66 -9.88 -6.13
CA SER D 390 -61.63 -8.47 -5.79
C SER D 390 -60.20 -7.96 -5.66
N VAL D 391 -60.05 -6.64 -5.83
CA VAL D 391 -58.73 -6.04 -5.65
C VAL D 391 -58.32 -6.08 -4.18
N GLU D 392 -59.29 -6.09 -3.27
CA GLU D 392 -58.97 -6.23 -1.85
C GLU D 392 -58.58 -7.66 -1.51
N TRP D 393 -59.17 -8.65 -2.19
CA TRP D 393 -58.73 -10.04 -2.02
C TRP D 393 -57.32 -10.23 -2.56
N ARG D 394 -57.05 -9.67 -3.75
CA ARG D 394 -55.72 -9.79 -4.33
C ARG D 394 -54.68 -9.02 -3.54
N LEU D 395 -55.08 -7.92 -2.88
CA LEU D 395 -54.13 -7.13 -2.12
C LEU D 395 -53.72 -7.83 -0.83
N ARG D 396 -54.65 -8.51 -0.17
CA ARG D 396 -54.30 -9.25 1.04
C ARG D 396 -53.31 -10.36 0.73
N GLN D 397 -53.42 -10.99 -0.45
CA GLN D 397 -52.49 -12.06 -0.79
C GLN D 397 -51.11 -11.51 -1.11
N VAL D 398 -51.03 -10.35 -1.76
CA VAL D 398 -49.74 -9.73 -2.03
C VAL D 398 -49.09 -9.29 -0.73
N GLY D 399 -49.86 -8.65 0.15
CA GLY D 399 -49.33 -8.23 1.43
C GLY D 399 -48.92 -9.40 2.32
N HIS D 400 -49.63 -10.52 2.21
CA HIS D 400 -49.27 -11.69 2.99
C HIS D 400 -47.99 -12.34 2.47
N ASP D 401 -47.90 -12.49 1.14
CA ASP D 401 -46.69 -13.04 0.54
C ASP D 401 -45.49 -12.12 0.75
N LEU D 402 -45.72 -10.83 0.96
CA LEU D 402 -44.62 -9.90 1.22
C LEU D 402 -44.06 -10.08 2.62
N LEU D 403 -44.94 -10.17 3.61
CA LEU D 403 -44.48 -10.44 4.98
C LEU D 403 -43.86 -11.83 5.09
N GLU D 404 -44.27 -12.76 4.22
CA GLU D 404 -43.64 -14.08 4.21
C GLU D 404 -42.19 -13.98 3.73
N LEU D 405 -41.95 -13.21 2.66
CA LEU D 405 -40.58 -13.01 2.21
C LEU D 405 -39.78 -12.20 3.23
N LEU D 406 -40.42 -11.22 3.87
CA LEU D 406 -39.73 -10.42 4.88
C LEU D 406 -39.33 -11.27 6.08
N GLU D 407 -40.23 -12.13 6.55
CA GLU D 407 -39.93 -12.98 7.69
C GLU D 407 -38.79 -13.95 7.37
N HIS D 408 -38.66 -14.35 6.11
CA HIS D 408 -37.63 -15.31 5.72
C HIS D 408 -36.62 -14.66 4.80
N GLN D 409 -36.11 -13.48 5.20
CA GLN D 409 -35.09 -12.80 4.40
C GLN D 409 -33.82 -13.64 4.27
N ASP D 410 -33.51 -14.45 5.27
CA ASP D 410 -32.29 -15.25 5.28
C ASP D 410 -32.31 -16.40 4.28
N VAL D 411 -33.41 -16.61 3.59
CA VAL D 411 -33.49 -17.67 2.58
C VAL D 411 -32.86 -17.15 1.29
N PRO D 412 -31.71 -17.67 0.90
CA PRO D 412 -31.05 -17.15 -0.31
C PRO D 412 -31.82 -17.54 -1.56
N LEU D 413 -31.65 -16.72 -2.60
CA LEU D 413 -32.30 -17.00 -3.88
C LEU D 413 -31.84 -18.33 -4.47
N GLU D 414 -30.61 -18.73 -4.16
CA GLU D 414 -30.11 -20.01 -4.67
C GLU D 414 -30.86 -21.19 -4.08
N CYS D 415 -31.45 -21.03 -2.90
CA CYS D 415 -32.27 -22.10 -2.32
C CYS D 415 -33.60 -22.23 -3.05
N VAL D 416 -34.21 -21.11 -3.43
CA VAL D 416 -35.44 -21.15 -4.19
C VAL D 416 -35.18 -21.74 -5.58
N THR D 417 -34.04 -21.41 -6.19
CA THR D 417 -33.67 -22.00 -7.47
C THR D 417 -33.45 -23.50 -7.33
N GLN D 418 -32.78 -23.92 -6.26
CA GLN D 418 -32.54 -25.34 -6.04
C GLN D 418 -33.85 -26.09 -5.83
N ALA D 419 -34.80 -25.49 -5.10
CA ALA D 419 -36.08 -26.14 -4.86
C ALA D 419 -36.90 -26.28 -6.15
N LEU D 420 -36.74 -25.34 -7.08
CA LEU D 420 -37.48 -25.43 -8.33
C LEU D 420 -36.85 -26.44 -9.29
N ARG D 421 -35.53 -26.53 -9.31
CA ARG D 421 -34.86 -27.54 -10.13
C ARG D 421 -35.18 -28.95 -9.65
N GLN D 422 -35.38 -29.12 -8.34
CA GLN D 422 -35.79 -30.42 -7.81
C GLN D 422 -37.21 -30.79 -8.19
N ARG D 423 -37.98 -29.86 -8.75
CA ARG D 423 -39.32 -30.13 -9.24
C ARG D 423 -39.40 -30.06 -10.76
N GLY D 424 -38.28 -30.22 -11.45
CA GLY D 424 -38.27 -30.33 -12.90
C GLY D 424 -38.23 -29.02 -13.66
N ALA D 425 -37.89 -27.92 -13.01
CA ALA D 425 -37.81 -26.62 -13.67
C ALA D 425 -36.35 -26.27 -13.95
N SER D 426 -36.14 -25.57 -15.07
CA SER D 426 -34.78 -25.15 -15.43
C SER D 426 -34.27 -24.07 -14.47
N GLY D 427 -35.03 -23.00 -14.32
CA GLY D 427 -34.67 -21.95 -13.40
C GLY D 427 -35.88 -21.11 -13.08
N LEU D 428 -35.65 -19.82 -12.80
CA LEU D 428 -36.73 -18.88 -12.50
C LEU D 428 -36.38 -17.55 -13.15
N PRO D 429 -36.98 -17.24 -14.30
CA PRO D 429 -36.60 -16.02 -15.02
C PRO D 429 -37.22 -14.76 -14.44
N ILE D 430 -36.55 -14.15 -13.47
CA ILE D 430 -36.99 -12.88 -12.90
C ILE D 430 -36.56 -11.77 -13.84
N ARG D 431 -37.52 -11.18 -14.54
CA ARG D 431 -37.25 -10.06 -15.43
C ARG D 431 -37.69 -8.72 -14.85
N ILE D 432 -38.53 -8.73 -13.83
CA ILE D 432 -39.13 -7.52 -13.26
C ILE D 432 -38.96 -7.57 -11.75
N ALA D 433 -38.66 -6.41 -11.14
CA ALA D 433 -38.45 -6.34 -9.71
C ALA D 433 -39.02 -5.02 -9.18
N CYS D 434 -39.12 -4.94 -7.85
CA CYS D 434 -39.62 -3.75 -7.18
C CYS D 434 -38.90 -3.60 -5.85
N GLY D 435 -38.81 -2.35 -5.37
CA GLY D 435 -38.11 -2.09 -4.12
C GLY D 435 -38.45 -0.71 -3.59
N ALA D 436 -37.91 -0.42 -2.42
CA ALA D 436 -38.10 0.87 -1.77
C ALA D 436 -36.91 1.16 -0.87
N HIS D 437 -36.61 2.43 -0.71
CA HIS D 437 -35.48 2.85 0.14
C HIS D 437 -35.97 3.46 1.44
N GLY D 448 -25.76 19.58 14.05
CA GLY D 448 -24.30 19.68 14.02
C GLY D 448 -23.73 19.57 12.62
N VAL D 449 -22.79 18.63 12.45
CA VAL D 449 -22.17 18.43 11.14
C VAL D 449 -23.17 17.79 10.19
N ARG D 450 -23.36 18.40 9.03
CA ARG D 450 -24.27 17.87 8.03
C ARG D 450 -23.54 16.83 7.18
N VAL D 451 -24.17 15.66 7.00
CA VAL D 451 -23.63 14.59 6.19
C VAL D 451 -24.74 14.09 5.27
N GLU D 452 -24.58 14.31 3.96
CA GLU D 452 -25.49 13.78 2.96
C GLU D 452 -24.77 12.70 2.15
N ALA D 453 -25.47 11.60 1.89
CA ALA D 453 -24.91 10.48 1.15
C ALA D 453 -25.86 10.05 0.05
N ASP D 454 -25.30 9.73 -1.12
CA ASP D 454 -26.09 9.34 -2.27
C ASP D 454 -25.27 8.45 -3.17
N PHE D 455 -25.92 7.44 -3.75
CA PHE D 455 -25.28 6.60 -4.76
C PHE D 455 -25.40 7.26 -6.12
N ILE D 456 -24.36 7.10 -6.94
CA ILE D 456 -24.40 7.46 -8.34
C ILE D 456 -24.81 6.22 -9.13
N PRO D 457 -25.98 6.22 -9.77
CA PRO D 457 -26.54 4.96 -10.30
C PRO D 457 -25.63 4.32 -11.35
N VAL D 458 -25.60 3.01 -11.34
CA VAL D 458 -24.83 2.26 -12.34
C VAL D 458 -25.56 2.30 -13.67
N PRO D 459 -24.90 2.62 -14.78
CA PRO D 459 -25.57 2.57 -16.07
C PRO D 459 -25.85 1.14 -16.50
N GLY D 460 -26.80 1.00 -17.41
CA GLY D 460 -27.24 -0.30 -17.87
C GLY D 460 -28.16 -0.98 -16.88
N ALA D 461 -28.98 -1.90 -17.40
CA ALA D 461 -29.98 -2.59 -16.61
C ALA D 461 -29.84 -4.09 -16.81
N ARG D 462 -29.79 -4.83 -15.69
CA ARG D 462 -29.80 -6.29 -15.76
C ARG D 462 -31.21 -6.82 -16.00
N LEU D 463 -32.17 -6.35 -15.21
CA LEU D 463 -33.57 -6.74 -15.35
C LEU D 463 -34.25 -5.87 -16.40
N ASP D 464 -35.37 -6.39 -16.93
CA ASP D 464 -36.09 -5.67 -17.97
C ASP D 464 -36.67 -4.35 -17.46
N LEU D 465 -37.19 -4.35 -16.24
CA LEU D 465 -37.78 -3.15 -15.66
C LEU D 465 -37.88 -3.31 -14.15
N THR D 466 -37.49 -2.26 -13.42
CA THR D 466 -37.62 -2.22 -11.97
C THR D 466 -38.29 -0.91 -11.56
N LEU D 467 -38.96 -0.94 -10.42
CA LEU D 467 -39.61 0.23 -9.85
C LEU D 467 -39.14 0.38 -8.42
N TRP D 468 -38.59 1.54 -8.08
CA TRP D 468 -38.07 1.81 -6.74
C TRP D 468 -38.71 3.08 -6.20
N LEU D 469 -39.30 2.98 -5.01
CA LEU D 469 -39.95 4.11 -4.35
C LEU D 469 -39.01 4.72 -3.33
N GLU D 470 -38.92 6.04 -3.31
CA GLU D 470 -38.08 6.74 -2.36
C GLU D 470 -38.91 7.72 -1.53
N LEU D 477 -41.47 9.54 -4.65
CA LEU D 477 -40.67 9.54 -5.87
C LEU D 477 -40.54 8.14 -6.44
N ALA D 478 -40.92 7.97 -7.70
CA ALA D 478 -40.89 6.69 -8.37
C ALA D 478 -39.71 6.66 -9.33
N VAL D 479 -38.79 5.73 -9.12
CA VAL D 479 -37.57 5.61 -9.91
C VAL D 479 -37.72 4.37 -10.79
N TRP D 480 -38.05 4.58 -12.07
CA TRP D 480 -38.16 3.50 -13.03
C TRP D 480 -36.85 3.34 -13.78
N THR D 481 -36.44 2.09 -13.99
CA THR D 481 -35.24 1.78 -14.77
C THR D 481 -35.57 0.59 -15.66
N GLY D 482 -35.44 0.78 -16.96
CA GLY D 482 -35.76 -0.29 -17.90
C GLY D 482 -34.74 -0.34 -19.03
N VAL D 483 -34.69 -1.51 -19.67
CA VAL D 483 -33.84 -1.69 -20.85
C VAL D 483 -34.39 -0.83 -21.97
N SER D 484 -33.50 -0.08 -22.63
CA SER D 484 -33.95 0.87 -23.65
C SER D 484 -34.60 0.18 -24.84
N ALA D 485 -34.09 -0.99 -25.22
CA ALA D 485 -34.65 -1.72 -26.35
C ALA D 485 -36.06 -2.24 -26.07
N ILE D 486 -36.47 -2.30 -24.81
CA ILE D 486 -37.81 -2.75 -24.43
C ILE D 486 -38.64 -1.60 -23.86
N PHE D 487 -38.21 -1.02 -22.75
CA PHE D 487 -38.90 0.08 -22.09
C PHE D 487 -38.07 1.35 -22.29
N ASP D 488 -38.39 2.09 -23.35
CA ASP D 488 -37.72 3.36 -23.60
C ASP D 488 -38.33 4.44 -22.70
N LEU D 489 -37.86 5.68 -22.89
CA LEU D 489 -38.28 6.78 -22.03
C LEU D 489 -39.79 7.01 -22.11
N HIS D 490 -40.34 7.07 -23.33
CA HIS D 490 -41.75 7.38 -23.48
C HIS D 490 -42.63 6.25 -22.98
N ARG D 491 -42.20 4.99 -23.15
CA ARG D 491 -42.99 3.87 -22.65
C ARG D 491 -43.06 3.88 -21.13
N ILE D 492 -41.96 4.23 -20.46
CA ILE D 492 -41.95 4.31 -19.01
C ILE D 492 -42.88 5.42 -18.53
N GLU D 493 -42.88 6.55 -19.22
CA GLU D 493 -43.81 7.63 -18.87
C GLU D 493 -45.25 7.18 -18.95
N ARG D 494 -45.59 6.41 -19.98
CA ARG D 494 -46.93 5.81 -20.05
C ARG D 494 -47.14 4.81 -18.92
N LEU D 495 -46.11 4.01 -18.63
CA LEU D 495 -46.20 3.01 -17.57
C LEU D 495 -46.44 3.67 -16.21
N HIS D 496 -45.71 4.75 -15.92
CA HIS D 496 -45.90 5.45 -14.65
C HIS D 496 -47.27 6.09 -14.57
N GLN D 497 -47.78 6.60 -15.70
CA GLN D 497 -49.13 7.18 -15.70
C GLN D 497 -50.19 6.11 -15.48
N ALA D 498 -50.03 4.95 -16.12
CA ALA D 498 -50.95 3.85 -15.87
C ALA D 498 -50.83 3.32 -14.45
N TRP D 499 -49.63 3.38 -13.87
CA TRP D 499 -49.46 2.95 -12.48
C TRP D 499 -50.16 3.89 -11.52
N GLU D 500 -50.04 5.21 -11.76
CA GLU D 500 -50.74 6.18 -10.93
C GLU D 500 -52.26 6.05 -11.08
N ARG D 501 -52.72 5.63 -12.25
CA ARG D 501 -54.15 5.48 -12.50
C ARG D 501 -54.72 4.16 -12.02
N ARG D 502 -53.88 3.13 -11.88
CA ARG D 502 -54.35 1.86 -11.35
C ARG D 502 -54.52 1.90 -9.84
N LEU D 503 -53.77 2.76 -9.15
CA LEU D 503 -53.88 2.87 -7.71
C LEU D 503 -55.15 3.62 -7.30
N LEU D 504 -55.46 4.72 -7.98
CA LEU D 504 -56.69 5.47 -7.69
C LEU D 504 -57.92 4.61 -7.94
N ALA D 505 -57.90 3.83 -9.03
CA ALA D 505 -59.04 2.96 -9.34
C ALA D 505 -59.17 1.85 -8.30
N ASN D 506 -58.05 1.26 -7.88
CA ASN D 506 -58.09 0.23 -6.85
C ASN D 506 -58.62 0.77 -5.53
N ALA D 507 -58.32 2.03 -5.22
CA ALA D 507 -58.78 2.65 -3.98
C ALA D 507 -60.25 3.04 -4.07
#